data_8E01
# 
_entry.id   8E01 
# 
_audit_conform.dict_name       mmcif_pdbx.dic 
_audit_conform.dict_version    5.399 
_audit_conform.dict_location   http://mmcif.pdb.org/dictionaries/ascii/mmcif_pdbx.dic 
# 
loop_
_database_2.database_id 
_database_2.database_code 
_database_2.pdbx_database_accession 
_database_2.pdbx_DOI 
PDB   8E01         pdb_00008e01 10.2210/pdb8e01/pdb 
WWPDB D_1000267547 ?            ?                   
EMDB  EMD-27812    ?            ?                   
# 
loop_
_pdbx_audit_revision_history.ordinal 
_pdbx_audit_revision_history.data_content_type 
_pdbx_audit_revision_history.major_revision 
_pdbx_audit_revision_history.minor_revision 
_pdbx_audit_revision_history.revision_date 
1 'Structure model' 1 0 2022-11-16 
2 'Structure model' 1 1 2022-12-28 
3 'Structure model' 1 2 2024-11-20 
# 
_pdbx_audit_revision_details.ordinal             1 
_pdbx_audit_revision_details.revision_ordinal    1 
_pdbx_audit_revision_details.data_content_type   'Structure model' 
_pdbx_audit_revision_details.provider            repository 
_pdbx_audit_revision_details.type                'Initial release' 
_pdbx_audit_revision_details.description         ? 
_pdbx_audit_revision_details.details             ? 
# 
loop_
_pdbx_audit_revision_group.ordinal 
_pdbx_audit_revision_group.revision_ordinal 
_pdbx_audit_revision_group.data_content_type 
_pdbx_audit_revision_group.group 
1 2 'Structure model' 'Database references' 
2 3 'Structure model' 'Data collection'     
3 3 'Structure model' 'Structure summary'   
# 
loop_
_pdbx_audit_revision_category.ordinal 
_pdbx_audit_revision_category.revision_ordinal 
_pdbx_audit_revision_category.data_content_type 
_pdbx_audit_revision_category.category 
1 2 'Structure model' citation                  
2 2 'Structure model' citation_author           
3 3 'Structure model' chem_comp_atom            
4 3 'Structure model' chem_comp_bond            
5 3 'Structure model' em_admin                  
6 3 'Structure model' pdbx_entry_details        
7 3 'Structure model' pdbx_modification_feature 
# 
loop_
_pdbx_audit_revision_item.ordinal 
_pdbx_audit_revision_item.revision_ordinal 
_pdbx_audit_revision_item.data_content_type 
_pdbx_audit_revision_item.item 
1 2 'Structure model' '_citation.title'       
2 2 'Structure model' '_citation_author.name' 
3 3 'Structure model' '_em_admin.last_update' 
# 
_pdbx_database_status.status_code                     REL 
_pdbx_database_status.status_code_sf                  ? 
_pdbx_database_status.status_code_mr                  ? 
_pdbx_database_status.entry_id                        8E01 
_pdbx_database_status.recvd_initial_deposition_date   2022-08-08 
_pdbx_database_status.SG_entry                        N 
_pdbx_database_status.deposit_site                    RCSB 
_pdbx_database_status.process_site                    RCSB 
_pdbx_database_status.status_code_cs                  ? 
_pdbx_database_status.status_code_nmr_data            ? 
_pdbx_database_status.methods_development_category    ? 
_pdbx_database_status.pdb_format_compatible           Y 
# 
_pdbx_database_related.db_name        EMDB 
_pdbx_database_related.details        'Structure of engineered nano-cage fusion protein' 
_pdbx_database_related.db_id          EMD-27812 
_pdbx_database_related.content_type   'associated EM volume' 
# 
_pdbx_contact_author.id                 2 
_pdbx_contact_author.email              suh12@psu.edu 
_pdbx_contact_author.name_first         Susan 
_pdbx_contact_author.name_last          Hafenstein 
_pdbx_contact_author.name_mi            L 
_pdbx_contact_author.role               'principal investigator/group leader' 
_pdbx_contact_author.identifier_ORCID   0000-0003-2609-4036 
# 
loop_
_audit_author.name 
_audit_author.pdbx_ordinal 
_audit_author.identifier_ORCID 
'Moustafa, I.M.'   1 ? 
'Hafenstein, S.L.' 2 ? 
# 
_citation.abstract                  ? 
_citation.abstract_id_CAS           ? 
_citation.book_id_ISBN              ? 
_citation.book_publisher            ? 
_citation.book_publisher_city       ? 
_citation.book_title                ? 
_citation.coordinate_linkage        ? 
_citation.country                   US 
_citation.database_id_Medline       ? 
_citation.details                   ? 
_citation.id                        primary 
_citation.journal_abbrev            Biorxiv 
_citation.journal_id_ASTM           ? 
_citation.journal_id_CSD            ? 
_citation.journal_id_ISSN           2692-8205 
_citation.journal_full              ? 
_citation.journal_issue             ? 
_citation.journal_volume            ? 
_citation.language                  ? 
_citation.page_first                ? 
_citation.page_last                 ? 
_citation.title                     
'Intranasal SARS-CoV-2 RBD decorated nanoparticle vaccine enhances viral clearance in the Syrian hamster model.' 
_citation.year                      2022 
_citation.database_id_CSD           ? 
_citation.pdbx_database_id_DOI      10.1101/2022.10.27.514054 
_citation.pdbx_database_id_PubMed   36324809 
_citation.pdbx_database_id_patent   ? 
_citation.unpublished_flag          ? 
# 
loop_
_citation_author.citation_id 
_citation_author.name 
_citation_author.ordinal 
_citation_author.identifier_ORCID 
primary 'Patel, D.R.'      1  ?                   
primary 'Minns, A.M.'      2  ?                   
primary 'Sims, D.G.'       3  ?                   
primary 'Field, C.J.'      4  ?                   
primary 'Kerr, A.E.'       5  ?                   
primary 'Heinly, T.'       6  ?                   
primary 'Luley, E.H.'      7  ?                   
primary 'Rossi, R.M.'      8  ?                   
primary 'Bator, C.'        9  ?                   
primary 'Mostafa, I.M.'    10 ?                   
primary 'Hafenstein, S.L.' 11 ?                   
primary 'Lindner, S.E.'    12 0000-0003-1799-3726 
primary 'Sutton, T.C.'     13 0000-0002-7880-4784 
# 
_entity.id                         1 
_entity.type                       polymer 
_entity.src_method                 man 
_entity.pdbx_description           '2-dehydro-3-deoxyphosphogluconate aldolase/4-hydroxy-2-oxoglutarate aldolase' 
_entity.formula_weight             23915.986 
_entity.pdbx_number_of_molecules   1 
_entity.pdbx_ec                    ? 
_entity.pdbx_mutation              ? 
_entity.pdbx_fragment              ? 
_entity.details                    ? 
# 
_entity_name_com.entity_id   1 
_entity_name_com.name        'Engineered nano-cage fusion protein' 
# 
_entity_poly.entity_id                      1 
_entity_poly.type                           'polypeptide(L)' 
_entity_poly.nstd_linkage                   no 
_entity_poly.nstd_monomer                   no 
_entity_poly.pdbx_seq_one_letter_code       
;MHHHHHHGGSGGSGGSGGSMKMEELFKKHKIVAVLRANSVEEAKKKALAVFLGGVHLIEITFTVPDADTVIKELSFLKEM
GAIIGAGTVTSVEQCRKAVESGAEFIVSPHLDEEISQFCKEKGVFYMPGVMTPTELVKAMKLGHTILKLFPGEVVGPQFV
KAMKGPFPNVKFVPTGGVNLDNVCEWFKAGVLAVGVGSALVKGTPVEVAEKAKAFVEKIRGCTE
;
_entity_poly.pdbx_seq_one_letter_code_can   
;MHHHHHHGGSGGSGGSGGSMKMEELFKKHKIVAVLRANSVEEAKKKALAVFLGGVHLIEITFTVPDADTVIKELSFLKEM
GAIIGAGTVTSVEQCRKAVESGAEFIVSPHLDEEISQFCKEKGVFYMPGVMTPTELVKAMKLGHTILKLFPGEVVGPQFV
KAMKGPFPNVKFVPTGGVNLDNVCEWFKAGVLAVGVGSALVKGTPVEVAEKAKAFVEKIRGCTE
;
_entity_poly.pdbx_strand_id                 A 
_entity_poly.pdbx_target_identifier         ? 
# 
loop_
_entity_poly_seq.entity_id 
_entity_poly_seq.num 
_entity_poly_seq.mon_id 
_entity_poly_seq.hetero 
1 1   MET n 
1 2   HIS n 
1 3   HIS n 
1 4   HIS n 
1 5   HIS n 
1 6   HIS n 
1 7   HIS n 
1 8   GLY n 
1 9   GLY n 
1 10  SER n 
1 11  GLY n 
1 12  GLY n 
1 13  SER n 
1 14  GLY n 
1 15  GLY n 
1 16  SER n 
1 17  GLY n 
1 18  GLY n 
1 19  SER n 
1 20  MET n 
1 21  LYS n 
1 22  MET n 
1 23  GLU n 
1 24  GLU n 
1 25  LEU n 
1 26  PHE n 
1 27  LYS n 
1 28  LYS n 
1 29  HIS n 
1 30  LYS n 
1 31  ILE n 
1 32  VAL n 
1 33  ALA n 
1 34  VAL n 
1 35  LEU n 
1 36  ARG n 
1 37  ALA n 
1 38  ASN n 
1 39  SER n 
1 40  VAL n 
1 41  GLU n 
1 42  GLU n 
1 43  ALA n 
1 44  LYS n 
1 45  LYS n 
1 46  LYS n 
1 47  ALA n 
1 48  LEU n 
1 49  ALA n 
1 50  VAL n 
1 51  PHE n 
1 52  LEU n 
1 53  GLY n 
1 54  GLY n 
1 55  VAL n 
1 56  HIS n 
1 57  LEU n 
1 58  ILE n 
1 59  GLU n 
1 60  ILE n 
1 61  THR n 
1 62  PHE n 
1 63  THR n 
1 64  VAL n 
1 65  PRO n 
1 66  ASP n 
1 67  ALA n 
1 68  ASP n 
1 69  THR n 
1 70  VAL n 
1 71  ILE n 
1 72  LYS n 
1 73  GLU n 
1 74  LEU n 
1 75  SER n 
1 76  PHE n 
1 77  LEU n 
1 78  LYS n 
1 79  GLU n 
1 80  MET n 
1 81  GLY n 
1 82  ALA n 
1 83  ILE n 
1 84  ILE n 
1 85  GLY n 
1 86  ALA n 
1 87  GLY n 
1 88  THR n 
1 89  VAL n 
1 90  THR n 
1 91  SER n 
1 92  VAL n 
1 93  GLU n 
1 94  GLN n 
1 95  CYS n 
1 96  ARG n 
1 97  LYS n 
1 98  ALA n 
1 99  VAL n 
1 100 GLU n 
1 101 SER n 
1 102 GLY n 
1 103 ALA n 
1 104 GLU n 
1 105 PHE n 
1 106 ILE n 
1 107 VAL n 
1 108 SER n 
1 109 PRO n 
1 110 HIS n 
1 111 LEU n 
1 112 ASP n 
1 113 GLU n 
1 114 GLU n 
1 115 ILE n 
1 116 SER n 
1 117 GLN n 
1 118 PHE n 
1 119 CYS n 
1 120 LYS n 
1 121 GLU n 
1 122 LYS n 
1 123 GLY n 
1 124 VAL n 
1 125 PHE n 
1 126 TYR n 
1 127 MET n 
1 128 PRO n 
1 129 GLY n 
1 130 VAL n 
1 131 MET n 
1 132 THR n 
1 133 PRO n 
1 134 THR n 
1 135 GLU n 
1 136 LEU n 
1 137 VAL n 
1 138 LYS n 
1 139 ALA n 
1 140 MET n 
1 141 LYS n 
1 142 LEU n 
1 143 GLY n 
1 144 HIS n 
1 145 THR n 
1 146 ILE n 
1 147 LEU n 
1 148 LYS n 
1 149 LEU n 
1 150 PHE n 
1 151 PRO n 
1 152 GLY n 
1 153 GLU n 
1 154 VAL n 
1 155 VAL n 
1 156 GLY n 
1 157 PRO n 
1 158 GLN n 
1 159 PHE n 
1 160 VAL n 
1 161 LYS n 
1 162 ALA n 
1 163 MET n 
1 164 LYS n 
1 165 GLY n 
1 166 PRO n 
1 167 PHE n 
1 168 PRO n 
1 169 ASN n 
1 170 VAL n 
1 171 LYS n 
1 172 PHE n 
1 173 VAL n 
1 174 PRO n 
1 175 THR n 
1 176 GLY n 
1 177 GLY n 
1 178 VAL n 
1 179 ASN n 
1 180 LEU n 
1 181 ASP n 
1 182 ASN n 
1 183 VAL n 
1 184 CYS n 
1 185 GLU n 
1 186 TRP n 
1 187 PHE n 
1 188 LYS n 
1 189 ALA n 
1 190 GLY n 
1 191 VAL n 
1 192 LEU n 
1 193 ALA n 
1 194 VAL n 
1 195 GLY n 
1 196 VAL n 
1 197 GLY n 
1 198 SER n 
1 199 ALA n 
1 200 LEU n 
1 201 VAL n 
1 202 LYS n 
1 203 GLY n 
1 204 THR n 
1 205 PRO n 
1 206 VAL n 
1 207 GLU n 
1 208 VAL n 
1 209 ALA n 
1 210 GLU n 
1 211 LYS n 
1 212 ALA n 
1 213 LYS n 
1 214 ALA n 
1 215 PHE n 
1 216 VAL n 
1 217 GLU n 
1 218 LYS n 
1 219 ILE n 
1 220 ARG n 
1 221 GLY n 
1 222 CYS n 
1 223 THR n 
1 224 GLU n 
# 
_entity_src_gen.entity_id                          1 
_entity_src_gen.pdbx_src_id                        1 
_entity_src_gen.pdbx_alt_source_flag               sample 
_entity_src_gen.pdbx_seq_type                      'Biological sequence' 
_entity_src_gen.pdbx_beg_seq_num                   1 
_entity_src_gen.pdbx_end_seq_num                   224 
_entity_src_gen.gene_src_common_name               ? 
_entity_src_gen.gene_src_genus                     ? 
_entity_src_gen.pdbx_gene_src_gene                 TM_0066 
_entity_src_gen.gene_src_species                   ? 
_entity_src_gen.gene_src_strain                    ? 
_entity_src_gen.gene_src_tissue                    ? 
_entity_src_gen.gene_src_tissue_fraction           ? 
_entity_src_gen.gene_src_details                   ? 
_entity_src_gen.pdbx_gene_src_fragment             ? 
_entity_src_gen.pdbx_gene_src_scientific_name      'Thermotoga maritima' 
_entity_src_gen.pdbx_gene_src_ncbi_taxonomy_id     2336 
_entity_src_gen.pdbx_gene_src_variant              ? 
_entity_src_gen.pdbx_gene_src_cell_line            ? 
_entity_src_gen.pdbx_gene_src_atcc                 ? 
_entity_src_gen.pdbx_gene_src_organ                ? 
_entity_src_gen.pdbx_gene_src_organelle            ? 
_entity_src_gen.pdbx_gene_src_cell                 ? 
_entity_src_gen.pdbx_gene_src_cellular_location    ? 
_entity_src_gen.host_org_common_name               ? 
_entity_src_gen.pdbx_host_org_scientific_name      'Escherichia coli BL21(DE3)' 
_entity_src_gen.pdbx_host_org_ncbi_taxonomy_id     469008 
_entity_src_gen.host_org_genus                     ? 
_entity_src_gen.pdbx_host_org_gene                 ? 
_entity_src_gen.pdbx_host_org_organ                ? 
_entity_src_gen.host_org_species                   ? 
_entity_src_gen.pdbx_host_org_tissue               ? 
_entity_src_gen.pdbx_host_org_tissue_fraction      ? 
_entity_src_gen.pdbx_host_org_strain               'BL21(DE3)' 
_entity_src_gen.pdbx_host_org_variant              ? 
_entity_src_gen.pdbx_host_org_cell_line            ? 
_entity_src_gen.pdbx_host_org_atcc                 ? 
_entity_src_gen.pdbx_host_org_culture_collection   ? 
_entity_src_gen.pdbx_host_org_cell                 ? 
_entity_src_gen.pdbx_host_org_organelle            ? 
_entity_src_gen.pdbx_host_org_cellular_location    ? 
_entity_src_gen.pdbx_host_org_vector_type          'pET29-based plasmid' 
_entity_src_gen.pdbx_host_org_vector               ? 
_entity_src_gen.host_org_details                   ? 
_entity_src_gen.expression_system_id               ? 
_entity_src_gen.plasmid_name                       pSL1013 
_entity_src_gen.plasmid_details                    ? 
_entity_src_gen.pdbx_description                   ? 
# 
loop_
_chem_comp.id 
_chem_comp.type 
_chem_comp.mon_nstd_flag 
_chem_comp.name 
_chem_comp.pdbx_synonyms 
_chem_comp.formula 
_chem_comp.formula_weight 
ALA 'L-peptide linking' y ALANINE         ? 'C3 H7 N O2'     89.093  
ARG 'L-peptide linking' y ARGININE        ? 'C6 H15 N4 O2 1' 175.209 
ASN 'L-peptide linking' y ASPARAGINE      ? 'C4 H8 N2 O3'    132.118 
ASP 'L-peptide linking' y 'ASPARTIC ACID' ? 'C4 H7 N O4'     133.103 
CYS 'L-peptide linking' y CYSTEINE        ? 'C3 H7 N O2 S'   121.158 
GLN 'L-peptide linking' y GLUTAMINE       ? 'C5 H10 N2 O3'   146.144 
GLU 'L-peptide linking' y 'GLUTAMIC ACID' ? 'C5 H9 N O4'     147.129 
GLY 'peptide linking'   y GLYCINE         ? 'C2 H5 N O2'     75.067  
HIS 'L-peptide linking' y HISTIDINE       ? 'C6 H10 N3 O2 1' 156.162 
ILE 'L-peptide linking' y ISOLEUCINE      ? 'C6 H13 N O2'    131.173 
LEU 'L-peptide linking' y LEUCINE         ? 'C6 H13 N O2'    131.173 
LYS 'L-peptide linking' y LYSINE          ? 'C6 H15 N2 O2 1' 147.195 
MET 'L-peptide linking' y METHIONINE      ? 'C5 H11 N O2 S'  149.211 
PHE 'L-peptide linking' y PHENYLALANINE   ? 'C9 H11 N O2'    165.189 
PRO 'L-peptide linking' y PROLINE         ? 'C5 H9 N O2'     115.130 
SER 'L-peptide linking' y SERINE          ? 'C3 H7 N O3'     105.093 
THR 'L-peptide linking' y THREONINE       ? 'C4 H9 N O3'     119.119 
TRP 'L-peptide linking' y TRYPTOPHAN      ? 'C11 H12 N2 O2'  204.225 
TYR 'L-peptide linking' y TYROSINE        ? 'C9 H11 N O3'    181.189 
VAL 'L-peptide linking' y VALINE          ? 'C5 H11 N O2'    117.146 
# 
loop_
_pdbx_poly_seq_scheme.asym_id 
_pdbx_poly_seq_scheme.entity_id 
_pdbx_poly_seq_scheme.seq_id 
_pdbx_poly_seq_scheme.mon_id 
_pdbx_poly_seq_scheme.ndb_seq_num 
_pdbx_poly_seq_scheme.pdb_seq_num 
_pdbx_poly_seq_scheme.auth_seq_num 
_pdbx_poly_seq_scheme.pdb_mon_id 
_pdbx_poly_seq_scheme.auth_mon_id 
_pdbx_poly_seq_scheme.pdb_strand_id 
_pdbx_poly_seq_scheme.pdb_ins_code 
_pdbx_poly_seq_scheme.hetero 
A 1 1   MET 1   1   ?   ?   ?   A . n 
A 1 2   HIS 2   2   ?   ?   ?   A . n 
A 1 3   HIS 3   3   ?   ?   ?   A . n 
A 1 4   HIS 4   4   ?   ?   ?   A . n 
A 1 5   HIS 5   5   ?   ?   ?   A . n 
A 1 6   HIS 6   6   ?   ?   ?   A . n 
A 1 7   HIS 7   7   ?   ?   ?   A . n 
A 1 8   GLY 8   8   ?   ?   ?   A . n 
A 1 9   GLY 9   9   ?   ?   ?   A . n 
A 1 10  SER 10  10  ?   ?   ?   A . n 
A 1 11  GLY 11  11  ?   ?   ?   A . n 
A 1 12  GLY 12  12  ?   ?   ?   A . n 
A 1 13  SER 13  13  ?   ?   ?   A . n 
A 1 14  GLY 14  14  ?   ?   ?   A . n 
A 1 15  GLY 15  15  ?   ?   ?   A . n 
A 1 16  SER 16  16  ?   ?   ?   A . n 
A 1 17  GLY 17  17  ?   ?   ?   A . n 
A 1 18  GLY 18  18  ?   ?   ?   A . n 
A 1 19  SER 19  19  ?   ?   ?   A . n 
A 1 20  MET 20  20  ?   ?   ?   A . n 
A 1 21  LYS 21  21  ?   ?   ?   A . n 
A 1 22  MET 22  22  22  MET MET A . n 
A 1 23  GLU 23  23  23  GLU GLU A . n 
A 1 24  GLU 24  24  24  GLU GLU A . n 
A 1 25  LEU 25  25  25  LEU LEU A . n 
A 1 26  PHE 26  26  26  PHE PHE A . n 
A 1 27  LYS 27  27  27  LYS LYS A . n 
A 1 28  LYS 28  28  28  LYS LYS A . n 
A 1 29  HIS 29  29  29  HIS HIS A . n 
A 1 30  LYS 30  30  30  LYS LYS A . n 
A 1 31  ILE 31  31  31  ILE ILE A . n 
A 1 32  VAL 32  32  32  VAL VAL A . n 
A 1 33  ALA 33  33  33  ALA ALA A . n 
A 1 34  VAL 34  34  34  VAL VAL A . n 
A 1 35  LEU 35  35  35  LEU LEU A . n 
A 1 36  ARG 36  36  36  ARG ARG A . n 
A 1 37  ALA 37  37  37  ALA ALA A . n 
A 1 38  ASN 38  38  38  ASN ASN A . n 
A 1 39  SER 39  39  39  SER SER A . n 
A 1 40  VAL 40  40  40  VAL VAL A . n 
A 1 41  GLU 41  41  41  GLU GLU A . n 
A 1 42  GLU 42  42  42  GLU GLU A . n 
A 1 43  ALA 43  43  43  ALA ALA A . n 
A 1 44  LYS 44  44  44  LYS LYS A . n 
A 1 45  LYS 45  45  45  LYS LYS A . n 
A 1 46  LYS 46  46  46  LYS LYS A . n 
A 1 47  ALA 47  47  47  ALA ALA A . n 
A 1 48  LEU 48  48  48  LEU LEU A . n 
A 1 49  ALA 49  49  49  ALA ALA A . n 
A 1 50  VAL 50  50  50  VAL VAL A . n 
A 1 51  PHE 51  51  51  PHE PHE A . n 
A 1 52  LEU 52  52  52  LEU LEU A . n 
A 1 53  GLY 53  53  53  GLY GLY A . n 
A 1 54  GLY 54  54  54  GLY GLY A . n 
A 1 55  VAL 55  55  55  VAL VAL A . n 
A 1 56  HIS 56  56  56  HIS HIS A . n 
A 1 57  LEU 57  57  57  LEU LEU A . n 
A 1 58  ILE 58  58  58  ILE ILE A . n 
A 1 59  GLU 59  59  59  GLU GLU A . n 
A 1 60  ILE 60  60  60  ILE ILE A . n 
A 1 61  THR 61  61  61  THR THR A . n 
A 1 62  PHE 62  62  62  PHE PHE A . n 
A 1 63  THR 63  63  63  THR THR A . n 
A 1 64  VAL 64  64  64  VAL VAL A . n 
A 1 65  PRO 65  65  65  PRO PRO A . n 
A 1 66  ASP 66  66  66  ASP ASP A . n 
A 1 67  ALA 67  67  67  ALA ALA A . n 
A 1 68  ASP 68  68  68  ASP ASP A . n 
A 1 69  THR 69  69  69  THR THR A . n 
A 1 70  VAL 70  70  70  VAL VAL A . n 
A 1 71  ILE 71  71  71  ILE ILE A . n 
A 1 72  LYS 72  72  72  LYS LYS A . n 
A 1 73  GLU 73  73  73  GLU GLU A . n 
A 1 74  LEU 74  74  74  LEU LEU A . n 
A 1 75  SER 75  75  75  SER SER A . n 
A 1 76  PHE 76  76  76  PHE PHE A . n 
A 1 77  LEU 77  77  77  LEU LEU A . n 
A 1 78  LYS 78  78  78  LYS LYS A . n 
A 1 79  GLU 79  79  79  GLU GLU A . n 
A 1 80  MET 80  80  80  MET MET A . n 
A 1 81  GLY 81  81  81  GLY GLY A . n 
A 1 82  ALA 82  82  82  ALA ALA A . n 
A 1 83  ILE 83  83  83  ILE ILE A . n 
A 1 84  ILE 84  84  84  ILE ILE A . n 
A 1 85  GLY 85  85  85  GLY GLY A . n 
A 1 86  ALA 86  86  86  ALA ALA A . n 
A 1 87  GLY 87  87  87  GLY GLY A . n 
A 1 88  THR 88  88  88  THR THR A . n 
A 1 89  VAL 89  89  89  VAL VAL A . n 
A 1 90  THR 90  90  90  THR THR A . n 
A 1 91  SER 91  91  91  SER SER A . n 
A 1 92  VAL 92  92  92  VAL VAL A . n 
A 1 93  GLU 93  93  93  GLU GLU A . n 
A 1 94  GLN 94  94  94  GLN GLN A . n 
A 1 95  CYS 95  95  95  CYS CYS A . n 
A 1 96  ARG 96  96  96  ARG ARG A . n 
A 1 97  LYS 97  97  97  LYS LYS A . n 
A 1 98  ALA 98  98  98  ALA ALA A . n 
A 1 99  VAL 99  99  99  VAL VAL A . n 
A 1 100 GLU 100 100 100 GLU GLU A . n 
A 1 101 SER 101 101 101 SER SER A . n 
A 1 102 GLY 102 102 102 GLY GLY A . n 
A 1 103 ALA 103 103 103 ALA ALA A . n 
A 1 104 GLU 104 104 104 GLU GLU A . n 
A 1 105 PHE 105 105 105 PHE PHE A . n 
A 1 106 ILE 106 106 106 ILE ILE A . n 
A 1 107 VAL 107 107 107 VAL VAL A . n 
A 1 108 SER 108 108 108 SER SER A . n 
A 1 109 PRO 109 109 109 PRO PRO A . n 
A 1 110 HIS 110 110 110 HIS HIS A . n 
A 1 111 LEU 111 111 111 LEU LEU A . n 
A 1 112 ASP 112 112 112 ASP ASP A . n 
A 1 113 GLU 113 113 113 GLU GLU A . n 
A 1 114 GLU 114 114 114 GLU GLU A . n 
A 1 115 ILE 115 115 115 ILE ILE A . n 
A 1 116 SER 116 116 116 SER SER A . n 
A 1 117 GLN 117 117 117 GLN GLN A . n 
A 1 118 PHE 118 118 118 PHE PHE A . n 
A 1 119 CYS 119 119 119 CYS CYS A . n 
A 1 120 LYS 120 120 120 LYS LYS A . n 
A 1 121 GLU 121 121 121 GLU GLU A . n 
A 1 122 LYS 122 122 122 LYS LYS A . n 
A 1 123 GLY 123 123 123 GLY GLY A . n 
A 1 124 VAL 124 124 124 VAL VAL A . n 
A 1 125 PHE 125 125 125 PHE PHE A . n 
A 1 126 TYR 126 126 126 TYR TYR A . n 
A 1 127 MET 127 127 127 MET MET A . n 
A 1 128 PRO 128 128 128 PRO PRO A . n 
A 1 129 GLY 129 129 129 GLY GLY A . n 
A 1 130 VAL 130 130 130 VAL VAL A . n 
A 1 131 MET 131 131 131 MET MET A . n 
A 1 132 THR 132 132 132 THR THR A . n 
A 1 133 PRO 133 133 133 PRO PRO A . n 
A 1 134 THR 134 134 134 THR THR A . n 
A 1 135 GLU 135 135 135 GLU GLU A . n 
A 1 136 LEU 136 136 136 LEU LEU A . n 
A 1 137 VAL 137 137 137 VAL VAL A . n 
A 1 138 LYS 138 138 138 LYS LYS A . n 
A 1 139 ALA 139 139 139 ALA ALA A . n 
A 1 140 MET 140 140 140 MET MET A . n 
A 1 141 LYS 141 141 141 LYS LYS A . n 
A 1 142 LEU 142 142 142 LEU LEU A . n 
A 1 143 GLY 143 143 143 GLY GLY A . n 
A 1 144 HIS 144 144 144 HIS HIS A . n 
A 1 145 THR 145 145 145 THR THR A . n 
A 1 146 ILE 146 146 146 ILE ILE A . n 
A 1 147 LEU 147 147 147 LEU LEU A . n 
A 1 148 LYS 148 148 148 LYS LYS A . n 
A 1 149 LEU 149 149 149 LEU LEU A . n 
A 1 150 PHE 150 150 150 PHE PHE A . n 
A 1 151 PRO 151 151 151 PRO PRO A . n 
A 1 152 GLY 152 152 152 GLY GLY A . n 
A 1 153 GLU 153 153 153 GLU GLU A . n 
A 1 154 VAL 154 154 154 VAL VAL A . n 
A 1 155 VAL 155 155 155 VAL VAL A . n 
A 1 156 GLY 156 156 156 GLY GLY A . n 
A 1 157 PRO 157 157 157 PRO PRO A . n 
A 1 158 GLN 158 158 158 GLN GLN A . n 
A 1 159 PHE 159 159 159 PHE PHE A . n 
A 1 160 VAL 160 160 160 VAL VAL A . n 
A 1 161 LYS 161 161 161 LYS LYS A . n 
A 1 162 ALA 162 162 162 ALA ALA A . n 
A 1 163 MET 163 163 163 MET MET A . n 
A 1 164 LYS 164 164 164 LYS LYS A . n 
A 1 165 GLY 165 165 165 GLY GLY A . n 
A 1 166 PRO 166 166 166 PRO PRO A . n 
A 1 167 PHE 167 167 167 PHE PHE A . n 
A 1 168 PRO 168 168 168 PRO PRO A . n 
A 1 169 ASN 169 169 169 ASN ASN A . n 
A 1 170 VAL 170 170 170 VAL VAL A . n 
A 1 171 LYS 171 171 171 LYS LYS A . n 
A 1 172 PHE 172 172 172 PHE PHE A . n 
A 1 173 VAL 173 173 173 VAL VAL A . n 
A 1 174 PRO 174 174 174 PRO PRO A . n 
A 1 175 THR 175 175 175 THR THR A . n 
A 1 176 GLY 176 176 176 GLY GLY A . n 
A 1 177 GLY 177 177 177 GLY GLY A . n 
A 1 178 VAL 178 178 178 VAL VAL A . n 
A 1 179 ASN 179 179 179 ASN ASN A . n 
A 1 180 LEU 180 180 180 LEU LEU A . n 
A 1 181 ASP 181 181 181 ASP ASP A . n 
A 1 182 ASN 182 182 182 ASN ASN A . n 
A 1 183 VAL 183 183 183 VAL VAL A . n 
A 1 184 CYS 184 184 184 CYS CYS A . n 
A 1 185 GLU 185 185 185 GLU GLU A . n 
A 1 186 TRP 186 186 186 TRP TRP A . n 
A 1 187 PHE 187 187 187 PHE PHE A . n 
A 1 188 LYS 188 188 188 LYS LYS A . n 
A 1 189 ALA 189 189 189 ALA ALA A . n 
A 1 190 GLY 190 190 190 GLY GLY A . n 
A 1 191 VAL 191 191 191 VAL VAL A . n 
A 1 192 LEU 192 192 192 LEU LEU A . n 
A 1 193 ALA 193 193 193 ALA ALA A . n 
A 1 194 VAL 194 194 194 VAL VAL A . n 
A 1 195 GLY 195 195 195 GLY GLY A . n 
A 1 196 VAL 196 196 196 VAL VAL A . n 
A 1 197 GLY 197 197 197 GLY GLY A . n 
A 1 198 SER 198 198 198 SER SER A . n 
A 1 199 ALA 199 199 199 ALA ALA A . n 
A 1 200 LEU 200 200 200 LEU LEU A . n 
A 1 201 VAL 201 201 201 VAL VAL A . n 
A 1 202 LYS 202 202 202 LYS LYS A . n 
A 1 203 GLY 203 203 203 GLY GLY A . n 
A 1 204 THR 204 204 204 THR THR A . n 
A 1 205 PRO 205 205 205 PRO PRO A . n 
A 1 206 VAL 206 206 206 VAL VAL A . n 
A 1 207 GLU 207 207 207 GLU GLU A . n 
A 1 208 VAL 208 208 208 VAL VAL A . n 
A 1 209 ALA 209 209 209 ALA ALA A . n 
A 1 210 GLU 210 210 210 GLU GLU A . n 
A 1 211 LYS 211 211 211 LYS LYS A . n 
A 1 212 ALA 212 212 212 ALA ALA A . n 
A 1 213 LYS 213 213 213 LYS LYS A . n 
A 1 214 ALA 214 214 214 ALA ALA A . n 
A 1 215 PHE 215 215 215 PHE PHE A . n 
A 1 216 VAL 216 216 216 VAL VAL A . n 
A 1 217 GLU 217 217 217 GLU GLU A . n 
A 1 218 LYS 218 218 218 LYS LYS A . n 
A 1 219 ILE 219 219 219 ILE ILE A . n 
A 1 220 ARG 220 220 220 ARG ARG A . n 
A 1 221 GLY 221 221 221 GLY GLY A . n 
A 1 222 CYS 222 222 222 CYS CYS A . n 
A 1 223 THR 223 223 ?   ?   ?   A . n 
A 1 224 GLU 224 224 ?   ?   ?   A . n 
# 
_software.citation_id            ? 
_software.classification         refinement 
_software.compiler_name          ? 
_software.compiler_version       ? 
_software.contact_author         ? 
_software.contact_author_email   ? 
_software.date                   ? 
_software.description            ? 
_software.dependencies           ? 
_software.hardware               ? 
_software.language               ? 
_software.location               ? 
_software.mods                   ? 
_software.name                   PHENIX 
_software.os                     ? 
_software.os_version             ? 
_software.type                   ? 
_software.version                1.20.1-4487_4487: 
_software.pdbx_ordinal           1 
# 
_cell.angle_alpha                  90.00 
_cell.angle_alpha_esd              ? 
_cell.angle_beta                   90.00 
_cell.angle_beta_esd               ? 
_cell.angle_gamma                  90.00 
_cell.angle_gamma_esd              ? 
_cell.entry_id                     8E01 
_cell.details                      ? 
_cell.formula_units_Z              ? 
_cell.length_a                     1.00 
_cell.length_a_esd                 ? 
_cell.length_b                     1.00 
_cell.length_b_esd                 ? 
_cell.length_c                     1.00 
_cell.length_c_esd                 ? 
_cell.volume                       ? 
_cell.volume_esd                   ? 
_cell.Z_PDB                        ? 
_cell.reciprocal_angle_alpha       ? 
_cell.reciprocal_angle_beta        ? 
_cell.reciprocal_angle_gamma       ? 
_cell.reciprocal_angle_alpha_esd   ? 
_cell.reciprocal_angle_beta_esd    ? 
_cell.reciprocal_angle_gamma_esd   ? 
_cell.reciprocal_length_a          ? 
_cell.reciprocal_length_b          ? 
_cell.reciprocal_length_c          ? 
_cell.reciprocal_length_a_esd      ? 
_cell.reciprocal_length_b_esd      ? 
_cell.reciprocal_length_c_esd      ? 
_cell.pdbx_unique_axis             ? 
_cell.pdbx_esd_method              ? 
# 
_symmetry.entry_id                         8E01 
_symmetry.cell_setting                     ? 
_symmetry.Int_Tables_number                1 
_symmetry.space_group_name_Hall            ? 
_symmetry.space_group_name_H-M             'P 1' 
_symmetry.pdbx_full_space_group_name_H-M   ? 
# 
_exptl.absorpt_coefficient_mu     ? 
_exptl.absorpt_correction_T_max   ? 
_exptl.absorpt_correction_T_min   ? 
_exptl.absorpt_correction_type    ? 
_exptl.absorpt_process_details    ? 
_exptl.entry_id                   8E01 
_exptl.crystals_number            ? 
_exptl.details                    ? 
_exptl.method                     'ELECTRON MICROSCOPY' 
_exptl.method_details             ? 
# 
_refine.pdbx_refine_id                           'ELECTRON MICROSCOPY' 
_refine.entry_id                                 8E01 
_refine.pdbx_diffrn_id                           ? 
_refine.pdbx_TLS_residual_ADP_flag               ? 
_refine.ls_number_reflns_obs                     ? 
_refine.ls_number_reflns_all                     ? 
_refine.pdbx_ls_sigma_I                          ? 
_refine.pdbx_ls_sigma_F                          ? 
_refine.pdbx_data_cutoff_high_absF               ? 
_refine.pdbx_data_cutoff_low_absF                ? 
_refine.pdbx_data_cutoff_high_rms_absF           ? 
_refine.ls_d_res_low                             ? 
_refine.ls_d_res_high                            . 
_refine.ls_percent_reflns_obs                    ? 
_refine.ls_R_factor_obs                          ? 
_refine.ls_R_factor_all                          ? 
_refine.ls_R_factor_R_work                       ? 
_refine.ls_R_factor_R_free                       ? 
_refine.ls_R_factor_R_free_error                 ? 
_refine.ls_R_factor_R_free_error_details         ? 
_refine.ls_percent_reflns_R_free                 ? 
_refine.ls_number_reflns_R_free                  ? 
_refine.ls_number_parameters                     ? 
_refine.ls_number_restraints                     ? 
_refine.occupancy_min                            ? 
_refine.occupancy_max                            ? 
_refine.correlation_coeff_Fo_to_Fc               ? 
_refine.correlation_coeff_Fo_to_Fc_free          ? 
_refine.B_iso_mean                               ? 
_refine.aniso_B[1][1]                            ? 
_refine.aniso_B[2][2]                            ? 
_refine.aniso_B[3][3]                            ? 
_refine.aniso_B[1][2]                            ? 
_refine.aniso_B[1][3]                            ? 
_refine.aniso_B[2][3]                            ? 
_refine.solvent_model_details                    ? 
_refine.solvent_model_param_ksol                 ? 
_refine.solvent_model_param_bsol                 ? 
_refine.pdbx_solvent_vdw_probe_radii             ? 
_refine.pdbx_solvent_ion_probe_radii             ? 
_refine.pdbx_solvent_shrinkage_radii             ? 
_refine.pdbx_ls_cross_valid_method               ? 
_refine.details                                  ? 
_refine.pdbx_starting_model                      ? 
_refine.pdbx_method_to_determine_struct          ? 
_refine.pdbx_isotropic_thermal_model             ? 
_refine.pdbx_stereochemistry_target_values       ? 
_refine.pdbx_stereochem_target_val_spec_case     ? 
_refine.pdbx_R_Free_selection_details            ? 
_refine.pdbx_overall_ESU_R                       ? 
_refine.pdbx_overall_ESU_R_Free                  ? 
_refine.overall_SU_ML                            ? 
_refine.pdbx_overall_phase_error                 ? 
_refine.overall_SU_B                             ? 
_refine.overall_SU_R_Cruickshank_DPI             ? 
_refine.pdbx_overall_SU_R_free_Cruickshank_DPI   ? 
_refine.pdbx_overall_SU_R_Blow_DPI               ? 
_refine.pdbx_overall_SU_R_free_Blow_DPI          ? 
# 
loop_
_refine_ls_restr.pdbx_refine_id 
_refine_ls_restr.criterion 
_refine_ls_restr.dev_ideal 
_refine_ls_restr.dev_ideal_target 
_refine_ls_restr.number 
_refine_ls_restr.rejects 
_refine_ls_restr.type 
_refine_ls_restr.weight 
_refine_ls_restr.pdbx_restraint_function 
'ELECTRON MICROSCOPY' ? 0.002 ? 92880  ? f_bond_d           ? ? 
'ELECTRON MICROSCOPY' ? 0.514 ? 125280 ? f_angle_d          ? ? 
'ELECTRON MICROSCOPY' ? 5.150 ? 12300  ? f_dihedral_angle_d ? ? 
'ELECTRON MICROSCOPY' ? 0.043 ? 14700  ? f_chiral_restr     ? ? 
'ELECTRON MICROSCOPY' ? 0.004 ? 15780  ? f_plane_restr      ? ? 
# 
_struct.entry_id                     8E01 
_struct.title                        'Structure of engineered nano-cage fusion protein' 
_struct.pdbx_model_details           ? 
_struct.pdbx_formula_weight          ? 
_struct.pdbx_formula_weight_method   ? 
_struct.pdbx_model_type_details      ? 
_struct.pdbx_CASP_flag               N 
# 
_struct_keywords.entry_id        8E01 
_struct_keywords.text            'nano-cage, self-assembly, fusion protein, PROTEIN BINDING' 
_struct_keywords.pdbx_keywords   'PROTEIN BINDING' 
# 
_struct_asym.id                            A 
_struct_asym.pdbx_blank_PDB_chainid_flag   N 
_struct_asym.pdbx_modified                 N 
_struct_asym.entity_id                     1 
_struct_asym.details                       ? 
# 
_struct_ref.id                         1 
_struct_ref.db_name                    UNP 
_struct_ref.db_code                    Q9WXS1_THEMA 
_struct_ref.pdbx_db_accession          Q9WXS1 
_struct_ref.pdbx_db_isoform            ? 
_struct_ref.entity_id                  1 
_struct_ref.pdbx_seq_one_letter_code   
;MKMEELFKKHKIVAVLRANSVEEAKEKALAVFEGGVHLIEITFTVPDADTVIKELSFLKEKGAIIGAGTVTSVEQCRKAV
ESGAEFIVSPHLDEEISQFCKEKGVFYMPGVMTPTELVKAMKLGHTILKLFPGEVVGPQFVKAMKGPFPNVKFVPTGGVN
LDNVCEWFKAGVLAVGVGSALVKGTPDEVREKAKAFVEKIRGCTE
;
_struct_ref.pdbx_align_begin           1 
# 
_struct_ref_seq.align_id                      1 
_struct_ref_seq.ref_id                        1 
_struct_ref_seq.pdbx_PDB_id_code              8E01 
_struct_ref_seq.pdbx_strand_id                A 
_struct_ref_seq.seq_align_beg                 20 
_struct_ref_seq.pdbx_seq_align_beg_ins_code   ? 
_struct_ref_seq.seq_align_end                 224 
_struct_ref_seq.pdbx_seq_align_end_ins_code   ? 
_struct_ref_seq.pdbx_db_accession             Q9WXS1 
_struct_ref_seq.db_align_beg                  1 
_struct_ref_seq.pdbx_db_align_beg_ins_code    ? 
_struct_ref_seq.db_align_end                  205 
_struct_ref_seq.pdbx_db_align_end_ins_code    ? 
_struct_ref_seq.pdbx_auth_seq_align_beg       20 
_struct_ref_seq.pdbx_auth_seq_align_end       224 
# 
loop_
_struct_ref_seq_dif.align_id 
_struct_ref_seq_dif.pdbx_pdb_id_code 
_struct_ref_seq_dif.mon_id 
_struct_ref_seq_dif.pdbx_pdb_strand_id 
_struct_ref_seq_dif.seq_num 
_struct_ref_seq_dif.pdbx_pdb_ins_code 
_struct_ref_seq_dif.pdbx_seq_db_name 
_struct_ref_seq_dif.pdbx_seq_db_accession_code 
_struct_ref_seq_dif.db_mon_id 
_struct_ref_seq_dif.pdbx_seq_db_seq_num 
_struct_ref_seq_dif.details 
_struct_ref_seq_dif.pdbx_auth_seq_num 
_struct_ref_seq_dif.pdbx_ordinal 
1 8E01 MET A 1   ? UNP Q9WXS1 ?   ?   'initiating methionine' 1   1  
1 8E01 HIS A 2   ? UNP Q9WXS1 ?   ?   'expression tag'        2   2  
1 8E01 HIS A 3   ? UNP Q9WXS1 ?   ?   'expression tag'        3   3  
1 8E01 HIS A 4   ? UNP Q9WXS1 ?   ?   'expression tag'        4   4  
1 8E01 HIS A 5   ? UNP Q9WXS1 ?   ?   'expression tag'        5   5  
1 8E01 HIS A 6   ? UNP Q9WXS1 ?   ?   'expression tag'        6   6  
1 8E01 HIS A 7   ? UNP Q9WXS1 ?   ?   'expression tag'        7   7  
1 8E01 GLY A 8   ? UNP Q9WXS1 ?   ?   'expression tag'        8   8  
1 8E01 GLY A 9   ? UNP Q9WXS1 ?   ?   'expression tag'        9   9  
1 8E01 SER A 10  ? UNP Q9WXS1 ?   ?   'expression tag'        10  10 
1 8E01 GLY A 11  ? UNP Q9WXS1 ?   ?   'expression tag'        11  11 
1 8E01 GLY A 12  ? UNP Q9WXS1 ?   ?   'expression tag'        12  12 
1 8E01 SER A 13  ? UNP Q9WXS1 ?   ?   'expression tag'        13  13 
1 8E01 GLY A 14  ? UNP Q9WXS1 ?   ?   'expression tag'        14  14 
1 8E01 GLY A 15  ? UNP Q9WXS1 ?   ?   'expression tag'        15  15 
1 8E01 SER A 16  ? UNP Q9WXS1 ?   ?   'expression tag'        16  16 
1 8E01 GLY A 17  ? UNP Q9WXS1 ?   ?   'expression tag'        17  17 
1 8E01 GLY A 18  ? UNP Q9WXS1 ?   ?   'expression tag'        18  18 
1 8E01 SER A 19  ? UNP Q9WXS1 ?   ?   'expression tag'        19  19 
1 8E01 LYS A 45  ? UNP Q9WXS1 GLU 26  conflict                45  20 
1 8E01 LEU A 52  ? UNP Q9WXS1 GLU 33  conflict                52  21 
1 8E01 MET A 80  ? UNP Q9WXS1 LYS 61  conflict                80  22 
1 8E01 VAL A 206 ? UNP Q9WXS1 ASP 187 conflict                206 23 
1 8E01 ALA A 209 ? UNP Q9WXS1 ARG 190 conflict                209 24 
# 
loop_
_pdbx_struct_assembly.id 
_pdbx_struct_assembly.details 
_pdbx_struct_assembly.method_details 
_pdbx_struct_assembly.oligomeric_details 
_pdbx_struct_assembly.oligomeric_count 
1 'complete icosahedral assembly'                ? 60-meric   60 
2 'icosahedral asymmetric unit'                  ? monomeric  1  
3 'icosahedral pentamer'                         ? pentameric 5  
4 'icosahedral 23 hexamer'                       ? hexameric  6  
5 'icosahedral asymmetric unit, std point frame' ? monomeric  1  
# 
loop_
_pdbx_struct_assembly_gen.assembly_id 
_pdbx_struct_assembly_gen.oper_expression 
_pdbx_struct_assembly_gen.asym_id_list 
1 '(1-60)'           A 
2 1                  A 
3 '(1-5)'            A 
4 '(1,2,6,10,23,24)' A 
5 P                  A 
# 
_pdbx_struct_assembly_auth_evidence.id                     1 
_pdbx_struct_assembly_auth_evidence.assembly_id            1 
_pdbx_struct_assembly_auth_evidence.experimental_support   'gel filtration' 
_pdbx_struct_assembly_auth_evidence.details                ? 
# 
loop_
_pdbx_struct_oper_list.id 
_pdbx_struct_oper_list.type 
_pdbx_struct_oper_list.name 
_pdbx_struct_oper_list.symmetry_operation 
_pdbx_struct_oper_list.matrix[1][1] 
_pdbx_struct_oper_list.matrix[1][2] 
_pdbx_struct_oper_list.matrix[1][3] 
_pdbx_struct_oper_list.vector[1] 
_pdbx_struct_oper_list.matrix[2][1] 
_pdbx_struct_oper_list.matrix[2][2] 
_pdbx_struct_oper_list.matrix[2][3] 
_pdbx_struct_oper_list.vector[2] 
_pdbx_struct_oper_list.matrix[3][1] 
_pdbx_struct_oper_list.matrix[3][2] 
_pdbx_struct_oper_list.matrix[3][3] 
_pdbx_struct_oper_list.vector[3] 
P  'transform to point frame' ?     ?     -0.53172218 0.76521608  -0.36292680 44.31498  0.43915316  -0.11729934 -0.89072182 19.17958  -0.72416574 -0.63299700 -0.27367639 97.77665  
1  'identity operation'       1_555 x,y,z 1.00000000  0.00000000  0.00000000  0.00000   0.00000000  1.00000000  0.00000000  0.00000   0.00000000  0.00000000  1.00000000  0.00000   
2  'point symmetry operation' ?     ?     0.41151016  0.82647699  -0.38418117 48.61566  -0.50706255 0.55787647  0.65700945  17.57468  0.75732884  -0.07556218 0.64864736  -41.75062 
3  'point symmetry operation' ?     ?     -0.54068640 0.83020530  0.13571062  99.18637  0.00603254  -0.15749444 0.98750145  -24.70257 0.84120262  0.53474728  0.08014685  -33.34201 
4  'point symmetry operation' ?     ?     -0.54068640 0.00603255  0.84120261  81.82513  0.83020531  -0.15749445 0.53474728  -68.40602 0.13571062  0.98750145  0.08014685  13.60544  
5  'point symmetry operation' ?     ?     0.41151016  -0.50706254 0.75732882  20.52459  0.82647699  0.55787647  -0.07556217 -53.13899 -0.38418118 0.65700945  0.64864737  34.21193  
6  'point symmetry operation' ?     ?     0.04883205  0.91678948  0.39637413  30.28096  0.91678950  -0.19862959 0.34647268  -63.32156 0.39637415  0.34647268  -0.85020246 66.33353  
7  'point symmetry operation' ?     ?     -0.14458917 0.52186295  0.84068605  32.21837  0.74037957  0.62071441  -0.25797619 -36.70754 -0.65645416 0.58512621  -0.47612524 127.18917 
8  'point symmetry operation' ?     ?     0.31255871  0.10811136  0.94372611  -0.73854  -0.20544013 0.97768188  -0.04396023 20.96603  -0.92741653 -0.18013906 0.32779341  125.43714 
9  'point symmetry operation' ?     ?     0.78851285  0.24732536  0.56309647  -23.04443 -0.61357892 0.37895590  0.69275778  29.99623  -0.04205216 -0.89175254 0.45056523  63.49870  
10 'point symmetry operation' ?     ?     0.62552081  0.74711593  0.22481435  -3.87332  0.07999713  -0.34804457 0.93405859  -22.09637 0.77609547  -0.56628858 -0.27747625 26.97067  
11 'point symmetry operation' ?     ?     -0.61428901 -0.10302476 -0.78232659 188.73952 -0.10302475 -0.97248173 0.20896217  55.96359  -0.78232661 0.20896217  0.58677074  85.68451  
12 'point symmetry operation' ?     ?     -0.79302466 -0.50605652 -0.33914404 189.72745 0.60896642  -0.64346190 -0.46380676 25.13962  0.01648616  -0.57433753 0.81845257  26.82557  
13 'point symmetry operation' ?     ?     -0.32657897 -0.91210719 -0.24780366 156.43974 0.22561707  0.17937073  -0.95756101 62.80052  0.91784700  -0.36862802 0.14720824  -16.63765 
14 'point symmetry operation' ?     ?     0.14043598  -0.76002854 -0.63453474 134.87885 -0.72329702 0.35888941  -0.58994899 116.90021 0.67610589  0.54180715  -0.49932540 15.35954  
15 'point symmetry operation' ?     ?     -0.03737860 -0.25998810 -0.96488808 154.84122 -0.92640884 -0.35299455 0.13100198  112.67475 -0.37465919 0.89877752  -0.22766084 78.59810  
16 'point symmetry operation' ?     ?     -0.43454304 -0.81376472 0.38595245  124.76745 -0.81376475 0.17111132  -0.55543485 128.28416 0.38595246  -0.55543485 -0.73656828 87.68567  
17 'point symmetry operation' ?     ?     0.52610367  -0.84228342 -0.11736083 73.22644  -0.84228342 -0.53512899 0.06477349  114.91944 -0.11736082 0.06477350  -0.99097469 127.43961 
18 'point symmetry operation' ?     ?     0.55470666  -0.02620948 -0.83163308 88.90036  -0.02620948 -0.99955816 0.01401979  61.86222  -0.83163309 0.01401981  -0.55514850 164.24623 
19 'point symmetry operation' ?     ?     -0.38826244 0.50667064  -0.76976434 150.12837 0.50667064  -0.58035087 -0.63755606 42.43578  -0.76976434 -0.63755606 -0.03138669 147.24003 
20 'point symmetry operation' ?     ?     -0.99965236 0.01993472  -0.01725509 172.29546 0.01993472  0.14316265  -0.98949839 83.48679  -0.01725509 -0.98949839 -0.14351028 99.92301  
21 'point symmetry operation' ?     ?     -0.16647216 0.75756976  0.63116959  39.52883  -0.76975525 -0.49988870 0.39697374  87.71308  0.61624986  -0.41976103 0.66636086  -20.28116 
22 'point symmetry operation' ?     ?     0.02536268  0.23735239  0.97109247  18.39799  0.23735239  -0.94505734 0.22478984  24.93163  0.97109247  0.22478984  -0.08030535 -25.51991 
23 'point symmetry operation' ?     ?     0.62552081  0.07999712  0.77609546  -16.74132 0.74711594  -0.34804457 -0.56628859 10.47648  0.22481435  0.93405858  -0.27747625 28.99381  
24 'point symmetry operation' ?     ?     0.80460409  0.50296360  0.31565782  -17.32777 0.05505950  0.46609826  -0.88301805 64.32415  -0.59125350 0.72785989  0.34733165  67.92388  
25 'point symmetry operation' ?     ?     0.31512552  0.92172652  0.22608871  17.44910  -0.88241845 0.37225342  -0.28768919 112.05900 -0.34933305 -0.10884664 0.93065505  37.47029  
26 'point symmetry operation' ?     ?     0.93658214  -0.08441268 -0.34012997 28.38510  -0.33853131 -0.46887028 -0.81581690 122.39055 -0.09061155 0.87922418  -0.46771186 69.16149  
27 'point symmetry operation' ?     ?     0.17062534  0.75267270  -0.63590156 86.63478  -0.51940418 -0.47971512 -0.70717233 131.75327 -0.83732091 0.45095145  0.30908978  99.73568  
28 'point symmetry operation' ?     ?     -0.79302467 0.60896640  0.01648615  134.70712 -0.50605652 -0.64346189 -0.57433753 127.59614 -0.33914405 -0.46380676 0.81845257  54.04941  
29 'point symmetry operation' ?     ?     -0.62263633 -0.31693433 0.71545554  106.16778 -0.31693434 -0.73381811 -0.60088568 115.66419 0.71545555  -0.60088569 0.35645444  -4.76048  
30 'point symmetry operation' ?     ?     0.44631946  -0.74546617 0.49505464  40.45716  -0.21339806 -0.62591456 -0.75012814 112.44696 0.86905708  0.22915309  -0.43843889 4.57929   
31 'point symmetry operation' ?     ?     -0.46956719 -0.58768143 0.65889086  104.58674 0.21378998  0.64838897  0.73067475  -51.53122 -0.85662157 0.48396515  -0.17882178 129.63501 
32 'point symmetry operation' ?     ?     0.60375663  -0.76572734 0.22167443  43.92100  0.31256404  0.48320206  0.81781385  -60.24859 -0.73333597 -0.42447308 0.53107528  103.96125 
33 'point symmetry operation' ?     ?     0.80460410  0.05505949  -0.59125349 50.56057  0.50296361  0.46609825  0.72785990  -70.70521 0.31565782  -0.88301805 0.34733164  38.67692  
34 'point symmetry operation' ?     ?     -0.14458917 0.74037957  -0.65645416 115.32980 0.52186295  0.62071441  0.58512621  -68.45039 0.84068605  -0.25797619 -0.47612524 24.00277  
35 'point symmetry operation' ?     ?     -0.93207032 0.34314382  0.11617754  148.71980 0.34314382  0.73337627  0.58686588  -56.60022 0.11617754  0.58686588  -0.80130594 80.21796  
36 'point symmetry operation' ?     ?     -0.30054279 -0.08547566 -0.94993048 171.28726 0.89449658  0.32037001  -0.31183159 -37.64622 0.33098326  -0.94342831 -0.01982722 61.18837  
37 'point symmetry operation' ?     ?     -0.79974466 -0.22429774 -0.55686533 194.83417 -0.03051226 0.94157040  -0.33543136 24.48989  0.59956442  -0.25126822 -0.75985973 61.52671  
38 'point symmetry operation' ?     ?     -0.63710024 -0.74402303 -0.20132812 175.26157 -0.74402303 0.52540820  0.41276622  53.55878  -0.20132812 0.41276622  -0.88830796 117.98359 
39 'point symmetry operation' ?     ?     -0.03737860 -0.92640883 -0.37465920 139.61813 -0.25998811 -0.35299455 0.89877752  9.38824   -0.96488810 0.13100198  -0.22766083 152.53755 
40 'point symmetry operation' ?     ?     0.17062534  -0.51940417 -0.83732090 137.16187 0.75267270  -0.47971513 0.45095145  -46.97955 -0.63590157 -0.70717233 0.30908978  117.43617 
41 'point symmetry operation' ?     ?     -0.16647215 -0.76975523 0.61624985  86.59630  0.75756978  -0.49988870 -0.41976103 5.38769   0.63116960  0.39697374  0.66636086  -46.25462 
42 'point symmetry operation' ?     ?     0.78851286  -0.61357891 -0.04205216 39.24614  0.24732537  0.37895590  -0.89175253 50.95735  0.56309648  0.69275777  0.45056524  -36.41420 
43 'point symmetry operation' ?     ?     0.60375664  0.31256404  -0.73333596 68.55247  -0.76572735 0.48320208  -0.42447307 106.87250 0.22167444  0.81781384  0.53107529  -15.67528 
44 'point symmetry operation' ?     ?     -0.46541400 0.72877555  -0.50227085 134.01496 -0.88158395 -0.33121486 0.33631302  95.86029  0.07873714  0.59931871  0.79662886  -12.69835 
45 'point symmetry operation' ?     ?     -0.94144157 0.05986544  0.33181906  145.16665 0.05986544  -0.93879837 0.33922523  33.13924  0.33181906  0.33922523  0.88023995  -31.59741 
46 'point symmetry operation' ?     ?     -0.46956719 0.21378998  -0.85662155 171.17551 -0.58768145 0.64838897  0.48396515  32.13713  0.65889087  0.73067475  -0.17882178 -8.07712  
47 'point symmetry operation' ?     ?     -0.95038077 -0.20408989 -0.23478440 187.86897 -0.20408989 -0.16055370 0.96569655  -5.24401  -0.23478441 0.96569655  0.11093447  44.26259  
48 'point symmetry operation' ?     ?     -0.46541400 -0.88158395 0.07873714  147.88117 0.72877555  -0.33121486 0.59931871  -58.30611 -0.50227085 0.33631302  0.79662886  45.18861  
49 'point symmetry operation' ?     ?     0.31512552  -0.88241844 -0.34933306 106.47389 0.92172654  0.37225342  -0.10884664 -53.71913 0.22608871  -0.28768919 0.93065505  -6.57879  
50 'point symmetry operation' ?     ?     0.31255871  -0.20544012 -0.92741651 120.87057 0.10811137  0.97768188  -0.18013906 2.17786   0.94372612  -0.04396024 0.32779340  -39.49882 
51 'point symmetry operation' ?     ?     -0.30054280 0.89449656  0.33098324  64.90124  -0.08547565 0.32037001  -0.94342831 84.42846  -0.94993050 -0.31183159 -0.01982722 152.18491 
52 'point symmetry operation' ?     ?     -0.32657897 0.22561707  0.91784700  52.19188  -0.91210719 0.17937073  -0.36862802 125.29214 -0.24780366 -0.95756101 0.14720824  101.35087 
53 'point symmetry operation' ?     ?     0.44631946  -0.21339807 0.86905707  1.95948   -0.74546618 -0.62591456 0.22915309  99.49228  0.49505466  -0.75012814 -0.43843890 66.32888  
54 'point symmetry operation' ?     ?     0.95003314  0.18415516  0.25203949  -16.37650 0.18415516  -0.98260895 0.02380183  42.68341  0.25203950  0.02380185  -0.96742419 95.51812  
55 'point symmetry operation' ?     ?     0.48844687  0.86887170  -0.08050842 22.52365  0.59205174  -0.39777292 -0.70089332 33.37346  -0.64101044 0.29468401  -0.70870795 148.58008 
56 'point symmetry operation' ?     ?     0.93658214  -0.33853131 -0.09061155 21.11489  -0.08441268 -0.46887028 0.87922418  -1.02710  -0.34012997 -0.81581690 -0.46771186 141.85055 
57 'point symmetry operation' ?     ?     0.48844688  0.59205174  -0.64101043 64.48095  0.86887171  -0.39777293 0.29468400  -50.07928 -0.08050842 -0.70089331 -0.70870795 130.50446 
58 'point symmetry operation' ?     ?     -0.58466210 0.78241798  -0.21445824 125.39483 0.78241799  0.47392735  -0.40399872 -27.13248 -0.21445824 -0.40399872 -0.88926526 143.86152 
59 'point symmetry operation' ?     ?     -0.79974466 -0.03051225 0.59956441  119.67560 -0.22429775 0.94157040  -0.25126822 36.10161  -0.55686534 -0.33543136 -0.75985972 163.46273 
60 'point symmetry operation' ?     ?     0.14043598  -0.72329701 0.67610587  55.22705  -0.76002855 0.35888941  0.54180715  52.23563  -0.63453474 -0.58994899 -0.49932540 162.21988 
# 
loop_
_struct_conf.conf_type_id 
_struct_conf.id 
_struct_conf.pdbx_PDB_helix_id 
_struct_conf.beg_label_comp_id 
_struct_conf.beg_label_asym_id 
_struct_conf.beg_label_seq_id 
_struct_conf.pdbx_beg_PDB_ins_code 
_struct_conf.end_label_comp_id 
_struct_conf.end_label_asym_id 
_struct_conf.end_label_seq_id 
_struct_conf.pdbx_end_PDB_ins_code 
_struct_conf.beg_auth_comp_id 
_struct_conf.beg_auth_asym_id 
_struct_conf.beg_auth_seq_id 
_struct_conf.end_auth_comp_id 
_struct_conf.end_auth_asym_id 
_struct_conf.end_auth_seq_id 
_struct_conf.pdbx_PDB_helix_class 
_struct_conf.details 
_struct_conf.pdbx_PDB_helix_length 
HELX_P HELX_P1  AA1 GLU A 24  ? LYS A 30  ? GLU A 24  LYS A 30  1 ? 7  
HELX_P HELX_P2  AA2 SER A 39  ? GLY A 53  ? SER A 39  GLY A 53  1 ? 15 
HELX_P HELX_P3  AA3 ASP A 66  ? LEU A 74  ? ASP A 66  LEU A 74  1 ? 9  
HELX_P HELX_P4  AA4 SER A 75  ? MET A 80  ? SER A 75  MET A 80  1 ? 6  
HELX_P HELX_P5  AA5 SER A 91  ? SER A 101 ? SER A 91  SER A 101 1 ? 11 
HELX_P HELX_P6  AA6 ASP A 112 ? GLY A 123 ? ASP A 112 GLY A 123 1 ? 12 
HELX_P HELX_P7  AA7 THR A 132 ? GLY A 143 ? THR A 132 GLY A 143 1 ? 12 
HELX_P HELX_P8  AA8 PRO A 157 ? LYS A 164 ? PRO A 157 LYS A 164 1 ? 8  
HELX_P HELX_P9  AA9 ASN A 182 ? GLY A 190 ? ASN A 182 GLY A 190 1 ? 9  
HELX_P HELX_P10 AB1 THR A 204 ? CYS A 222 ? THR A 204 CYS A 222 1 ? 19 
# 
_struct_conf_type.id          HELX_P 
_struct_conf_type.criteria    ? 
_struct_conf_type.reference   ? 
# 
_struct_conn.id                            disulf1 
_struct_conn.conn_type_id                  disulf 
_struct_conn.pdbx_leaving_atom_flag        ? 
_struct_conn.pdbx_PDB_id                   ? 
_struct_conn.ptnr1_label_asym_id           A 
_struct_conn.ptnr1_label_comp_id           CYS 
_struct_conn.ptnr1_label_seq_id            184 
_struct_conn.ptnr1_label_atom_id           SG 
_struct_conn.pdbx_ptnr1_label_alt_id       ? 
_struct_conn.pdbx_ptnr1_PDB_ins_code       ? 
_struct_conn.pdbx_ptnr1_standard_comp_id   ? 
_struct_conn.ptnr1_symmetry                1_555 
_struct_conn.ptnr2_label_asym_id           A 
_struct_conn.ptnr2_label_comp_id           CYS 
_struct_conn.ptnr2_label_seq_id            222 
_struct_conn.ptnr2_label_atom_id           SG 
_struct_conn.pdbx_ptnr2_label_alt_id       ? 
_struct_conn.pdbx_ptnr2_PDB_ins_code       ? 
_struct_conn.ptnr1_auth_asym_id            A 
_struct_conn.ptnr1_auth_comp_id            CYS 
_struct_conn.ptnr1_auth_seq_id             184 
_struct_conn.ptnr2_auth_asym_id            A 
_struct_conn.ptnr2_auth_comp_id            CYS 
_struct_conn.ptnr2_auth_seq_id             222 
_struct_conn.ptnr2_symmetry                1_555 
_struct_conn.pdbx_ptnr3_label_atom_id      ? 
_struct_conn.pdbx_ptnr3_label_seq_id       ? 
_struct_conn.pdbx_ptnr3_label_comp_id      ? 
_struct_conn.pdbx_ptnr3_label_asym_id      ? 
_struct_conn.pdbx_ptnr3_label_alt_id       ? 
_struct_conn.pdbx_ptnr3_PDB_ins_code       ? 
_struct_conn.details                       ? 
_struct_conn.pdbx_dist_value               2.032 
_struct_conn.pdbx_value_order              ? 
_struct_conn.pdbx_role                     ? 
# 
_struct_conn_type.id          disulf 
_struct_conn_type.criteria    ? 
_struct_conn_type.reference   ? 
# 
_pdbx_modification_feature.ordinal                            1 
_pdbx_modification_feature.label_comp_id                      CYS 
_pdbx_modification_feature.label_asym_id                      A 
_pdbx_modification_feature.label_seq_id                       184 
_pdbx_modification_feature.label_alt_id                       ? 
_pdbx_modification_feature.modified_residue_label_comp_id     CYS 
_pdbx_modification_feature.modified_residue_label_asym_id     A 
_pdbx_modification_feature.modified_residue_label_seq_id      222 
_pdbx_modification_feature.modified_residue_label_alt_id      ? 
_pdbx_modification_feature.auth_comp_id                       CYS 
_pdbx_modification_feature.auth_asym_id                       A 
_pdbx_modification_feature.auth_seq_id                        184 
_pdbx_modification_feature.PDB_ins_code                       ? 
_pdbx_modification_feature.symmetry                           1_555 
_pdbx_modification_feature.modified_residue_auth_comp_id      CYS 
_pdbx_modification_feature.modified_residue_auth_asym_id      A 
_pdbx_modification_feature.modified_residue_auth_seq_id       222 
_pdbx_modification_feature.modified_residue_PDB_ins_code      ? 
_pdbx_modification_feature.modified_residue_symmetry          1_555 
_pdbx_modification_feature.comp_id_linking_atom               SG 
_pdbx_modification_feature.modified_residue_id_linking_atom   SG 
_pdbx_modification_feature.modified_residue_id                . 
_pdbx_modification_feature.ref_pcm_id                         . 
_pdbx_modification_feature.ref_comp_id                        . 
_pdbx_modification_feature.type                               None 
_pdbx_modification_feature.category                           'Disulfide bridge' 
# 
_struct_mon_prot_cis.pdbx_id                1 
_struct_mon_prot_cis.label_comp_id          PHE 
_struct_mon_prot_cis.label_seq_id           150 
_struct_mon_prot_cis.label_asym_id          A 
_struct_mon_prot_cis.label_alt_id           . 
_struct_mon_prot_cis.pdbx_PDB_ins_code      ? 
_struct_mon_prot_cis.auth_comp_id           PHE 
_struct_mon_prot_cis.auth_seq_id            150 
_struct_mon_prot_cis.auth_asym_id           A 
_struct_mon_prot_cis.pdbx_label_comp_id_2   PRO 
_struct_mon_prot_cis.pdbx_label_seq_id_2    151 
_struct_mon_prot_cis.pdbx_label_asym_id_2   A 
_struct_mon_prot_cis.pdbx_PDB_ins_code_2    ? 
_struct_mon_prot_cis.pdbx_auth_comp_id_2    PRO 
_struct_mon_prot_cis.pdbx_auth_seq_id_2     151 
_struct_mon_prot_cis.pdbx_auth_asym_id_2    A 
_struct_mon_prot_cis.pdbx_PDB_model_num     1 
_struct_mon_prot_cis.pdbx_omega_angle       -3.91 
# 
loop_
_struct_sheet.id 
_struct_sheet.type 
_struct_sheet.number_strands 
_struct_sheet.details 
AA1 ? 4 ? 
AA2 ? 2 ? 
AA3 ? 3 ? 
# 
loop_
_struct_sheet_order.sheet_id 
_struct_sheet_order.range_id_1 
_struct_sheet_order.range_id_2 
_struct_sheet_order.offset 
_struct_sheet_order.sense 
AA1 1 2 ? parallel 
AA1 2 3 ? parallel 
AA1 3 4 ? parallel 
AA2 1 2 ? parallel 
AA3 1 2 ? parallel 
AA3 2 3 ? parallel 
# 
loop_
_struct_sheet_range.sheet_id 
_struct_sheet_range.id 
_struct_sheet_range.beg_label_comp_id 
_struct_sheet_range.beg_label_asym_id 
_struct_sheet_range.beg_label_seq_id 
_struct_sheet_range.pdbx_beg_PDB_ins_code 
_struct_sheet_range.end_label_comp_id 
_struct_sheet_range.end_label_asym_id 
_struct_sheet_range.end_label_seq_id 
_struct_sheet_range.pdbx_end_PDB_ins_code 
_struct_sheet_range.beg_auth_comp_id 
_struct_sheet_range.beg_auth_asym_id 
_struct_sheet_range.beg_auth_seq_id 
_struct_sheet_range.end_auth_comp_id 
_struct_sheet_range.end_auth_asym_id 
_struct_sheet_range.end_auth_seq_id 
AA1 1 ILE A 83  ? GLY A 87  ? ILE A 83  GLY A 87  
AA1 2 LEU A 57  ? THR A 61  ? LEU A 57  THR A 61  
AA1 3 ILE A 31  ? LEU A 35  ? ILE A 31  LEU A 35  
AA1 4 VAL A 194 ? VAL A 196 ? VAL A 194 VAL A 196 
AA2 1 PHE A 105 ? VAL A 107 ? PHE A 105 VAL A 107 
AA2 2 PHE A 125 ? MET A 127 ? PHE A 125 MET A 127 
AA3 1 GLY A 129 ? VAL A 130 ? GLY A 129 VAL A 130 
AA3 2 ILE A 146 ? LEU A 149 ? ILE A 146 LEU A 149 
AA3 3 LYS A 171 ? VAL A 173 ? LYS A 171 VAL A 173 
# 
loop_
_pdbx_struct_sheet_hbond.sheet_id 
_pdbx_struct_sheet_hbond.range_id_1 
_pdbx_struct_sheet_hbond.range_id_2 
_pdbx_struct_sheet_hbond.range_1_label_atom_id 
_pdbx_struct_sheet_hbond.range_1_label_comp_id 
_pdbx_struct_sheet_hbond.range_1_label_asym_id 
_pdbx_struct_sheet_hbond.range_1_label_seq_id 
_pdbx_struct_sheet_hbond.range_1_PDB_ins_code 
_pdbx_struct_sheet_hbond.range_1_auth_atom_id 
_pdbx_struct_sheet_hbond.range_1_auth_comp_id 
_pdbx_struct_sheet_hbond.range_1_auth_asym_id 
_pdbx_struct_sheet_hbond.range_1_auth_seq_id 
_pdbx_struct_sheet_hbond.range_2_label_atom_id 
_pdbx_struct_sheet_hbond.range_2_label_comp_id 
_pdbx_struct_sheet_hbond.range_2_label_asym_id 
_pdbx_struct_sheet_hbond.range_2_label_seq_id 
_pdbx_struct_sheet_hbond.range_2_PDB_ins_code 
_pdbx_struct_sheet_hbond.range_2_auth_atom_id 
_pdbx_struct_sheet_hbond.range_2_auth_comp_id 
_pdbx_struct_sheet_hbond.range_2_auth_asym_id 
_pdbx_struct_sheet_hbond.range_2_auth_seq_id 
AA1 1 2 O GLY A 85  ? O GLY A 85  N ILE A 60  ? N ILE A 60  
AA1 2 3 O GLU A 59  ? O GLU A 59  N ALA A 33  ? N ALA A 33  
AA1 3 4 N VAL A 34  ? N VAL A 34  O VAL A 196 ? O VAL A 196 
AA2 1 2 N ILE A 106 ? N ILE A 106 O MET A 127 ? O MET A 127 
AA3 1 2 N VAL A 130 ? N VAL A 130 O LYS A 148 ? O LYS A 148 
AA3 2 3 N LEU A 147 ? N LEU A 147 O VAL A 173 ? O VAL A 173 
# 
_pdbx_entry_details.entry_id                   8E01 
_pdbx_entry_details.compound_details           ? 
_pdbx_entry_details.source_details             ? 
_pdbx_entry_details.nonpolymer_details         ? 
_pdbx_entry_details.sequence_details           ? 
_pdbx_entry_details.has_ligand_of_interest     ? 
_pdbx_entry_details.has_protein_modification   Y 
# 
_pdbx_point_symmetry.entry_id             8E01 
_pdbx_point_symmetry.Schoenflies_symbol   I 
# 
_em_3d_fitting.entry_id          8E01 
_em_3d_fitting.id                1 
_em_3d_fitting.details           ? 
_em_3d_fitting.overall_b_value   69.1 
_em_3d_fitting.ref_protocol      'RIGID BODY FIT' 
_em_3d_fitting.ref_space         REAL 
_em_3d_fitting.target_criteria   'Correlation coefficient' 
_em_3d_fitting.method            ? 
# 
_em_3d_reconstruction.entry_id                    8E01 
_em_3d_reconstruction.id                          1 
_em_3d_reconstruction.algorithm                   ? 
_em_3d_reconstruction.details                     ? 
_em_3d_reconstruction.refinement_type             ? 
_em_3d_reconstruction.image_processing_id         1 
_em_3d_reconstruction.num_class_averages          ? 
_em_3d_reconstruction.num_particles               63430 
_em_3d_reconstruction.resolution                  3.4 
_em_3d_reconstruction.resolution_method           'FSC 0.143 CUT-OFF' 
_em_3d_reconstruction.symmetry_type               POINT 
_em_3d_reconstruction.method                      ? 
_em_3d_reconstruction.nominal_pixel_size          ? 
_em_3d_reconstruction.actual_pixel_size           ? 
_em_3d_reconstruction.magnification_calibration   ? 
# 
_em_buffer.id            1 
_em_buffer.details       'Tris, 100 mM NaCl, 1 mM DTT' 
_em_buffer.pH            8.1 
_em_buffer.specimen_id   1 
_em_buffer.name          ? 
# 
_em_entity_assembly.id                   1 
_em_entity_assembly.parent_id            0 
_em_entity_assembly.details              ? 
_em_entity_assembly.name                 Nano-cage 
_em_entity_assembly.source               RECOMBINANT 
_em_entity_assembly.type                 COMPLEX 
_em_entity_assembly.entity_id_list       1 
_em_entity_assembly.synonym              ? 
_em_entity_assembly.oligomeric_details   ? 
# 
_em_image_scans.entry_id                8E01 
_em_image_scans.id                      1 
_em_image_scans.dimension_height        4096 
_em_image_scans.dimension_width         4096 
_em_image_scans.frames_per_image        ? 
_em_image_scans.image_recording_id      1 
_em_image_scans.sampling_size           ? 
_em_image_scans.scanner_model           ? 
_em_image_scans.used_frames_per_image   ? 
_em_image_scans.citation_id             ? 
_em_image_scans.number_digital_images   ? 
_em_image_scans.od_range                ? 
_em_image_scans.quant_bit_size          ? 
_em_image_scans.details                 ? 
# 
_em_imaging.id                              1 
_em_imaging.entry_id                        8E01 
_em_imaging.accelerating_voltage            300 
_em_imaging.alignment_procedure             ? 
_em_imaging.c2_aperture_diameter            ? 
_em_imaging.calibrated_defocus_max          ? 
_em_imaging.calibrated_defocus_min          ? 
_em_imaging.calibrated_magnification        ? 
_em_imaging.cryogen                         NITROGEN 
_em_imaging.details                         ? 
_em_imaging.electron_source                 'FIELD EMISSION GUN' 
_em_imaging.illumination_mode               'SPOT SCAN' 
_em_imaging.microscope_model                'FEI TITAN KRIOS' 
_em_imaging.mode                            'BRIGHT FIELD' 
_em_imaging.nominal_cs                      0.05 
_em_imaging.nominal_defocus_max             3000 
_em_imaging.nominal_defocus_min             1200 
_em_imaging.nominal_magnification           59000 
_em_imaging.recording_temperature_maximum   ? 
_em_imaging.recording_temperature_minimum   100 
_em_imaging.residual_tilt                   ? 
_em_imaging.specimen_holder_model           ? 
_em_imaging.specimen_id                     1 
_em_imaging.citation_id                     ? 
_em_imaging.date                            ? 
_em_imaging.temperature                     ? 
_em_imaging.tilt_angle_min                  ? 
_em_imaging.tilt_angle_max                  ? 
_em_imaging.astigmatism                     ? 
_em_imaging.detector_distance               ? 
_em_imaging.electron_beam_tilt_params       ? 
_em_imaging.specimen_holder_type            ? 
# 
_em_sample_support.id               1 
_em_sample_support.specimen_id      1 
_em_sample_support.details          ? 
_em_sample_support.grid_material    GOLD 
_em_sample_support.grid_mesh_size   400 
_em_sample_support.grid_type        'Quantifoil R2/1' 
_em_sample_support.method           ? 
_em_sample_support.film_material    ? 
# 
_em_vitrification.id                    1 
_em_vitrification.specimen_id           1 
_em_vitrification.chamber_temperature   277 
_em_vitrification.cryogen_name          ETHANE 
_em_vitrification.details               ? 
_em_vitrification.humidity              95 
_em_vitrification.instrument            'FEI VITROBOT MARK IV' 
_em_vitrification.entry_id              8E01 
_em_vitrification.citation_id           ? 
_em_vitrification.method                ? 
_em_vitrification.temp                  ? 
_em_vitrification.time_resolved_state   ? 
# 
_em_experiment.entry_id                8E01 
_em_experiment.id                      1 
_em_experiment.aggregation_state       PARTICLE 
_em_experiment.reconstruction_method   'SINGLE PARTICLE' 
_em_experiment.entity_assembly_id      1 
# 
_em_single_particle_entity.entry_id              8E01 
_em_single_particle_entity.id                    1 
_em_single_particle_entity.image_processing_id   1 
_em_single_particle_entity.point_symmetry        I 
# 
loop_
_pdbx_unobs_or_zero_occ_residues.id 
_pdbx_unobs_or_zero_occ_residues.PDB_model_num 
_pdbx_unobs_or_zero_occ_residues.polymer_flag 
_pdbx_unobs_or_zero_occ_residues.occupancy_flag 
_pdbx_unobs_or_zero_occ_residues.auth_asym_id 
_pdbx_unobs_or_zero_occ_residues.auth_comp_id 
_pdbx_unobs_or_zero_occ_residues.auth_seq_id 
_pdbx_unobs_or_zero_occ_residues.PDB_ins_code 
_pdbx_unobs_or_zero_occ_residues.label_asym_id 
_pdbx_unobs_or_zero_occ_residues.label_comp_id 
_pdbx_unobs_or_zero_occ_residues.label_seq_id 
1  1 Y 1 A MET 1   ? A MET 1   
2  1 Y 1 A HIS 2   ? A HIS 2   
3  1 Y 1 A HIS 3   ? A HIS 3   
4  1 Y 1 A HIS 4   ? A HIS 4   
5  1 Y 1 A HIS 5   ? A HIS 5   
6  1 Y 1 A HIS 6   ? A HIS 6   
7  1 Y 1 A HIS 7   ? A HIS 7   
8  1 Y 1 A GLY 8   ? A GLY 8   
9  1 Y 1 A GLY 9   ? A GLY 9   
10 1 Y 1 A SER 10  ? A SER 10  
11 1 Y 1 A GLY 11  ? A GLY 11  
12 1 Y 1 A GLY 12  ? A GLY 12  
13 1 Y 1 A SER 13  ? A SER 13  
14 1 Y 1 A GLY 14  ? A GLY 14  
15 1 Y 1 A GLY 15  ? A GLY 15  
16 1 Y 1 A SER 16  ? A SER 16  
17 1 Y 1 A GLY 17  ? A GLY 17  
18 1 Y 1 A GLY 18  ? A GLY 18  
19 1 Y 1 A SER 19  ? A SER 19  
20 1 Y 1 A MET 20  ? A MET 20  
21 1 Y 1 A LYS 21  ? A LYS 21  
22 1 Y 1 A THR 223 ? A THR 223 
23 1 Y 1 A GLU 224 ? A GLU 224 
# 
loop_
_chem_comp_atom.comp_id 
_chem_comp_atom.atom_id 
_chem_comp_atom.type_symbol 
_chem_comp_atom.pdbx_aromatic_flag 
_chem_comp_atom.pdbx_stereo_config 
_chem_comp_atom.pdbx_ordinal 
ALA N    N N N 1   
ALA CA   C N S 2   
ALA C    C N N 3   
ALA O    O N N 4   
ALA CB   C N N 5   
ALA OXT  O N N 6   
ALA H    H N N 7   
ALA H2   H N N 8   
ALA HA   H N N 9   
ALA HB1  H N N 10  
ALA HB2  H N N 11  
ALA HB3  H N N 12  
ALA HXT  H N N 13  
ARG N    N N N 14  
ARG CA   C N S 15  
ARG C    C N N 16  
ARG O    O N N 17  
ARG CB   C N N 18  
ARG CG   C N N 19  
ARG CD   C N N 20  
ARG NE   N N N 21  
ARG CZ   C N N 22  
ARG NH1  N N N 23  
ARG NH2  N N N 24  
ARG OXT  O N N 25  
ARG H    H N N 26  
ARG H2   H N N 27  
ARG HA   H N N 28  
ARG HB2  H N N 29  
ARG HB3  H N N 30  
ARG HG2  H N N 31  
ARG HG3  H N N 32  
ARG HD2  H N N 33  
ARG HD3  H N N 34  
ARG HE   H N N 35  
ARG HH11 H N N 36  
ARG HH12 H N N 37  
ARG HH21 H N N 38  
ARG HH22 H N N 39  
ARG HXT  H N N 40  
ASN N    N N N 41  
ASN CA   C N S 42  
ASN C    C N N 43  
ASN O    O N N 44  
ASN CB   C N N 45  
ASN CG   C N N 46  
ASN OD1  O N N 47  
ASN ND2  N N N 48  
ASN OXT  O N N 49  
ASN H    H N N 50  
ASN H2   H N N 51  
ASN HA   H N N 52  
ASN HB2  H N N 53  
ASN HB3  H N N 54  
ASN HD21 H N N 55  
ASN HD22 H N N 56  
ASN HXT  H N N 57  
ASP N    N N N 58  
ASP CA   C N S 59  
ASP C    C N N 60  
ASP O    O N N 61  
ASP CB   C N N 62  
ASP CG   C N N 63  
ASP OD1  O N N 64  
ASP OD2  O N N 65  
ASP OXT  O N N 66  
ASP H    H N N 67  
ASP H2   H N N 68  
ASP HA   H N N 69  
ASP HB2  H N N 70  
ASP HB3  H N N 71  
ASP HD2  H N N 72  
ASP HXT  H N N 73  
CYS N    N N N 74  
CYS CA   C N R 75  
CYS C    C N N 76  
CYS O    O N N 77  
CYS CB   C N N 78  
CYS SG   S N N 79  
CYS OXT  O N N 80  
CYS H    H N N 81  
CYS H2   H N N 82  
CYS HA   H N N 83  
CYS HB2  H N N 84  
CYS HB3  H N N 85  
CYS HG   H N N 86  
CYS HXT  H N N 87  
GLN N    N N N 88  
GLN CA   C N S 89  
GLN C    C N N 90  
GLN O    O N N 91  
GLN CB   C N N 92  
GLN CG   C N N 93  
GLN CD   C N N 94  
GLN OE1  O N N 95  
GLN NE2  N N N 96  
GLN OXT  O N N 97  
GLN H    H N N 98  
GLN H2   H N N 99  
GLN HA   H N N 100 
GLN HB2  H N N 101 
GLN HB3  H N N 102 
GLN HG2  H N N 103 
GLN HG3  H N N 104 
GLN HE21 H N N 105 
GLN HE22 H N N 106 
GLN HXT  H N N 107 
GLU N    N N N 108 
GLU CA   C N S 109 
GLU C    C N N 110 
GLU O    O N N 111 
GLU CB   C N N 112 
GLU CG   C N N 113 
GLU CD   C N N 114 
GLU OE1  O N N 115 
GLU OE2  O N N 116 
GLU OXT  O N N 117 
GLU H    H N N 118 
GLU H2   H N N 119 
GLU HA   H N N 120 
GLU HB2  H N N 121 
GLU HB3  H N N 122 
GLU HG2  H N N 123 
GLU HG3  H N N 124 
GLU HE2  H N N 125 
GLU HXT  H N N 126 
GLY N    N N N 127 
GLY CA   C N N 128 
GLY C    C N N 129 
GLY O    O N N 130 
GLY OXT  O N N 131 
GLY H    H N N 132 
GLY H2   H N N 133 
GLY HA2  H N N 134 
GLY HA3  H N N 135 
GLY HXT  H N N 136 
HIS N    N N N 137 
HIS CA   C N S 138 
HIS C    C N N 139 
HIS O    O N N 140 
HIS CB   C N N 141 
HIS CG   C Y N 142 
HIS ND1  N Y N 143 
HIS CD2  C Y N 144 
HIS CE1  C Y N 145 
HIS NE2  N Y N 146 
HIS OXT  O N N 147 
HIS H    H N N 148 
HIS H2   H N N 149 
HIS HA   H N N 150 
HIS HB2  H N N 151 
HIS HB3  H N N 152 
HIS HD1  H N N 153 
HIS HD2  H N N 154 
HIS HE1  H N N 155 
HIS HE2  H N N 156 
HIS HXT  H N N 157 
ILE N    N N N 158 
ILE CA   C N S 159 
ILE C    C N N 160 
ILE O    O N N 161 
ILE CB   C N S 162 
ILE CG1  C N N 163 
ILE CG2  C N N 164 
ILE CD1  C N N 165 
ILE OXT  O N N 166 
ILE H    H N N 167 
ILE H2   H N N 168 
ILE HA   H N N 169 
ILE HB   H N N 170 
ILE HG12 H N N 171 
ILE HG13 H N N 172 
ILE HG21 H N N 173 
ILE HG22 H N N 174 
ILE HG23 H N N 175 
ILE HD11 H N N 176 
ILE HD12 H N N 177 
ILE HD13 H N N 178 
ILE HXT  H N N 179 
LEU N    N N N 180 
LEU CA   C N S 181 
LEU C    C N N 182 
LEU O    O N N 183 
LEU CB   C N N 184 
LEU CG   C N N 185 
LEU CD1  C N N 186 
LEU CD2  C N N 187 
LEU OXT  O N N 188 
LEU H    H N N 189 
LEU H2   H N N 190 
LEU HA   H N N 191 
LEU HB2  H N N 192 
LEU HB3  H N N 193 
LEU HG   H N N 194 
LEU HD11 H N N 195 
LEU HD12 H N N 196 
LEU HD13 H N N 197 
LEU HD21 H N N 198 
LEU HD22 H N N 199 
LEU HD23 H N N 200 
LEU HXT  H N N 201 
LYS N    N N N 202 
LYS CA   C N S 203 
LYS C    C N N 204 
LYS O    O N N 205 
LYS CB   C N N 206 
LYS CG   C N N 207 
LYS CD   C N N 208 
LYS CE   C N N 209 
LYS NZ   N N N 210 
LYS OXT  O N N 211 
LYS H    H N N 212 
LYS H2   H N N 213 
LYS HA   H N N 214 
LYS HB2  H N N 215 
LYS HB3  H N N 216 
LYS HG2  H N N 217 
LYS HG3  H N N 218 
LYS HD2  H N N 219 
LYS HD3  H N N 220 
LYS HE2  H N N 221 
LYS HE3  H N N 222 
LYS HZ1  H N N 223 
LYS HZ2  H N N 224 
LYS HZ3  H N N 225 
LYS HXT  H N N 226 
MET N    N N N 227 
MET CA   C N S 228 
MET C    C N N 229 
MET O    O N N 230 
MET CB   C N N 231 
MET CG   C N N 232 
MET SD   S N N 233 
MET CE   C N N 234 
MET OXT  O N N 235 
MET H    H N N 236 
MET H2   H N N 237 
MET HA   H N N 238 
MET HB2  H N N 239 
MET HB3  H N N 240 
MET HG2  H N N 241 
MET HG3  H N N 242 
MET HE1  H N N 243 
MET HE2  H N N 244 
MET HE3  H N N 245 
MET HXT  H N N 246 
PHE N    N N N 247 
PHE CA   C N S 248 
PHE C    C N N 249 
PHE O    O N N 250 
PHE CB   C N N 251 
PHE CG   C Y N 252 
PHE CD1  C Y N 253 
PHE CD2  C Y N 254 
PHE CE1  C Y N 255 
PHE CE2  C Y N 256 
PHE CZ   C Y N 257 
PHE OXT  O N N 258 
PHE H    H N N 259 
PHE H2   H N N 260 
PHE HA   H N N 261 
PHE HB2  H N N 262 
PHE HB3  H N N 263 
PHE HD1  H N N 264 
PHE HD2  H N N 265 
PHE HE1  H N N 266 
PHE HE2  H N N 267 
PHE HZ   H N N 268 
PHE HXT  H N N 269 
PRO N    N N N 270 
PRO CA   C N S 271 
PRO C    C N N 272 
PRO O    O N N 273 
PRO CB   C N N 274 
PRO CG   C N N 275 
PRO CD   C N N 276 
PRO OXT  O N N 277 
PRO H    H N N 278 
PRO HA   H N N 279 
PRO HB2  H N N 280 
PRO HB3  H N N 281 
PRO HG2  H N N 282 
PRO HG3  H N N 283 
PRO HD2  H N N 284 
PRO HD3  H N N 285 
PRO HXT  H N N 286 
SER N    N N N 287 
SER CA   C N S 288 
SER C    C N N 289 
SER O    O N N 290 
SER CB   C N N 291 
SER OG   O N N 292 
SER OXT  O N N 293 
SER H    H N N 294 
SER H2   H N N 295 
SER HA   H N N 296 
SER HB2  H N N 297 
SER HB3  H N N 298 
SER HG   H N N 299 
SER HXT  H N N 300 
THR N    N N N 301 
THR CA   C N S 302 
THR C    C N N 303 
THR O    O N N 304 
THR CB   C N R 305 
THR OG1  O N N 306 
THR CG2  C N N 307 
THR OXT  O N N 308 
THR H    H N N 309 
THR H2   H N N 310 
THR HA   H N N 311 
THR HB   H N N 312 
THR HG1  H N N 313 
THR HG21 H N N 314 
THR HG22 H N N 315 
THR HG23 H N N 316 
THR HXT  H N N 317 
TRP N    N N N 318 
TRP CA   C N S 319 
TRP C    C N N 320 
TRP O    O N N 321 
TRP CB   C N N 322 
TRP CG   C Y N 323 
TRP CD1  C Y N 324 
TRP CD2  C Y N 325 
TRP NE1  N Y N 326 
TRP CE2  C Y N 327 
TRP CE3  C Y N 328 
TRP CZ2  C Y N 329 
TRP CZ3  C Y N 330 
TRP CH2  C Y N 331 
TRP OXT  O N N 332 
TRP H    H N N 333 
TRP H2   H N N 334 
TRP HA   H N N 335 
TRP HB2  H N N 336 
TRP HB3  H N N 337 
TRP HD1  H N N 338 
TRP HE1  H N N 339 
TRP HE3  H N N 340 
TRP HZ2  H N N 341 
TRP HZ3  H N N 342 
TRP HH2  H N N 343 
TRP HXT  H N N 344 
TYR N    N N N 345 
TYR CA   C N S 346 
TYR C    C N N 347 
TYR O    O N N 348 
TYR CB   C N N 349 
TYR CG   C Y N 350 
TYR CD1  C Y N 351 
TYR CD2  C Y N 352 
TYR CE1  C Y N 353 
TYR CE2  C Y N 354 
TYR CZ   C Y N 355 
TYR OH   O N N 356 
TYR OXT  O N N 357 
TYR H    H N N 358 
TYR H2   H N N 359 
TYR HA   H N N 360 
TYR HB2  H N N 361 
TYR HB3  H N N 362 
TYR HD1  H N N 363 
TYR HD2  H N N 364 
TYR HE1  H N N 365 
TYR HE2  H N N 366 
TYR HH   H N N 367 
TYR HXT  H N N 368 
VAL N    N N N 369 
VAL CA   C N S 370 
VAL C    C N N 371 
VAL O    O N N 372 
VAL CB   C N N 373 
VAL CG1  C N N 374 
VAL CG2  C N N 375 
VAL OXT  O N N 376 
VAL H    H N N 377 
VAL H2   H N N 378 
VAL HA   H N N 379 
VAL HB   H N N 380 
VAL HG11 H N N 381 
VAL HG12 H N N 382 
VAL HG13 H N N 383 
VAL HG21 H N N 384 
VAL HG22 H N N 385 
VAL HG23 H N N 386 
VAL HXT  H N N 387 
# 
loop_
_chem_comp_bond.comp_id 
_chem_comp_bond.atom_id_1 
_chem_comp_bond.atom_id_2 
_chem_comp_bond.value_order 
_chem_comp_bond.pdbx_aromatic_flag 
_chem_comp_bond.pdbx_stereo_config 
_chem_comp_bond.pdbx_ordinal 
ALA N   CA   sing N N 1   
ALA N   H    sing N N 2   
ALA N   H2   sing N N 3   
ALA CA  C    sing N N 4   
ALA CA  CB   sing N N 5   
ALA CA  HA   sing N N 6   
ALA C   O    doub N N 7   
ALA C   OXT  sing N N 8   
ALA CB  HB1  sing N N 9   
ALA CB  HB2  sing N N 10  
ALA CB  HB3  sing N N 11  
ALA OXT HXT  sing N N 12  
ARG N   CA   sing N N 13  
ARG N   H    sing N N 14  
ARG N   H2   sing N N 15  
ARG CA  C    sing N N 16  
ARG CA  CB   sing N N 17  
ARG CA  HA   sing N N 18  
ARG C   O    doub N N 19  
ARG C   OXT  sing N N 20  
ARG CB  CG   sing N N 21  
ARG CB  HB2  sing N N 22  
ARG CB  HB3  sing N N 23  
ARG CG  CD   sing N N 24  
ARG CG  HG2  sing N N 25  
ARG CG  HG3  sing N N 26  
ARG CD  NE   sing N N 27  
ARG CD  HD2  sing N N 28  
ARG CD  HD3  sing N N 29  
ARG NE  CZ   sing N N 30  
ARG NE  HE   sing N N 31  
ARG CZ  NH1  sing N N 32  
ARG CZ  NH2  doub N N 33  
ARG NH1 HH11 sing N N 34  
ARG NH1 HH12 sing N N 35  
ARG NH2 HH21 sing N N 36  
ARG NH2 HH22 sing N N 37  
ARG OXT HXT  sing N N 38  
ASN N   CA   sing N N 39  
ASN N   H    sing N N 40  
ASN N   H2   sing N N 41  
ASN CA  C    sing N N 42  
ASN CA  CB   sing N N 43  
ASN CA  HA   sing N N 44  
ASN C   O    doub N N 45  
ASN C   OXT  sing N N 46  
ASN CB  CG   sing N N 47  
ASN CB  HB2  sing N N 48  
ASN CB  HB3  sing N N 49  
ASN CG  OD1  doub N N 50  
ASN CG  ND2  sing N N 51  
ASN ND2 HD21 sing N N 52  
ASN ND2 HD22 sing N N 53  
ASN OXT HXT  sing N N 54  
ASP N   CA   sing N N 55  
ASP N   H    sing N N 56  
ASP N   H2   sing N N 57  
ASP CA  C    sing N N 58  
ASP CA  CB   sing N N 59  
ASP CA  HA   sing N N 60  
ASP C   O    doub N N 61  
ASP C   OXT  sing N N 62  
ASP CB  CG   sing N N 63  
ASP CB  HB2  sing N N 64  
ASP CB  HB3  sing N N 65  
ASP CG  OD1  doub N N 66  
ASP CG  OD2  sing N N 67  
ASP OD2 HD2  sing N N 68  
ASP OXT HXT  sing N N 69  
CYS N   CA   sing N N 70  
CYS N   H    sing N N 71  
CYS N   H2   sing N N 72  
CYS CA  C    sing N N 73  
CYS CA  CB   sing N N 74  
CYS CA  HA   sing N N 75  
CYS C   O    doub N N 76  
CYS C   OXT  sing N N 77  
CYS CB  SG   sing N N 78  
CYS CB  HB2  sing N N 79  
CYS CB  HB3  sing N N 80  
CYS SG  HG   sing N N 81  
CYS OXT HXT  sing N N 82  
GLN N   CA   sing N N 83  
GLN N   H    sing N N 84  
GLN N   H2   sing N N 85  
GLN CA  C    sing N N 86  
GLN CA  CB   sing N N 87  
GLN CA  HA   sing N N 88  
GLN C   O    doub N N 89  
GLN C   OXT  sing N N 90  
GLN CB  CG   sing N N 91  
GLN CB  HB2  sing N N 92  
GLN CB  HB3  sing N N 93  
GLN CG  CD   sing N N 94  
GLN CG  HG2  sing N N 95  
GLN CG  HG3  sing N N 96  
GLN CD  OE1  doub N N 97  
GLN CD  NE2  sing N N 98  
GLN NE2 HE21 sing N N 99  
GLN NE2 HE22 sing N N 100 
GLN OXT HXT  sing N N 101 
GLU N   CA   sing N N 102 
GLU N   H    sing N N 103 
GLU N   H2   sing N N 104 
GLU CA  C    sing N N 105 
GLU CA  CB   sing N N 106 
GLU CA  HA   sing N N 107 
GLU C   O    doub N N 108 
GLU C   OXT  sing N N 109 
GLU CB  CG   sing N N 110 
GLU CB  HB2  sing N N 111 
GLU CB  HB3  sing N N 112 
GLU CG  CD   sing N N 113 
GLU CG  HG2  sing N N 114 
GLU CG  HG3  sing N N 115 
GLU CD  OE1  doub N N 116 
GLU CD  OE2  sing N N 117 
GLU OE2 HE2  sing N N 118 
GLU OXT HXT  sing N N 119 
GLY N   CA   sing N N 120 
GLY N   H    sing N N 121 
GLY N   H2   sing N N 122 
GLY CA  C    sing N N 123 
GLY CA  HA2  sing N N 124 
GLY CA  HA3  sing N N 125 
GLY C   O    doub N N 126 
GLY C   OXT  sing N N 127 
GLY OXT HXT  sing N N 128 
HIS N   CA   sing N N 129 
HIS N   H    sing N N 130 
HIS N   H2   sing N N 131 
HIS CA  C    sing N N 132 
HIS CA  CB   sing N N 133 
HIS CA  HA   sing N N 134 
HIS C   O    doub N N 135 
HIS C   OXT  sing N N 136 
HIS CB  CG   sing N N 137 
HIS CB  HB2  sing N N 138 
HIS CB  HB3  sing N N 139 
HIS CG  ND1  sing Y N 140 
HIS CG  CD2  doub Y N 141 
HIS ND1 CE1  doub Y N 142 
HIS ND1 HD1  sing N N 143 
HIS CD2 NE2  sing Y N 144 
HIS CD2 HD2  sing N N 145 
HIS CE1 NE2  sing Y N 146 
HIS CE1 HE1  sing N N 147 
HIS NE2 HE2  sing N N 148 
HIS OXT HXT  sing N N 149 
ILE N   CA   sing N N 150 
ILE N   H    sing N N 151 
ILE N   H2   sing N N 152 
ILE CA  C    sing N N 153 
ILE CA  CB   sing N N 154 
ILE CA  HA   sing N N 155 
ILE C   O    doub N N 156 
ILE C   OXT  sing N N 157 
ILE CB  CG1  sing N N 158 
ILE CB  CG2  sing N N 159 
ILE CB  HB   sing N N 160 
ILE CG1 CD1  sing N N 161 
ILE CG1 HG12 sing N N 162 
ILE CG1 HG13 sing N N 163 
ILE CG2 HG21 sing N N 164 
ILE CG2 HG22 sing N N 165 
ILE CG2 HG23 sing N N 166 
ILE CD1 HD11 sing N N 167 
ILE CD1 HD12 sing N N 168 
ILE CD1 HD13 sing N N 169 
ILE OXT HXT  sing N N 170 
LEU N   CA   sing N N 171 
LEU N   H    sing N N 172 
LEU N   H2   sing N N 173 
LEU CA  C    sing N N 174 
LEU CA  CB   sing N N 175 
LEU CA  HA   sing N N 176 
LEU C   O    doub N N 177 
LEU C   OXT  sing N N 178 
LEU CB  CG   sing N N 179 
LEU CB  HB2  sing N N 180 
LEU CB  HB3  sing N N 181 
LEU CG  CD1  sing N N 182 
LEU CG  CD2  sing N N 183 
LEU CG  HG   sing N N 184 
LEU CD1 HD11 sing N N 185 
LEU CD1 HD12 sing N N 186 
LEU CD1 HD13 sing N N 187 
LEU CD2 HD21 sing N N 188 
LEU CD2 HD22 sing N N 189 
LEU CD2 HD23 sing N N 190 
LEU OXT HXT  sing N N 191 
LYS N   CA   sing N N 192 
LYS N   H    sing N N 193 
LYS N   H2   sing N N 194 
LYS CA  C    sing N N 195 
LYS CA  CB   sing N N 196 
LYS CA  HA   sing N N 197 
LYS C   O    doub N N 198 
LYS C   OXT  sing N N 199 
LYS CB  CG   sing N N 200 
LYS CB  HB2  sing N N 201 
LYS CB  HB3  sing N N 202 
LYS CG  CD   sing N N 203 
LYS CG  HG2  sing N N 204 
LYS CG  HG3  sing N N 205 
LYS CD  CE   sing N N 206 
LYS CD  HD2  sing N N 207 
LYS CD  HD3  sing N N 208 
LYS CE  NZ   sing N N 209 
LYS CE  HE2  sing N N 210 
LYS CE  HE3  sing N N 211 
LYS NZ  HZ1  sing N N 212 
LYS NZ  HZ2  sing N N 213 
LYS NZ  HZ3  sing N N 214 
LYS OXT HXT  sing N N 215 
MET N   CA   sing N N 216 
MET N   H    sing N N 217 
MET N   H2   sing N N 218 
MET CA  C    sing N N 219 
MET CA  CB   sing N N 220 
MET CA  HA   sing N N 221 
MET C   O    doub N N 222 
MET C   OXT  sing N N 223 
MET CB  CG   sing N N 224 
MET CB  HB2  sing N N 225 
MET CB  HB3  sing N N 226 
MET CG  SD   sing N N 227 
MET CG  HG2  sing N N 228 
MET CG  HG3  sing N N 229 
MET SD  CE   sing N N 230 
MET CE  HE1  sing N N 231 
MET CE  HE2  sing N N 232 
MET CE  HE3  sing N N 233 
MET OXT HXT  sing N N 234 
PHE N   CA   sing N N 235 
PHE N   H    sing N N 236 
PHE N   H2   sing N N 237 
PHE CA  C    sing N N 238 
PHE CA  CB   sing N N 239 
PHE CA  HA   sing N N 240 
PHE C   O    doub N N 241 
PHE C   OXT  sing N N 242 
PHE CB  CG   sing N N 243 
PHE CB  HB2  sing N N 244 
PHE CB  HB3  sing N N 245 
PHE CG  CD1  doub Y N 246 
PHE CG  CD2  sing Y N 247 
PHE CD1 CE1  sing Y N 248 
PHE CD1 HD1  sing N N 249 
PHE CD2 CE2  doub Y N 250 
PHE CD2 HD2  sing N N 251 
PHE CE1 CZ   doub Y N 252 
PHE CE1 HE1  sing N N 253 
PHE CE2 CZ   sing Y N 254 
PHE CE2 HE2  sing N N 255 
PHE CZ  HZ   sing N N 256 
PHE OXT HXT  sing N N 257 
PRO N   CA   sing N N 258 
PRO N   CD   sing N N 259 
PRO N   H    sing N N 260 
PRO CA  C    sing N N 261 
PRO CA  CB   sing N N 262 
PRO CA  HA   sing N N 263 
PRO C   O    doub N N 264 
PRO C   OXT  sing N N 265 
PRO CB  CG   sing N N 266 
PRO CB  HB2  sing N N 267 
PRO CB  HB3  sing N N 268 
PRO CG  CD   sing N N 269 
PRO CG  HG2  sing N N 270 
PRO CG  HG3  sing N N 271 
PRO CD  HD2  sing N N 272 
PRO CD  HD3  sing N N 273 
PRO OXT HXT  sing N N 274 
SER N   CA   sing N N 275 
SER N   H    sing N N 276 
SER N   H2   sing N N 277 
SER CA  C    sing N N 278 
SER CA  CB   sing N N 279 
SER CA  HA   sing N N 280 
SER C   O    doub N N 281 
SER C   OXT  sing N N 282 
SER CB  OG   sing N N 283 
SER CB  HB2  sing N N 284 
SER CB  HB3  sing N N 285 
SER OG  HG   sing N N 286 
SER OXT HXT  sing N N 287 
THR N   CA   sing N N 288 
THR N   H    sing N N 289 
THR N   H2   sing N N 290 
THR CA  C    sing N N 291 
THR CA  CB   sing N N 292 
THR CA  HA   sing N N 293 
THR C   O    doub N N 294 
THR C   OXT  sing N N 295 
THR CB  OG1  sing N N 296 
THR CB  CG2  sing N N 297 
THR CB  HB   sing N N 298 
THR OG1 HG1  sing N N 299 
THR CG2 HG21 sing N N 300 
THR CG2 HG22 sing N N 301 
THR CG2 HG23 sing N N 302 
THR OXT HXT  sing N N 303 
TRP N   CA   sing N N 304 
TRP N   H    sing N N 305 
TRP N   H2   sing N N 306 
TRP CA  C    sing N N 307 
TRP CA  CB   sing N N 308 
TRP CA  HA   sing N N 309 
TRP C   O    doub N N 310 
TRP C   OXT  sing N N 311 
TRP CB  CG   sing N N 312 
TRP CB  HB2  sing N N 313 
TRP CB  HB3  sing N N 314 
TRP CG  CD1  doub Y N 315 
TRP CG  CD2  sing Y N 316 
TRP CD1 NE1  sing Y N 317 
TRP CD1 HD1  sing N N 318 
TRP CD2 CE2  doub Y N 319 
TRP CD2 CE3  sing Y N 320 
TRP NE1 CE2  sing Y N 321 
TRP NE1 HE1  sing N N 322 
TRP CE2 CZ2  sing Y N 323 
TRP CE3 CZ3  doub Y N 324 
TRP CE3 HE3  sing N N 325 
TRP CZ2 CH2  doub Y N 326 
TRP CZ2 HZ2  sing N N 327 
TRP CZ3 CH2  sing Y N 328 
TRP CZ3 HZ3  sing N N 329 
TRP CH2 HH2  sing N N 330 
TRP OXT HXT  sing N N 331 
TYR N   CA   sing N N 332 
TYR N   H    sing N N 333 
TYR N   H2   sing N N 334 
TYR CA  C    sing N N 335 
TYR CA  CB   sing N N 336 
TYR CA  HA   sing N N 337 
TYR C   O    doub N N 338 
TYR C   OXT  sing N N 339 
TYR CB  CG   sing N N 340 
TYR CB  HB2  sing N N 341 
TYR CB  HB3  sing N N 342 
TYR CG  CD1  doub Y N 343 
TYR CG  CD2  sing Y N 344 
TYR CD1 CE1  sing Y N 345 
TYR CD1 HD1  sing N N 346 
TYR CD2 CE2  doub Y N 347 
TYR CD2 HD2  sing N N 348 
TYR CE1 CZ   doub Y N 349 
TYR CE1 HE1  sing N N 350 
TYR CE2 CZ   sing Y N 351 
TYR CE2 HE2  sing N N 352 
TYR CZ  OH   sing N N 353 
TYR OH  HH   sing N N 354 
TYR OXT HXT  sing N N 355 
VAL N   CA   sing N N 356 
VAL N   H    sing N N 357 
VAL N   H2   sing N N 358 
VAL CA  C    sing N N 359 
VAL CA  CB   sing N N 360 
VAL CA  HA   sing N N 361 
VAL C   O    doub N N 362 
VAL C   OXT  sing N N 363 
VAL CB  CG1  sing N N 364 
VAL CB  CG2  sing N N 365 
VAL CB  HB   sing N N 366 
VAL CG1 HG11 sing N N 367 
VAL CG1 HG12 sing N N 368 
VAL CG1 HG13 sing N N 369 
VAL CG2 HG21 sing N N 370 
VAL CG2 HG22 sing N N 371 
VAL CG2 HG23 sing N N 372 
VAL OXT HXT  sing N N 373 
# 
_em_admin.entry_id           8E01 
_em_admin.current_status     REL 
_em_admin.deposition_date    2022-08-08 
_em_admin.deposition_site    RCSB 
_em_admin.last_update        2024-11-20 
_em_admin.map_release_date   2022-11-16 
_em_admin.title              'Structure of engineered nano-cage fusion protein' 
# 
_em_ctf_correction.id                       1 
_em_ctf_correction.em_image_processing_id   1 
_em_ctf_correction.type                     'PHASE FLIPPING AND AMPLITUDE CORRECTION' 
_em_ctf_correction.details                  ? 
# 
_em_entity_assembly_molwt.entity_assembly_id   1 
_em_entity_assembly_molwt.id                   1 
_em_entity_assembly_molwt.experimental_flag    NO 
_em_entity_assembly_molwt.units                MEGADALTONS 
_em_entity_assembly_molwt.value                1.3 
# 
_em_entity_assembly_naturalsource.id                   1 
_em_entity_assembly_naturalsource.entity_assembly_id   1 
_em_entity_assembly_naturalsource.cell                 ? 
_em_entity_assembly_naturalsource.cellular_location    ? 
_em_entity_assembly_naturalsource.ncbi_tax_id          2336 
_em_entity_assembly_naturalsource.organ                ? 
_em_entity_assembly_naturalsource.organelle            ? 
_em_entity_assembly_naturalsource.organism             'Thermotoga maritima' 
_em_entity_assembly_naturalsource.strain               ? 
_em_entity_assembly_naturalsource.tissue               ? 
# 
_em_entity_assembly_recombinant.id                   1 
_em_entity_assembly_recombinant.entity_assembly_id   1 
_em_entity_assembly_recombinant.cell                 ? 
_em_entity_assembly_recombinant.ncbi_tax_id          469008 
_em_entity_assembly_recombinant.organism             'Escherichia coli BL21(DE3)' 
_em_entity_assembly_recombinant.plasmid              ? 
_em_entity_assembly_recombinant.strain               ? 
# 
_em_image_processing.id                   1 
_em_image_processing.image_recording_id   1 
_em_image_processing.details              ? 
# 
_em_image_recording.id                                  1 
_em_image_recording.imaging_id                          1 
_em_image_recording.avg_electron_dose_per_image         44.85 
_em_image_recording.average_exposure_time               69.8 
_em_image_recording.details                             ? 
_em_image_recording.detector_mode                       COUNTING 
_em_image_recording.film_or_detector_model              'FEI FALCON III (4k x 4k)' 
_em_image_recording.num_diffraction_images              ? 
_em_image_recording.num_grids_imaged                    1 
_em_image_recording.num_real_images                     1220 
_em_image_recording.avg_electron_dose_per_subtomogram   ? 
# 
_em_imaging_optics.id                         1 
_em_imaging_optics.imaging_id                 1 
_em_imaging_optics.chr_aberration_corrector   ? 
_em_imaging_optics.energyfilter_lower         ? 
_em_imaging_optics.energyfilter_name          ? 
_em_imaging_optics.energyfilter_upper         ? 
_em_imaging_optics.energyfilter_slit_width    ? 
_em_imaging_optics.phase_plate                ? 
_em_imaging_optics.sph_aberration_corrector   'Microscope was modified with a Cs corrector.' 
_em_imaging_optics.details                    ? 
# 
_em_particle_selection.id                       1 
_em_particle_selection.image_processing_id      1 
_em_particle_selection.details                  ? 
_em_particle_selection.method                   ? 
_em_particle_selection.num_particles_selected   129297 
_em_particle_selection.reference_model          ? 
# 
loop_
_em_software.id 
_em_software.category 
_em_software.details 
_em_software.name 
_em_software.version 
_em_software.image_processing_id 
_em_software.fitting_id 
_em_software.imaging_id 
1  'PARTICLE SELECTION'       ?                                    cryoSPARC       3.3.2            1 ? ? 
2  'IMAGE ACQUISITION'        'Thermo Ficher specialized software' EPU             ?                ? ? 1 
3  MASKING                    ?                                    ?               ?                ? ? ? 
4  'CTF CORRECTION'           ?                                    cryoSPARC       3.3.2            1 ? ? 
5  'LAYERLINE INDEXING'       ?                                    ?               ?                ? ? ? 
6  'DIFFRACTION INDEXING'     ?                                    ?               ?                ? ? ? 
7  'MODEL FITTING'            ?                                    'UCSF ChimeraX' 1.3              ? 1 ? 
8  OTHER                      ?                                    ?               ?                ? ? ? 
9  'INITIAL EULER ASSIGNMENT' ?                                    cryoSPARC       3.3.2            1 ? ? 
10 'FINAL EULER ASSIGNMENT'   ?                                    cryoSPARC       3.3.2            1 ? ? 
11 CLASSIFICATION             ?                                    cryoSPARC       3.3.2            1 ? ? 
12 RECONSTRUCTION             ?                                    cryoSPARC       3.3.2            1 ? ? 
13 'MODEL REFINEMENT'         ?                                    PHENIX          1.20.1-4487-4487 ? 1 ? 
# 
_em_specimen.id                      1 
_em_specimen.experiment_id           1 
_em_specimen.concentration           ? 
_em_specimen.details                 'Purified nano-cage protein at 0.1 mg/mL' 
_em_specimen.embedding_applied       NO 
_em_specimen.shadowing_applied       NO 
_em_specimen.staining_applied        NO 
_em_specimen.vitrification_applied   YES 
# 
_pdbx_audit_support.funding_organization   
'National Institutes of Health/National Institute of General Medical Sciences (NIH/NIGMS)' 
_pdbx_audit_support.country                'United States' 
_pdbx_audit_support.grant_number           R01GM125907 
_pdbx_audit_support.ordinal                1 
# 
_atom_sites.entry_id                    8E01 
_atom_sites.Cartn_transf_matrix[1][1]   ? 
_atom_sites.Cartn_transf_matrix[1][2]   ? 
_atom_sites.Cartn_transf_matrix[1][3]   ? 
_atom_sites.Cartn_transf_matrix[2][1]   ? 
_atom_sites.Cartn_transf_matrix[2][2]   ? 
_atom_sites.Cartn_transf_matrix[2][3]   ? 
_atom_sites.Cartn_transf_matrix[3][1]   ? 
_atom_sites.Cartn_transf_matrix[3][2]   ? 
_atom_sites.Cartn_transf_matrix[3][3]   ? 
_atom_sites.Cartn_transf_vector[1]      ? 
_atom_sites.Cartn_transf_vector[2]      ? 
_atom_sites.Cartn_transf_vector[3]      ? 
_atom_sites.fract_transf_matrix[1][1]   1.000000 
_atom_sites.fract_transf_matrix[1][2]   0.000000 
_atom_sites.fract_transf_matrix[1][3]   0.000000 
_atom_sites.fract_transf_matrix[2][1]   0.000000 
_atom_sites.fract_transf_matrix[2][2]   1.000000 
_atom_sites.fract_transf_matrix[2][3]   0.000000 
_atom_sites.fract_transf_matrix[3][1]   0.000000 
_atom_sites.fract_transf_matrix[3][2]   0.000000 
_atom_sites.fract_transf_matrix[3][3]   1.000000 
_atom_sites.fract_transf_vector[1]      0.00000 
_atom_sites.fract_transf_vector[2]      0.00000 
_atom_sites.fract_transf_vector[3]      0.00000 
_atom_sites.solution_primary            ? 
_atom_sites.solution_secondary          ? 
_atom_sites.solution_hydrogens          ? 
_atom_sites.special_details             ? 
# 
loop_
_atom_type.symbol 
C 
N 
O 
S 
# 
loop_
_atom_site.group_PDB 
_atom_site.id 
_atom_site.type_symbol 
_atom_site.label_atom_id 
_atom_site.label_alt_id 
_atom_site.label_comp_id 
_atom_site.label_asym_id 
_atom_site.label_entity_id 
_atom_site.label_seq_id 
_atom_site.pdbx_PDB_ins_code 
_atom_site.Cartn_x 
_atom_site.Cartn_y 
_atom_site.Cartn_z 
_atom_site.occupancy 
_atom_site.B_iso_or_equiv 
_atom_site.pdbx_formal_charge 
_atom_site.auth_seq_id 
_atom_site.auth_comp_id 
_atom_site.auth_asym_id 
_atom_site.auth_atom_id 
_atom_site.pdbx_PDB_model_num 
ATOM 1    N N   . MET A 1 22  ? 1.146   -8.236  -7.246  1.00 78.84  ? 22  MET A N   1 
ATOM 2    C CA  . MET A 1 22  ? -0.035  -9.067  -7.061  1.00 78.42  ? 22  MET A CA  1 
ATOM 3    C C   . MET A 1 22  ? 0.355   -10.404 -6.436  1.00 78.11  ? 22  MET A C   1 
ATOM 4    O O   . MET A 1 22  ? 0.265   -11.447 -7.085  1.00 83.63  ? 22  MET A O   1 
ATOM 5    C CB  . MET A 1 22  ? -0.745  -9.277  -8.402  1.00 81.54  ? 22  MET A CB  1 
ATOM 6    C CG  . MET A 1 22  ? -0.739  -8.032  -9.266  1.00 79.91  ? 22  MET A CG  1 
ATOM 7    S SD  . MET A 1 22  ? -1.173  -6.569  -8.307  1.00 86.60  ? 22  MET A SD  1 
ATOM 8    C CE  . MET A 1 22  ? -1.344  -5.351  -9.611  1.00 80.25  ? 22  MET A CE  1 
ATOM 9    N N   . GLU A 1 23  ? 0.794   -10.354 -5.173  1.00 77.54  ? 23  GLU A N   1 
ATOM 10   C CA  . GLU A 1 23  ? 1.296   -11.510 -4.430  1.00 79.70  ? 23  GLU A CA  1 
ATOM 11   C C   . GLU A 1 23  ? 2.630   -12.003 -4.982  1.00 82.06  ? 23  GLU A C   1 
ATOM 12   O O   . GLU A 1 23  ? 3.183   -12.990 -4.487  1.00 85.03  ? 23  GLU A O   1 
ATOM 13   C CB  . GLU A 1 23  ? 0.272   -12.649 -4.413  1.00 82.78  ? 23  GLU A CB  1 
ATOM 14   C CG  . GLU A 1 23  ? -1.155  -12.206 -4.114  1.00 81.59  ? 23  GLU A CG  1 
ATOM 15   C CD  . GLU A 1 23  ? -2.186  -13.149 -4.693  1.00 84.10  ? 23  GLU A CD  1 
ATOM 16   O OE1 . GLU A 1 23  ? -2.235  -14.318 -4.260  1.00 86.01  ? 23  GLU A OE1 1 
ATOM 17   O OE2 . GLU A 1 23  ? -2.957  -12.713 -5.576  1.00 80.44  ? 23  GLU A OE2 1 
ATOM 18   N N   . GLU A 1 24  ? 3.149   -11.333 -6.010  1.00 82.54  ? 24  GLU A N   1 
ATOM 19   C CA  . GLU A 1 24  ? 4.492   -11.586 -6.522  1.00 83.48  ? 24  GLU A CA  1 
ATOM 20   C C   . GLU A 1 24  ? 5.342   -10.330 -6.617  1.00 81.89  ? 24  GLU A C   1 
ATOM 21   O O   . GLU A 1 24  ? 6.547   -10.389 -6.358  1.00 83.67  ? 24  GLU A O   1 
ATOM 22   C CB  . GLU A 1 24  ? 4.430   -12.259 -7.904  1.00 84.82  ? 24  GLU A CB  1 
ATOM 23   C CG  . GLU A 1 24  ? 3.708   -11.456 -8.971  1.00 84.24  ? 24  GLU A CG  1 
ATOM 24   C CD  . GLU A 1 24  ? 2.296   -11.945 -9.185  1.00 84.57  ? 24  GLU A CD  1 
ATOM 25   O OE1 . GLU A 1 24  ? 1.979   -13.050 -8.699  1.00 86.27  ? 24  GLU A OE1 1 
ATOM 26   O OE2 . GLU A 1 24  ? 1.497   -11.226 -9.821  1.00 77.30  ? 24  GLU A OE2 1 
ATOM 27   N N   . LEU A 1 25  ? 4.750   -9.190  -6.982  1.00 75.47  ? 25  LEU A N   1 
ATOM 28   C CA  . LEU A 1 25  ? 5.529   -7.963  -7.111  1.00 77.76  ? 25  LEU A CA  1 
ATOM 29   C C   . LEU A 1 25  ? 5.877   -7.382  -5.747  1.00 79.95  ? 25  LEU A C   1 
ATOM 30   O O   . LEU A 1 25  ? 6.825   -6.596  -5.623  1.00 80.23  ? 25  LEU A O   1 
ATOM 31   C CB  . LEU A 1 25  ? 4.768   -6.938  -7.951  1.00 78.33  ? 25  LEU A CB  1 
ATOM 32   C CG  . LEU A 1 25  ? 3.857   -7.455  -9.065  1.00 79.64  ? 25  LEU A CG  1 
ATOM 33   C CD1 . LEU A 1 25  ? 2.987   -6.325  -9.586  1.00 74.02  ? 25  LEU A CD1 1 
ATOM 34   C CD2 . LEU A 1 25  ? 4.681   -8.058  -10.189 1.00 80.31  ? 25  LEU A CD2 1 
ATOM 35   N N   . PHE A 1 26  ? 5.110   -7.739  -4.713  1.00 75.06  ? 26  PHE A N   1 
ATOM 36   C CA  . PHE A 1 26  ? 5.418   -7.265  -3.368  1.00 73.24  ? 26  PHE A CA  1 
ATOM 37   C C   . PHE A 1 26  ? 6.744   -7.833  -2.876  1.00 72.94  ? 26  PHE A C   1 
ATOM 38   O O   . PHE A 1 26  ? 7.519   -7.137  -2.211  1.00 75.59  ? 26  PHE A O   1 
ATOM 39   C CB  . PHE A 1 26  ? 4.284   -7.631  -2.411  1.00 71.44  ? 26  PHE A CB  1 
ATOM 40   C CG  . PHE A 1 26  ? 3.072   -6.755  -2.545  1.00 69.35  ? 26  PHE A CG  1 
ATOM 41   C CD1 . PHE A 1 26  ? 2.953   -5.597  -1.796  1.00 71.33  ? 26  PHE A CD1 1 
ATOM 42   C CD2 . PHE A 1 26  ? 2.051   -7.088  -3.420  1.00 71.13  ? 26  PHE A CD2 1 
ATOM 43   C CE1 . PHE A 1 26  ? 1.842   -4.787  -1.915  1.00 75.14  ? 26  PHE A CE1 1 
ATOM 44   C CE2 . PHE A 1 26  ? 0.935   -6.281  -3.544  1.00 69.51  ? 26  PHE A CE2 1 
ATOM 45   C CZ  . PHE A 1 26  ? 0.831   -5.129  -2.790  1.00 72.39  ? 26  PHE A CZ  1 
ATOM 46   N N   . LYS A 1 27  ? 7.016   -9.102  -3.187  1.00 66.72  ? 27  LYS A N   1 
ATOM 47   C CA  . LYS A 1 27  ? 8.275   -9.714  -2.773  1.00 66.05  ? 27  LYS A CA  1 
ATOM 48   C C   . LYS A 1 27  ? 9.466   -9.071  -3.475  1.00 72.90  ? 27  LYS A C   1 
ATOM 49   O O   . LYS A 1 27  ? 10.593  -9.123  -2.970  1.00 75.29  ? 27  LYS A O   1 
ATOM 50   C CB  . LYS A 1 27  ? 8.236   -11.217 -3.048  1.00 65.66  ? 27  LYS A CB  1 
ATOM 51   C CG  . LYS A 1 27  ? 8.917   -12.067 -1.988  1.00 68.00  ? 27  LYS A CG  1 
ATOM 52   C CD  . LYS A 1 27  ? 8.289   -13.449 -1.911  1.00 75.02  ? 27  LYS A CD  1 
ATOM 53   C CE  . LYS A 1 27  ? 8.780   -14.210 -0.691  1.00 73.88  ? 27  LYS A CE  1 
ATOM 54   N NZ  . LYS A 1 27  ? 8.365   -13.559 0.582   1.00 71.81  ? 27  LYS A NZ  1 
ATOM 55   N N   . LYS A 1 28  ? 9.238   -8.461  -4.640  1.00 68.22  ? 28  LYS A N   1 
ATOM 56   C CA  . LYS A 1 28  ? 10.339  -7.856  -5.385  1.00 65.58  ? 28  LYS A CA  1 
ATOM 57   C C   . LYS A 1 28  ? 10.540  -6.397  -4.990  1.00 69.60  ? 28  LYS A C   1 
ATOM 58   O O   . LYS A 1 28  ? 11.625  -6.008  -4.544  1.00 66.64  ? 28  LYS A O   1 
ATOM 59   C CB  . LYS A 1 28  ? 10.084  -7.980  -6.887  1.00 64.74  ? 28  LYS A CB  1 
ATOM 60   C CG  . LYS A 1 28  ? 11.349  -8.099  -7.722  1.00 69.39  ? 28  LYS A CG  1 
ATOM 61   C CD  . LYS A 1 28  ? 11.042  -8.000  -9.208  1.00 70.70  ? 28  LYS A CD  1 
ATOM 62   C CE  . LYS A 1 28  ? 9.959   -8.986  -9.615  1.00 70.70  ? 28  LYS A CE  1 
ATOM 63   N NZ  . LYS A 1 28  ? 9.509   -8.773  -11.018 1.00 66.48  ? 28  LYS A NZ  1 
ATOM 64   N N   . HIS A 1 29  ? 9.503   -5.572  -5.152  1.00 75.12  ? 29  HIS A N   1 
ATOM 65   C CA  . HIS A 1 29  ? 9.647   -4.143  -4.886  1.00 75.13  ? 29  HIS A CA  1 
ATOM 66   C C   . HIS A 1 29  ? 9.725   -3.862  -3.390  1.00 71.24  ? 29  HIS A C   1 
ATOM 67   O O   . HIS A 1 29  ? 10.532  -3.036  -2.946  1.00 74.05  ? 29  HIS A O   1 
ATOM 68   C CB  . HIS A 1 29  ? 8.492   -3.374  -5.526  1.00 71.18  ? 29  HIS A CB  1 
ATOM 69   C CG  . HIS A 1 29  ? 8.424   -3.524  -7.014  1.00 73.42  ? 29  HIS A CG  1 
ATOM 70   N ND1 . HIS A 1 29  ? 7.232   -3.554  -7.706  1.00 76.17  ? 29  HIS A ND1 1 
ATOM 71   C CD2 . HIS A 1 29  ? 9.401   -3.651  -7.942  1.00 70.69  ? 29  HIS A CD2 1 
ATOM 72   C CE1 . HIS A 1 29  ? 7.479   -3.693  -8.996  1.00 74.11  ? 29  HIS A CE1 1 
ATOM 73   N NE2 . HIS A 1 29  ? 8.787   -3.755  -9.166  1.00 70.11  ? 29  HIS A NE2 1 
ATOM 74   N N   . LYS A 1 30  ? 8.877   -4.525  -2.599  1.00 55.00  ? 30  LYS A N   1 
ATOM 75   C CA  . LYS A 1 30  ? 8.937   -4.472  -1.136  1.00 58.20  ? 30  LYS A CA  1 
ATOM 76   C C   . LYS A 1 30  ? 8.640   -3.073  -0.596  1.00 60.86  ? 30  LYS A C   1 
ATOM 77   O O   . LYS A 1 30  ? 8.924   -2.768  0.564   1.00 66.68  ? 30  LYS A O   1 
ATOM 78   C CB  . LYS A 1 30  ? 10.291  -4.973  -0.624  1.00 57.02  ? 30  LYS A CB  1 
ATOM 79   C CG  . LYS A 1 30  ? 10.495  -6.475  -0.750  1.00 61.49  ? 30  LYS A CG  1 
ATOM 80   C CD  . LYS A 1 30  ? 11.974  -6.829  -0.781  1.00 62.49  ? 30  LYS A CD  1 
ATOM 81   C CE  . LYS A 1 30  ? 12.302  -7.942  0.201   1.00 63.57  ? 30  LYS A CE  1 
ATOM 82   N NZ  . LYS A 1 30  ? 13.616  -7.728  0.865   1.00 60.14  ? 30  LYS A NZ  1 
ATOM 83   N N   . ILE A 1 31  ? 8.058   -2.215  -1.434  1.00 50.19  ? 31  ILE A N   1 
ATOM 84   C CA  . ILE A 1 31  ? 7.726   -0.854  -1.025  1.00 42.42  ? 31  ILE A CA  1 
ATOM 85   C C   . ILE A 1 31  ? 6.427   -0.444  -1.700  1.00 42.16  ? 31  ILE A C   1 
ATOM 86   O O   . ILE A 1 31  ? 6.240   -0.653  -2.902  1.00 53.77  ? 31  ILE A O   1 
ATOM 87   C CB  . ILE A 1 31  ? 8.878   0.132   -1.354  1.00 54.62  ? 31  ILE A CB  1 
ATOM 88   C CG1 . ILE A 1 31  ? 9.881   0.184   -0.204  1.00 52.76  ? 31  ILE A CG1 1 
ATOM 89   C CG2 . ILE A 1 31  ? 8.337   1.523   -1.608  1.00 59.14  ? 31  ILE A CG2 1 
ATOM 90   C CD1 . ILE A 1 31  ? 9.336   0.870   1.032   1.00 46.82  ? 31  ILE A CD1 1 
ATOM 91   N N   . VAL A 1 32  ? 5.522   0.142   -0.913  1.00 38.50  ? 32  VAL A N   1 
ATOM 92   C CA  . VAL A 1 32  ? 4.293   0.741   -1.411  1.00 44.97  ? 32  VAL A CA  1 
ATOM 93   C C   . VAL A 1 32  ? 4.227   2.174   -0.899  1.00 54.32  ? 32  VAL A C   1 
ATOM 94   O O   . VAL A 1 32  ? 4.443   2.446   0.284   1.00 68.20  ? 32  VAL A O   1 
ATOM 95   C CB  . VAL A 1 32  ? 3.037   -0.050  -0.982  1.00 48.83  ? 32  VAL A CB  1 
ATOM 96   C CG1 . VAL A 1 32  ? 1.777   0.621   -1.510  1.00 56.51  ? 32  VAL A CG1 1 
ATOM 97   C CG2 . VAL A 1 32  ? 3.126   -1.487  -1.462  1.00 51.10  ? 32  VAL A CG2 1 
ATOM 98   N N   . ALA A 1 33  ? 3.924   3.096   -1.810  1.00 48.09  ? 33  ALA A N   1 
ATOM 99   C CA  . ALA A 1 33  ? 3.915   4.519   -1.504  1.00 49.96  ? 33  ALA A CA  1 
ATOM 100  C C   . ALA A 1 33  ? 2.492   4.992   -1.251  1.00 56.67  ? 33  ALA A C   1 
ATOM 101  O O   . ALA A 1 33  ? 1.610   4.821   -2.099  1.00 59.16  ? 33  ALA A O   1 
ATOM 102  C CB  . ALA A 1 33  ? 4.541   5.336   -2.640  1.00 50.03  ? 33  ALA A CB  1 
ATOM 103  N N   . VAL A 1 34  ? 2.275   5.588   -0.083  1.00 50.30  ? 34  VAL A N   1 
ATOM 104  C CA  . VAL A 1 34  ? 0.987   6.153   0.306   1.00 47.19  ? 34  VAL A CA  1 
ATOM 105  C C   . VAL A 1 34  ? 1.066   7.653   0.051   1.00 54.07  ? 34  VAL A C   1 
ATOM 106  O O   . VAL A 1 34  ? 1.524   8.417   0.907   1.00 60.81  ? 34  VAL A O   1 
ATOM 107  C CB  . VAL A 1 34  ? 0.649   5.851   1.770   1.00 51.04  ? 34  VAL A CB  1 
ATOM 108  C CG1 . VAL A 1 34  ? -0.848  5.970   2.014   1.00 54.30  ? 34  VAL A CG1 1 
ATOM 109  C CG2 . VAL A 1 34  ? 1.168   4.477   2.164   1.00 54.54  ? 34  VAL A CG2 1 
ATOM 110  N N   . LEU A 1 35  ? 0.605   8.085   -1.119  1.00 63.31  ? 35  LEU A N   1 
ATOM 111  C CA  . LEU A 1 35  ? 0.666   9.489   -1.504  1.00 63.51  ? 35  LEU A CA  1 
ATOM 112  C C   . LEU A 1 35  ? -0.607  10.196  -1.053  1.00 66.43  ? 35  LEU A C   1 
ATOM 113  O O   . LEU A 1 35  ? -1.705  9.860   -1.509  1.00 67.57  ? 35  LEU A O   1 
ATOM 114  C CB  . LEU A 1 35  ? 0.855   9.629   -3.014  1.00 54.87  ? 35  LEU A CB  1 
ATOM 115  C CG  . LEU A 1 35  ? 1.948   8.763   -3.646  1.00 57.65  ? 35  LEU A CG  1 
ATOM 116  C CD1 . LEU A 1 35  ? 1.725   8.630   -5.142  1.00 64.46  ? 35  LEU A CD1 1 
ATOM 117  C CD2 . LEU A 1 35  ? 3.327   9.330   -3.358  1.00 58.54  ? 35  LEU A CD2 1 
ATOM 118  N N   . ARG A 1 36  ? -0.456  11.174  -0.161  1.00 70.20  ? 36  ARG A N   1 
ATOM 119  C CA  . ARG A 1 36  ? -1.572  11.965  0.347   1.00 69.76  ? 36  ARG A CA  1 
ATOM 120  C C   . ARG A 1 36  ? -1.286  13.431  0.057   1.00 74.32  ? 36  ARG A C   1 
ATOM 121  O O   . ARG A 1 36  ? -0.457  14.051  0.734   1.00 80.54  ? 36  ARG A O   1 
ATOM 122  C CB  . ARG A 1 36  ? -1.783  11.733  1.843   1.00 69.36  ? 36  ARG A CB  1 
ATOM 123  C CG  . ARG A 1 36  ? -1.525  10.305  2.296   1.00 71.44  ? 36  ARG A CG  1 
ATOM 124  C CD  . ARG A 1 36  ? -1.534  10.195  3.815   1.00 75.40  ? 36  ARG A CD  1 
ATOM 125  N NE  . ARG A 1 36  ? -1.745  8.826   4.274   1.00 78.48  ? 36  ARG A NE  1 
ATOM 126  C CZ  . ARG A 1 36  ? -2.887  8.159   4.160   1.00 74.23  ? 36  ARG A CZ  1 
ATOM 127  N NH1 . ARG A 1 36  ? -3.962  8.712   3.625   1.00 71.58  ? 36  ARG A NH1 1 
ATOM 128  N NH2 . ARG A 1 36  ? -2.951  6.904   4.600   1.00 72.31  ? 36  ARG A NH2 1 
ATOM 129  N N   . ALA A 1 37  ? -1.966  13.984  -0.943  1.00 85.41  ? 37  ALA A N   1 
ATOM 130  C CA  . ALA A 1 37  ? -1.777  15.366  -1.353  1.00 85.00  ? 37  ALA A CA  1 
ATOM 131  C C   . ALA A 1 37  ? -3.118  16.080  -1.393  1.00 86.20  ? 37  ALA A C   1 
ATOM 132  O O   . ALA A 1 37  ? -4.158  15.469  -1.658  1.00 89.83  ? 37  ALA A O   1 
ATOM 133  C CB  . ALA A 1 37  ? -1.095  15.461  -2.725  1.00 81.41  ? 37  ALA A CB  1 
ATOM 134  N N   . ASN A 1 38  ? -3.087  17.384  -1.123  1.00 91.35  ? 38  ASN A N   1 
ATOM 135  C CA  . ASN A 1 38  ? -4.295  18.197  -1.157  1.00 93.10  ? 38  ASN A CA  1 
ATOM 136  C C   . ASN A 1 38  ? -4.617  18.728  -2.547  1.00 93.52  ? 38  ASN A C   1 
ATOM 137  O O   . ASN A 1 38  ? -5.675  19.340  -2.726  1.00 96.51  ? 38  ASN A O   1 
ATOM 138  C CB  . ASN A 1 38  ? -4.169  19.365  -0.176  1.00 94.29  ? 38  ASN A CB  1 
ATOM 139  C CG  . ASN A 1 38  ? -4.334  18.936  1.267   1.00 94.80  ? 38  ASN A CG  1 
ATOM 140  O OD1 . ASN A 1 38  ? -4.373  17.743  1.571   1.00 92.03  ? 38  ASN A OD1 1 
ATOM 141  N ND2 . ASN A 1 38  ? -4.434  19.907  2.166   1.00 94.83  ? 38  ASN A ND2 1 
ATOM 142  N N   . SER A 1 39  ? -3.741  18.512  -3.526  1.00 91.25  ? 39  SER A N   1 
ATOM 143  C CA  . SER A 1 39  ? -3.963  18.993  -4.881  1.00 91.29  ? 39  SER A CA  1 
ATOM 144  C C   . SER A 1 39  ? -3.541  17.923  -5.877  1.00 92.49  ? 39  SER A C   1 
ATOM 145  O O   . SER A 1 39  ? -2.703  17.065  -5.585  1.00 95.58  ? 39  SER A O   1 
ATOM 146  C CB  . SER A 1 39  ? -3.206  20.302  -5.149  1.00 87.90  ? 39  SER A CB  1 
ATOM 147  O OG  . SER A 1 39  ? -1.913  20.270  -4.572  1.00 86.71  ? 39  SER A OG  1 
ATOM 148  N N   . VAL A 1 40  ? -4.143  17.985  -7.066  1.00 89.53  ? 40  VAL A N   1 
ATOM 149  C CA  . VAL A 1 40  ? -3.874  16.992  -8.102  1.00 88.19  ? 40  VAL A CA  1 
ATOM 150  C C   . VAL A 1 40  ? -2.453  17.135  -8.636  1.00 89.90  ? 40  VAL A C   1 
ATOM 151  O O   . VAL A 1 40  ? -1.727  16.142  -8.789  1.00 87.59  ? 40  VAL A O   1 
ATOM 152  C CB  . VAL A 1 40  ? -4.920  17.114  -9.225  1.00 87.72  ? 40  VAL A CB  1 
ATOM 153  C CG1 . VAL A 1 40  ? -4.456  16.385  -10.472 1.00 88.62  ? 40  VAL A CG1 1 
ATOM 154  C CG2 . VAL A 1 40  ? -6.268  16.587  -8.756  1.00 82.62  ? 40  VAL A CG2 1 
ATOM 155  N N   . GLU A 1 41  ? -2.035  18.368  -8.937  1.00 91.16  ? 41  GLU A N   1 
ATOM 156  C CA  . GLU A 1 41  ? -0.708  18.589  -9.503  1.00 88.56  ? 41  GLU A CA  1 
ATOM 157  C C   . GLU A 1 41  ? 0.387   18.175  -8.528  1.00 88.72  ? 41  GLU A C   1 
ATOM 158  O O   . GLU A 1 41  ? 1.387   17.567  -8.930  1.00 92.96  ? 41  GLU A O   1 
ATOM 159  C CB  . GLU A 1 41  ? -0.548  20.054  -9.904  1.00 87.55  ? 41  GLU A CB  1 
ATOM 160  C CG  . GLU A 1 41  ? -1.604  20.545  -10.880 1.00 89.89  ? 41  GLU A CG  1 
ATOM 161  C CD  . GLU A 1 41  ? -1.294  20.166  -12.314 1.00 92.19  ? 41  GLU A CD  1 
ATOM 162  O OE1 . GLU A 1 41  ? -0.099  20.031  -12.649 1.00 91.87  ? 41  GLU A OE1 1 
ATOM 163  O OE2 . GLU A 1 41  ? -2.246  20.003  -13.107 1.00 94.57  ? 41  GLU A OE2 1 
ATOM 164  N N   . GLU A 1 42  ? 0.217   18.500  -7.244  1.00 81.31  ? 42  GLU A N   1 
ATOM 165  C CA  . GLU A 1 42  ? 1.182   18.065  -6.239  1.00 84.48  ? 42  GLU A CA  1 
ATOM 166  C C   . GLU A 1 42  ? 1.213   16.547  -6.132  1.00 86.40  ? 42  GLU A C   1 
ATOM 167  O O   . GLU A 1 42  ? 2.284   15.953  -5.953  1.00 86.53  ? 42  GLU A O   1 
ATOM 168  C CB  . GLU A 1 42  ? 0.851   18.696  -4.887  1.00 82.36  ? 42  GLU A CB  1 
ATOM 169  C CG  . GLU A 1 42  ? 1.893   18.448  -3.806  1.00 85.15  ? 42  GLU A CG  1 
ATOM 170  C CD  . GLU A 1 42  ? 3.030   19.452  -3.842  1.00 86.75  ? 42  GLU A CD  1 
ATOM 171  O OE1 . GLU A 1 42  ? 3.656   19.613  -4.911  1.00 85.82  ? 42  GLU A OE1 1 
ATOM 172  O OE2 . GLU A 1 42  ? 3.299   20.082  -2.798  1.00 84.21  ? 42  GLU A OE2 1 
ATOM 173  N N   . ALA A 1 43  ? 0.050   15.900  -6.239  1.00 76.91  ? 43  ALA A N   1 
ATOM 174  C CA  . ALA A 1 43  ? 0.007   14.444  -6.205  1.00 71.45  ? 43  ALA A CA  1 
ATOM 175  C C   . ALA A 1 43  ? 0.786   13.840  -7.366  1.00 78.57  ? 43  ALA A C   1 
ATOM 176  O O   . ALA A 1 43  ? 1.542   12.878  -7.183  1.00 81.42  ? 43  ALA A O   1 
ATOM 177  C CB  . ALA A 1 43  ? -1.443  13.958  -6.219  1.00 71.96  ? 43  ALA A CB  1 
ATOM 178  N N   . LYS A 1 44  ? 0.618   14.393  -8.572  1.00 76.42  ? 44  LYS A N   1 
ATOM 179  C CA  . LYS A 1 44  ? 1.373   13.891  -9.718  1.00 71.71  ? 44  LYS A CA  1 
ATOM 180  C C   . LYS A 1 44  ? 2.868   14.135  -9.550  1.00 69.92  ? 44  LYS A C   1 
ATOM 181  O O   . LYS A 1 44  ? 3.689   13.253  -9.844  1.00 76.50  ? 44  LYS A O   1 
ATOM 182  C CB  . LYS A 1 44  ? 0.871   14.537  -11.008 1.00 70.21  ? 44  LYS A CB  1 
ATOM 183  C CG  . LYS A 1 44  ? -0.526  14.115  -11.421 1.00 72.98  ? 44  LYS A CG  1 
ATOM 184  C CD  . LYS A 1 44  ? -0.583  13.828  -12.912 1.00 76.59  ? 44  LYS A CD  1 
ATOM 185  C CE  . LYS A 1 44  ? -0.495  15.108  -13.728 1.00 77.09  ? 44  LYS A CE  1 
ATOM 186  N NZ  . LYS A 1 44  ? -0.388  14.827  -15.186 1.00 75.54  ? 44  LYS A NZ  1 
ATOM 187  N N   . LYS A 1 45  ? 3.242   15.328  -9.083  1.00 64.87  ? 45  LYS A N   1 
ATOM 188  C CA  . LYS A 1 45  ? 4.649   15.659  -8.899  1.00 67.39  ? 45  LYS A CA  1 
ATOM 189  C C   . LYS A 1 45  ? 5.307   14.825  -7.809  1.00 71.08  ? 45  LYS A C   1 
ATOM 190  O O   . LYS A 1 45  ? 6.522   14.609  -7.863  1.00 72.94  ? 45  LYS A O   1 
ATOM 191  C CB  . LYS A 1 45  ? 4.801   17.147  -8.576  1.00 69.78  ? 45  LYS A CB  1 
ATOM 192  C CG  . LYS A 1 45  ? 4.826   18.045  -9.802  1.00 70.56  ? 45  LYS A CG  1 
ATOM 193  C CD  . LYS A 1 45  ? 4.719   19.511  -9.418  1.00 75.07  ? 45  LYS A CD  1 
ATOM 194  C CE  . LYS A 1 45  ? 5.821   20.333  -10.066 1.00 73.82  ? 45  LYS A CE  1 
ATOM 195  N NZ  . LYS A 1 45  ? 7.129   20.152  -9.378  1.00 74.43  ? 45  LYS A NZ  1 
ATOM 196  N N   . LYS A 1 46  ? 4.538   14.356  -6.827  1.00 68.04  ? 46  LYS A N   1 
ATOM 197  C CA  . LYS A 1 46  ? 5.086   13.482  -5.800  1.00 62.57  ? 46  LYS A CA  1 
ATOM 198  C C   . LYS A 1 46  ? 5.095   12.019  -6.224  1.00 60.25  ? 46  LYS A C   1 
ATOM 199  O O   . LYS A 1 46  ? 5.984   11.269  -5.807  1.00 62.73  ? 46  LYS A O   1 
ATOM 200  C CB  . LYS A 1 46  ? 4.305   13.645  -4.494  1.00 56.44  ? 46  LYS A CB  1 
ATOM 201  C CG  . LYS A 1 46  ? 4.802   14.799  -3.634  1.00 55.71  ? 46  LYS A CG  1 
ATOM 202  C CD  . LYS A 1 46  ? 4.108   14.838  -2.285  1.00 58.35  ? 46  LYS A CD  1 
ATOM 203  C CE  . LYS A 1 46  ? 2.627   15.143  -2.428  1.00 61.52  ? 46  LYS A CE  1 
ATOM 204  N NZ  . LYS A 1 46  ? 1.827   14.496  -1.354  1.00 66.79  ? 46  LYS A NZ  1 
ATOM 205  N N   . ALA A 1 47  ? 4.134   11.597  -7.051  1.00 62.95  ? 47  ALA A N   1 
ATOM 206  C CA  . ALA A 1 47  ? 4.206   10.263  -7.636  1.00 62.25  ? 47  ALA A CA  1 
ATOM 207  C C   . ALA A 1 47  ? 5.419   10.123  -8.546  1.00 67.12  ? 47  ALA A C   1 
ATOM 208  O O   . ALA A 1 47  ? 6.125   9.107   -8.494  1.00 73.37  ? 47  ALA A O   1 
ATOM 209  C CB  . ALA A 1 47  ? 2.923   9.953   -8.406  1.00 59.19  ? 47  ALA A CB  1 
ATOM 210  N N   . LEU A 1 48  ? 5.688   11.137  -9.372  1.00 57.01  ? 48  LEU A N   1 
ATOM 211  C CA  . LEU A 1 48  ? 6.906   11.117  -10.175 1.00 49.98  ? 48  LEU A CA  1 
ATOM 212  C C   . LEU A 1 48  ? 8.142   11.075  -9.285  1.00 52.79  ? 48  LEU A C   1 
ATOM 213  O O   . LEU A 1 48  ? 9.097   10.342  -9.571  1.00 61.79  ? 48  LEU A O   1 
ATOM 214  C CB  . LEU A 1 48  ? 6.950   12.334  -11.100 1.00 52.49  ? 48  LEU A CB  1 
ATOM 215  C CG  . LEU A 1 48  ? 6.405   12.175  -12.524 1.00 54.66  ? 48  LEU A CG  1 
ATOM 216  C CD1 . LEU A 1 48  ? 4.991   11.611  -12.523 1.00 53.22  ? 48  LEU A CD1 1 
ATOM 217  C CD2 . LEU A 1 48  ? 6.456   13.502  -13.266 1.00 56.25  ? 48  LEU A CD2 1 
ATOM 218  N N   . ALA A 1 49  ? 8.133   11.844  -8.193  1.00 49.04  ? 49  ALA A N   1 
ATOM 219  C CA  . ALA A 1 49  ? 9.279   11.877  -7.293  1.00 52.19  ? 49  ALA A CA  1 
ATOM 220  C C   . ALA A 1 49  ? 9.529   10.517  -6.652  1.00 56.49  ? 49  ALA A C   1 
ATOM 221  O O   . ALA A 1 49  ? 10.676  10.058  -6.584  1.00 54.69  ? 49  ALA A O   1 
ATOM 222  C CB  . ALA A 1 49  ? 9.071   12.946  -6.221  1.00 57.38  ? 49  ALA A CB  1 
ATOM 223  N N   . VAL A 1 50  ? 8.473   9.855   -6.172  1.00 61.17  ? 50  VAL A N   1 
ATOM 224  C CA  . VAL A 1 50  ? 8.665   8.554   -5.541  1.00 49.11  ? 50  VAL A CA  1 
ATOM 225  C C   . VAL A 1 50  ? 9.101   7.521   -6.573  1.00 51.56  ? 50  VAL A C   1 
ATOM 226  O O   . VAL A 1 50  ? 9.909   6.634   -6.269  1.00 64.20  ? 50  VAL A O   1 
ATOM 227  C CB  . VAL A 1 50  ? 7.404   8.100   -4.776  1.00 45.82  ? 50  VAL A CB  1 
ATOM 228  C CG1 . VAL A 1 50  ? 7.102   9.045   -3.625  1.00 58.45  ? 50  VAL A CG1 1 
ATOM 229  C CG2 . VAL A 1 50  ? 6.206   7.962   -5.691  1.00 48.35  ? 50  VAL A CG2 1 
ATOM 230  N N   . PHE A 1 51  ? 8.592   7.614   -7.806  1.00 52.09  ? 51  PHE A N   1 
ATOM 231  C CA  . PHE A 1 51  ? 9.013   6.661   -8.829  1.00 50.49  ? 51  PHE A CA  1 
ATOM 232  C C   . PHE A 1 51  ? 10.498  6.832   -9.134  1.00 54.83  ? 51  PHE A C   1 
ATOM 233  O O   . PHE A 1 51  ? 11.256  5.854   -9.152  1.00 57.72  ? 51  PHE A O   1 
ATOM 234  C CB  . PHE A 1 51  ? 8.171   6.835   -10.097 1.00 52.64  ? 51  PHE A CB  1 
ATOM 235  C CG  . PHE A 1 51  ? 8.460   5.819   -11.186 1.00 56.52  ? 51  PHE A CG  1 
ATOM 236  C CD1 . PHE A 1 51  ? 9.248   4.701   -10.949 1.00 57.81  ? 51  PHE A CD1 1 
ATOM 237  C CD2 . PHE A 1 51  ? 7.940   5.994   -12.452 1.00 61.92  ? 51  PHE A CD2 1 
ATOM 238  C CE1 . PHE A 1 51  ? 9.503   3.785   -11.948 1.00 59.96  ? 51  PHE A CE1 1 
ATOM 239  C CE2 . PHE A 1 51  ? 8.188   5.079   -13.457 1.00 65.67  ? 51  PHE A CE2 1 
ATOM 240  C CZ  . PHE A 1 51  ? 8.973   3.975   -13.206 1.00 63.52  ? 51  PHE A CZ  1 
ATOM 241  N N   . LEU A 1 52  ? 10.941  8.075   -9.344  1.00 59.76  ? 52  LEU A N   1 
ATOM 242  C CA  . LEU A 1 52  ? 12.351  8.311   -9.640  1.00 58.07  ? 52  LEU A CA  1 
ATOM 243  C C   . LEU A 1 52  ? 13.267  7.896   -8.495  1.00 59.56  ? 52  LEU A C   1 
ATOM 244  O O   . LEU A 1 52  ? 14.469  7.714   -8.715  1.00 58.86  ? 52  LEU A O   1 
ATOM 245  C CB  . LEU A 1 52  ? 12.587  9.781   -9.987  1.00 55.26  ? 52  LEU A CB  1 
ATOM 246  C CG  . LEU A 1 52  ? 11.809  10.339  -11.181 1.00 53.18  ? 52  LEU A CG  1 
ATOM 247  C CD1 . LEU A 1 52  ? 12.360  11.694  -11.589 1.00 57.37  ? 52  LEU A CD1 1 
ATOM 248  C CD2 . LEU A 1 52  ? 11.845  9.369   -12.351 1.00 49.49  ? 52  LEU A CD2 1 
ATOM 249  N N   . GLY A 1 53  ? 12.732  7.742   -7.287  1.00 52.96  ? 53  GLY A N   1 
ATOM 250  C CA  . GLY A 1 53  ? 13.492  7.209   -6.177  1.00 52.57  ? 53  GLY A CA  1 
ATOM 251  C C   . GLY A 1 53  ? 13.595  5.703   -6.139  1.00 55.38  ? 53  GLY A C   1 
ATOM 252  O O   . GLY A 1 53  ? 14.250  5.156   -5.249  1.00 62.00  ? 53  GLY A O   1 
ATOM 253  N N   . GLY A 1 54  ? 12.967  5.011   -7.087  1.00 51.91  ? 54  GLY A N   1 
ATOM 254  C CA  . GLY A 1 54  ? 12.963  3.564   -7.118  1.00 50.43  ? 54  GLY A CA  1 
ATOM 255  C C   . GLY A 1 54  ? 11.700  2.917   -6.596  1.00 57.29  ? 54  GLY A C   1 
ATOM 256  O O   . GLY A 1 54  ? 11.627  1.682   -6.566  1.00 68.42  ? 54  GLY A O   1 
ATOM 257  N N   . VAL A 1 55  ? 10.706  3.704   -6.189  1.00 63.63  ? 55  VAL A N   1 
ATOM 258  C CA  . VAL A 1 55  ? 9.451   3.172   -5.662  1.00 50.74  ? 55  VAL A CA  1 
ATOM 259  C C   . VAL A 1 55  ? 8.558   2.858   -6.861  1.00 59.77  ? 55  VAL A C   1 
ATOM 260  O O   . VAL A 1 55  ? 7.895   3.742   -7.405  1.00 71.64  ? 55  VAL A O   1 
ATOM 261  C CB  . VAL A 1 55  ? 8.779   4.147   -4.694  1.00 52.08  ? 55  VAL A CB  1 
ATOM 262  C CG1 . VAL A 1 55  ? 7.398   3.652   -4.303  1.00 57.94  ? 55  VAL A CG1 1 
ATOM 263  C CG2 . VAL A 1 55  ? 9.649   4.361   -3.464  1.00 53.44  ? 55  VAL A CG2 1 
ATOM 264  N N   . HIS A 1 56  ? 8.552   1.593   -7.285  1.00 70.70  ? 56  HIS A N   1 
ATOM 265  C CA  . HIS A 1 56  ? 7.753   1.203   -8.442  1.00 70.31  ? 56  HIS A CA  1 
ATOM 266  C C   . HIS A 1 56  ? 6.268   1.129   -8.107  1.00 73.53  ? 56  HIS A C   1 
ATOM 267  O O   . HIS A 1 56  ? 5.428   1.570   -8.901  1.00 76.35  ? 56  HIS A O   1 
ATOM 268  C CB  . HIS A 1 56  ? 8.246   -0.135  -8.992  1.00 70.92  ? 56  HIS A CB  1 
ATOM 269  C CG  . HIS A 1 56  ? 9.356   -0.004  -9.988  1.00 75.10  ? 56  HIS A CG  1 
ATOM 270  N ND1 . HIS A 1 56  ? 9.136   0.015   -11.349 1.00 81.65  ? 56  HIS A ND1 1 
ATOM 271  C CD2 . HIS A 1 56  ? 10.695  0.118   -9.823  1.00 76.93  ? 56  HIS A CD2 1 
ATOM 272  C CE1 . HIS A 1 56  ? 10.291  0.143   -11.978 1.00 78.11  ? 56  HIS A CE1 1 
ATOM 273  N NE2 . HIS A 1 56  ? 11.252  0.207   -11.076 1.00 79.91  ? 56  HIS A NE2 1 
ATOM 274  N N   . LEU A 1 57  ? 5.922   0.574   -6.948  1.00 69.56  ? 57  LEU A N   1 
ATOM 275  C CA  . LEU A 1 57  ? 4.525   0.453   -6.553  1.00 70.43  ? 57  LEU A CA  1 
ATOM 276  C C   . LEU A 1 57  ? 4.025   1.770   -5.971  1.00 72.91  ? 57  LEU A C   1 
ATOM 277  O O   . LEU A 1 57  ? 4.641   2.332   -5.062  1.00 74.88  ? 57  LEU A O   1 
ATOM 278  C CB  . LEU A 1 57  ? 4.345   -0.674  -5.538  1.00 62.36  ? 57  LEU A CB  1 
ATOM 279  C CG  . LEU A 1 57  ? 4.689   -2.088  -6.009  1.00 63.76  ? 57  LEU A CG  1 
ATOM 280  C CD1 . LEU A 1 57  ? 4.950   -2.998  -4.820  1.00 69.87  ? 57  LEU A CD1 1 
ATOM 281  C CD2 . LEU A 1 57  ? 3.580   -2.649  -6.888  1.00 67.82  ? 57  LEU A CD2 1 
ATOM 282  N N   . ILE A 1 58  ? 2.901   2.251   -6.493  1.00 73.95  ? 58  ILE A N   1 
ATOM 283  C CA  . ILE A 1 58  ? 2.306   3.515   -6.080  1.00 69.05  ? 58  ILE A CA  1 
ATOM 284  C C   . ILE A 1 58  ? 0.852   3.264   -5.708  1.00 65.55  ? 58  ILE A C   1 
ATOM 285  O O   . ILE A 1 58  ? 0.150   2.508   -6.387  1.00 66.28  ? 58  ILE A O   1 
ATOM 286  C CB  . ILE A 1 58  ? 2.426   4.584   -7.190  1.00 69.19  ? 58  ILE A CB  1 
ATOM 287  C CG1 . ILE A 1 58  ? 3.781   5.291   -7.101  1.00 66.57  ? 58  ILE A CG1 1 
ATOM 288  C CG2 . ILE A 1 58  ? 1.282   5.586   -7.121  1.00 68.14  ? 58  ILE A CG2 1 
ATOM 289  C CD1 . ILE A 1 58  ? 4.136   6.078   -8.337  1.00 66.24  ? 58  ILE A CD1 1 
ATOM 290  N N   . GLU A 1 59  ? 0.407   3.875   -4.612  1.00 61.26  ? 59  GLU A N   1 
ATOM 291  C CA  . GLU A 1 59  ? -0.974  3.766   -4.159  1.00 61.50  ? 59  GLU A CA  1 
ATOM 292  C C   . GLU A 1 59  ? -1.536  5.166   -3.958  1.00 69.07  ? 59  GLU A C   1 
ATOM 293  O O   . GLU A 1 59  ? -0.932  5.988   -3.259  1.00 74.56  ? 59  GLU A O   1 
ATOM 294  C CB  . GLU A 1 59  ? -1.057  2.938   -2.874  1.00 58.35  ? 59  GLU A CB  1 
ATOM 295  C CG  . GLU A 1 59  ? -2.128  3.372   -1.898  1.00 61.19  ? 59  GLU A CG  1 
ATOM 296  C CD  . GLU A 1 59  ? -1.915  2.776   -0.523  1.00 68.42  ? 59  GLU A CD  1 
ATOM 297  O OE1 . GLU A 1 59  ? -2.428  1.669   -0.268  1.00 71.35  ? 59  GLU A OE1 1 
ATOM 298  O OE2 . GLU A 1 59  ? -1.227  3.409   0.301   1.00 70.02  ? 59  GLU A OE2 1 
ATOM 299  N N   . ILE A 1 60  ? -2.682  5.437   -4.575  1.00 71.70  ? 60  ILE A N   1 
ATOM 300  C CA  . ILE A 1 60  ? -3.310  6.753   -4.545  1.00 65.34  ? 60  ILE A CA  1 
ATOM 301  C C   . ILE A 1 60  ? -4.440  6.712   -3.524  1.00 72.90  ? 60  ILE A C   1 
ATOM 302  O O   . ILE A 1 60  ? -5.402  5.951   -3.679  1.00 78.33  ? 60  ILE A O   1 
ATOM 303  C CB  . ILE A 1 60  ? -3.825  7.166   -5.930  1.00 58.54  ? 60  ILE A CB  1 
ATOM 304  C CG1 . ILE A 1 60  ? -2.654  7.467   -6.868  1.00 66.54  ? 60  ILE A CG1 1 
ATOM 305  C CG2 . ILE A 1 60  ? -4.745  8.374   -5.820  1.00 60.72  ? 60  ILE A CG2 1 
ATOM 306  C CD1 . ILE A 1 60  ? -1.731  8.550   -6.362  1.00 70.48  ? 60  ILE A CD1 1 
ATOM 307  N N   . THR A 1 61  ? -4.331  7.531   -2.485  1.00 65.56  ? 61  THR A N   1 
ATOM 308  C CA  . THR A 1 61  ? -5.381  7.625   -1.481  1.00 60.64  ? 61  THR A CA  1 
ATOM 309  C C   . THR A 1 61  ? -6.559  8.425   -2.022  1.00 63.40  ? 61  THR A C   1 
ATOM 310  O O   . THR A 1 61  ? -6.380  9.435   -2.707  1.00 74.81  ? 61  THR A O   1 
ATOM 311  C CB  . THR A 1 61  ? -4.851  8.278   -0.205  1.00 62.44  ? 61  THR A CB  1 
ATOM 312  O OG1 . THR A 1 61  ? -4.115  9.460   -0.542  1.00 67.39  ? 61  THR A OG1 1 
ATOM 313  C CG2 . THR A 1 61  ? -3.942  7.316   0.542   1.00 66.15  ? 61  THR A CG2 1 
ATOM 314  N N   . PHE A 1 62  ? -7.771  7.965   -1.708  1.00 55.01  ? 62  PHE A N   1 
ATOM 315  C CA  . PHE A 1 62  ? -8.971  8.671   -2.142  1.00 55.81  ? 62  PHE A CA  1 
ATOM 316  C C   . PHE A 1 62  ? -9.194  9.973   -1.387  1.00 62.79  ? 62  PHE A C   1 
ATOM 317  O O   . PHE A 1 62  ? -10.055 10.761  -1.792  1.00 69.82  ? 62  PHE A O   1 
ATOM 318  C CB  . PHE A 1 62  ? -10.196 7.769   -1.999  1.00 60.93  ? 62  PHE A CB  1 
ATOM 319  C CG  . PHE A 1 62  ? -10.700 7.224   -3.304  1.00 64.90  ? 62  PHE A CG  1 
ATOM 320  C CD1 . PHE A 1 62  ? -9.987  6.252   -3.986  1.00 66.50  ? 62  PHE A CD1 1 
ATOM 321  C CD2 . PHE A 1 62  ? -11.884 7.687   -3.853  1.00 66.06  ? 62  PHE A CD2 1 
ATOM 322  C CE1 . PHE A 1 62  ? -10.447 5.750   -5.188  1.00 64.20  ? 62  PHE A CE1 1 
ATOM 323  C CE2 . PHE A 1 62  ? -12.350 7.190   -5.056  1.00 68.38  ? 62  PHE A CE2 1 
ATOM 324  C CZ  . PHE A 1 62  ? -11.630 6.220   -5.724  1.00 66.56  ? 62  PHE A CZ  1 
ATOM 325  N N   . THR A 1 63  ? -8.453  10.215  -0.302  1.00 67.15  ? 63  THR A N   1 
ATOM 326  C CA  . THR A 1 63  ? -8.538  11.499  0.385   1.00 72.76  ? 63  THR A CA  1 
ATOM 327  C C   . THR A 1 63  ? -8.044  12.645  -0.488  1.00 73.19  ? 63  THR A C   1 
ATOM 328  O O   . THR A 1 63  ? -8.442  13.794  -0.267  1.00 71.02  ? 63  THR A O   1 
ATOM 329  C CB  . THR A 1 63  ? -7.739  11.456  1.688   1.00 69.70  ? 63  THR A CB  1 
ATOM 330  O OG1 . THR A 1 63  ? -6.340  11.362  1.392   1.00 71.80  ? 63  THR A OG1 1 
ATOM 331  C CG2 . THR A 1 63  ? -8.156  10.259  2.529   1.00 68.92  ? 63  THR A CG2 1 
ATOM 332  N N   . VAL A 1 64  ? -7.186  12.359  -1.461  1.00 74.05  ? 64  VAL A N   1 
ATOM 333  C CA  . VAL A 1 64  ? -6.756  13.386  -2.417  1.00 72.19  ? 64  VAL A CA  1 
ATOM 334  C C   . VAL A 1 64  ? -7.962  13.844  -3.227  1.00 74.60  ? 64  VAL A C   1 
ATOM 335  O O   . VAL A 1 64  ? -8.746  12.998  -3.701  1.00 72.40  ? 64  VAL A O   1 
ATOM 336  C CB  . VAL A 1 64  ? -5.653  12.834  -3.337  1.00 70.69  ? 64  VAL A CB  1 
ATOM 337  C CG1 . VAL A 1 64  ? -5.216  13.886  -4.346  1.00 77.93  ? 64  VAL A CG1 1 
ATOM 338  C CG2 . VAL A 1 64  ? -4.471  12.341  -2.516  1.00 71.12  ? 64  VAL A CG2 1 
ATOM 339  N N   . PRO A 1 65  ? -8.177  15.148  -3.401  1.00 95.09  ? 65  PRO A N   1 
ATOM 340  C CA  . PRO A 1 65  ? -9.325  15.606  -4.195  1.00 94.44  ? 65  PRO A CA  1 
ATOM 341  C C   . PRO A 1 65  ? -9.249  15.095  -5.628  1.00 96.13  ? 65  PRO A C   1 
ATOM 342  O O   . PRO A 1 65  ? -8.212  15.200  -6.288  1.00 99.46  ? 65  PRO A O   1 
ATOM 343  C CB  . PRO A 1 65  ? -9.204  17.132  -4.126  1.00 91.63  ? 65  PRO A CB  1 
ATOM 344  C CG  . PRO A 1 65  ? -8.492  17.363  -2.823  1.00 93.28  ? 65  PRO A CG  1 
ATOM 345  C CD  . PRO A 1 65  ? -7.443  16.286  -2.825  1.00 95.32  ? 65  PRO A CD  1 
ATOM 346  N N   . ASP A 1 66  ? -10.368 14.544  -6.102  1.00 93.98  ? 66  ASP A N   1 
ATOM 347  C CA  . ASP A 1 66  ? -10.471 13.958  -7.439  1.00 90.61  ? 66  ASP A CA  1 
ATOM 348  C C   . ASP A 1 66  ? -9.390  12.897  -7.656  1.00 85.45  ? 66  ASP A C   1 
ATOM 349  O O   . ASP A 1 66  ? -8.563  12.982  -8.567  1.00 90.06  ? 66  ASP A O   1 
ATOM 350  C CB  . ASP A 1 66  ? -10.413 15.043  -8.519  1.00 96.30  ? 66  ASP A CB  1 
ATOM 351  C CG  . ASP A 1 66  ? -11.641 15.932  -8.518  1.00 97.17  ? 66  ASP A CG  1 
ATOM 352  O OD1 . ASP A 1 66  ? -12.767 15.392  -8.496  1.00 94.86  ? 66  ASP A OD1 1 
ATOM 353  O OD2 . ASP A 1 66  ? -11.481 17.171  -8.538  1.00 95.55  ? 66  ASP A OD2 1 
ATOM 354  N N   . ALA A 1 67  ? -9.411  11.884  -6.785  1.00 81.18  ? 67  ALA A N   1 
ATOM 355  C CA  . ALA A 1 67  ? -8.441  10.799  -6.886  1.00 86.36  ? 67  ALA A CA  1 
ATOM 356  C C   . ALA A 1 67  ? -8.631  9.989   -8.163  1.00 89.20  ? 67  ALA A C   1 
ATOM 357  O O   . ALA A 1 67  ? -7.649  9.507   -8.741  1.00 90.94  ? 67  ALA A O   1 
ATOM 358  C CB  . ALA A 1 67  ? -8.536  9.890   -5.662  1.00 87.98  ? 67  ALA A CB  1 
ATOM 359  N N   . ASP A 1 68  ? -9.878  9.822   -8.611  1.00 92.36  ? 68  ASP A N   1 
ATOM 360  C CA  . ASP A 1 68  ? -10.131 9.104   -9.855  1.00 89.33  ? 68  ASP A CA  1 
ATOM 361  C C   . ASP A 1 68  ? -9.501  9.827   -11.038 1.00 90.74  ? 68  ASP A C   1 
ATOM 362  O O   . ASP A 1 68  ? -8.928  9.197   -11.935 1.00 90.27  ? 68  ASP A O   1 
ATOM 363  C CB  . ASP A 1 68  ? -11.636 8.930   -10.064 1.00 91.24  ? 68  ASP A CB  1 
ATOM 364  C CG  . ASP A 1 68  ? -12.395 10.237  -9.947  1.00 92.84  ? 68  ASP A CG  1 
ATOM 365  O OD1 . ASP A 1 68  ? -13.519 10.323  -10.486 1.00 93.50  ? 68  ASP A OD1 1 
ATOM 366  O OD2 . ASP A 1 68  ? -11.867 11.179  -9.319  1.00 89.91  ? 68  ASP A OD2 1 
ATOM 367  N N   . THR A 1 69  ? -9.598  11.159  -11.055 1.00 90.74  ? 69  THR A N   1 
ATOM 368  C CA  . THR A 1 69  ? -8.953  11.938  -12.107 1.00 88.12  ? 69  THR A CA  1 
ATOM 369  C C   . THR A 1 69  ? -7.440  11.767  -12.062 1.00 86.02  ? 69  THR A C   1 
ATOM 370  O O   . THR A 1 69  ? -6.791  11.629  -13.108 1.00 84.08  ? 69  THR A O   1 
ATOM 371  C CB  . THR A 1 69  ? -9.338  13.414  -11.974 1.00 87.44  ? 69  THR A CB  1 
ATOM 372  O OG1 . THR A 1 69  ? -10.655 13.616  -12.503 1.00 86.10  ? 69  THR A OG1 1 
ATOM 373  C CG2 . THR A 1 69  ? -8.357  14.304  -12.725 1.00 83.20  ? 69  THR A CG2 1 
ATOM 374  N N   . VAL A 1 70  ? -6.862  11.760  -10.859 1.00 90.47  ? 70  VAL A N   1 
ATOM 375  C CA  . VAL A 1 70  ? -5.421  11.565  -10.718 1.00 87.82  ? 70  VAL A CA  1 
ATOM 376  C C   . VAL A 1 70  ? -5.014  10.209  -11.281 1.00 84.45  ? 70  VAL A C   1 
ATOM 377  O O   . VAL A 1 70  ? -4.048  10.097  -12.044 1.00 91.13  ? 70  VAL A O   1 
ATOM 378  C CB  . VAL A 1 70  ? -5.000  11.712  -9.244  1.00 89.78  ? 70  VAL A CB  1 
ATOM 379  C CG1 . VAL A 1 70  ? -3.661  11.031  -8.996  1.00 83.82  ? 70  VAL A CG1 1 
ATOM 380  C CG2 . VAL A 1 70  ? -4.939  13.175  -8.851  1.00 90.71  ? 70  VAL A CG2 1 
ATOM 381  N N   . ILE A 1 71  ? -5.757  9.160   -10.919 1.00 76.86  ? 71  ILE A N   1 
ATOM 382  C CA  . ILE A 1 71  ? -5.432  7.817   -11.389 1.00 79.49  ? 71  ILE A CA  1 
ATOM 383  C C   . ILE A 1 71  ? -5.563  7.729   -12.905 1.00 81.62  ? 71  ILE A C   1 
ATOM 384  O O   . ILE A 1 71  ? -4.708  7.145   -13.582 1.00 78.16  ? 71  ILE A O   1 
ATOM 385  C CB  . ILE A 1 71  ? -6.317  6.776   -10.678 1.00 84.25  ? 71  ILE A CB  1 
ATOM 386  C CG1 . ILE A 1 71  ? -5.941  6.676   -9.198  1.00 84.52  ? 71  ILE A CG1 1 
ATOM 387  C CG2 . ILE A 1 71  ? -6.207  5.418   -11.356 1.00 82.78  ? 71  ILE A CG2 1 
ATOM 388  C CD1 . ILE A 1 71  ? -7.102  6.335   -8.292  1.00 82.88  ? 71  ILE A CD1 1 
ATOM 389  N N   . LYS A 1 72  ? -6.630  8.307   -13.463 1.00 90.29  ? 72  LYS A N   1 
ATOM 390  C CA  . LYS A 1 72  ? -6.836  8.243   -14.906 1.00 90.61  ? 72  LYS A CA  1 
ATOM 391  C C   . LYS A 1 72  ? -5.746  8.994   -15.662 1.00 90.66  ? 72  LYS A C   1 
ATOM 392  O O   . LYS A 1 72  ? -5.250  8.514   -16.687 1.00 87.35  ? 72  LYS A O   1 
ATOM 393  C CB  . LYS A 1 72  ? -8.216  8.798   -15.262 1.00 91.00  ? 72  LYS A CB  1 
ATOM 394  C CG  . LYS A 1 72  ? -8.653  8.513   -16.690 1.00 89.75  ? 72  LYS A CG  1 
ATOM 395  C CD  . LYS A 1 72  ? -8.366  7.073   -17.085 1.00 93.41  ? 72  LYS A CD  1 
ATOM 396  C CE  . LYS A 1 72  ? -9.097  6.698   -18.365 1.00 91.15  ? 72  LYS A CE  1 
ATOM 397  N NZ  . LYS A 1 72  ? -9.109  5.225   -18.588 1.00 89.01  ? 72  LYS A NZ  1 
ATOM 398  N N   . GLU A 1 73  ? -5.357  10.174  -15.173 1.00 96.18  ? 73  GLU A N   1 
ATOM 399  C CA  . GLU A 1 73  ? -4.402  10.993  -15.913 1.00 95.06  ? 73  GLU A CA  1 
ATOM 400  C C   . GLU A 1 73  ? -2.959  10.602  -15.613 1.00 93.50  ? 73  GLU A C   1 
ATOM 401  O O   . GLU A 1 73  ? -2.043  11.058  -16.308 1.00 96.74  ? 73  GLU A O   1 
ATOM 402  C CB  . GLU A 1 73  ? -4.645  12.472  -15.611 1.00 94.04  ? 73  GLU A CB  1 
ATOM 403  C CG  . GLU A 1 73  ? -3.774  13.056  -14.517 1.00 93.63  ? 73  GLU A CG  1 
ATOM 404  C CD  . GLU A 1 73  ? -4.101  14.508  -14.239 1.00 97.48  ? 73  GLU A CD  1 
ATOM 405  O OE1 . GLU A 1 73  ? -4.847  15.113  -15.038 1.00 97.98  ? 73  GLU A OE1 1 
ATOM 406  O OE2 . GLU A 1 73  ? -3.621  15.042  -13.220 1.00 99.29  ? 73  GLU A OE2 1 
ATOM 407  N N   . LEU A 1 74  ? -2.732  9.759   -14.602 1.00 89.85  ? 74  LEU A N   1 
ATOM 408  C CA  . LEU A 1 74  ? -1.398  9.253   -14.302 1.00 87.10  ? 74  LEU A CA  1 
ATOM 409  C C   . LEU A 1 74  ? -1.138  7.907   -14.975 1.00 90.04  ? 74  LEU A C   1 
ATOM 410  O O   . LEU A 1 74  ? -0.317  7.114   -14.500 1.00 91.15  ? 74  LEU A O   1 
ATOM 411  C CB  . LEU A 1 74  ? -1.219  9.181   -12.779 1.00 92.87  ? 74  LEU A CB  1 
ATOM 412  C CG  . LEU A 1 74  ? 0.124   9.245   -12.027 1.00 90.77  ? 74  LEU A CG  1 
ATOM 413  C CD1 . LEU A 1 74  ? -0.150  9.688   -10.599 1.00 92.24  ? 74  LEU A CD1 1 
ATOM 414  C CD2 . LEU A 1 74  ? 0.897   7.940   -11.983 1.00 88.99  ? 74  LEU A CD2 1 
ATOM 415  N N   . SER A 1 75  ? -1.820  7.629   -16.086 1.00 96.84  ? 75  SER A N   1 
ATOM 416  C CA  . SER A 1 75  ? -1.643  6.366   -16.790 1.00 100.09 ? 75  SER A CA  1 
ATOM 417  C C   . SER A 1 75  ? -0.355  6.310   -17.601 1.00 96.73  ? 75  SER A C   1 
ATOM 418  O O   . SER A 1 75  ? 0.054   5.216   -18.003 1.00 94.91  ? 75  SER A O   1 
ATOM 419  C CB  . SER A 1 75  ? -2.838  6.105   -17.710 1.00 100.01 ? 75  SER A CB  1 
ATOM 420  O OG  . SER A 1 75  ? -3.073  7.210   -18.564 1.00 94.25  ? 75  SER A OG  1 
ATOM 421  N N   . PHE A 1 76  ? 0.290   7.453   -17.847 1.00 87.48  ? 76  PHE A N   1 
ATOM 422  C CA  . PHE A 1 76  ? 1.553   7.450   -18.577 1.00 85.46  ? 76  PHE A CA  1 
ATOM 423  C C   . PHE A 1 76  ? 2.666   6.771   -17.792 1.00 84.70  ? 76  PHE A C   1 
ATOM 424  O O   . PHE A 1 76  ? 3.616   6.264   -18.396 1.00 88.00  ? 76  PHE A O   1 
ATOM 425  C CB  . PHE A 1 76  ? 1.968   8.881   -18.927 1.00 86.83  ? 76  PHE A CB  1 
ATOM 426  C CG  . PHE A 1 76  ? 2.069   9.798   -17.738 1.00 89.09  ? 76  PHE A CG  1 
ATOM 427  C CD1 . PHE A 1 76  ? 3.240   9.872   -16.999 1.00 89.16  ? 76  PHE A CD1 1 
ATOM 428  C CD2 . PHE A 1 76  ? 0.998   10.591  -17.362 1.00 91.07  ? 76  PHE A CD2 1 
ATOM 429  C CE1 . PHE A 1 76  ? 3.339   10.712  -15.906 1.00 90.22  ? 76  PHE A CE1 1 
ATOM 430  C CE2 . PHE A 1 76  ? 1.091   11.435  -16.270 1.00 90.27  ? 76  PHE A CE2 1 
ATOM 431  C CZ  . PHE A 1 76  ? 2.262   11.495  -15.541 1.00 88.29  ? 76  PHE A CZ  1 
ATOM 432  N N   . LEU A 1 77  ? 2.567   6.751   -16.463 1.00 85.58  ? 77  LEU A N   1 
ATOM 433  C CA  . LEU A 1 77  ? 3.605   6.160   -15.631 1.00 87.41  ? 77  LEU A CA  1 
ATOM 434  C C   . LEU A 1 77  ? 3.552   4.639   -15.630 1.00 91.82  ? 77  LEU A C   1 
ATOM 435  O O   . LEU A 1 77  ? 4.529   3.997   -15.230 1.00 91.80  ? 77  LEU A O   1 
ATOM 436  C CB  . LEU A 1 77  ? 3.479   6.682   -14.200 1.00 88.28  ? 77  LEU A CB  1 
ATOM 437  C CG  . LEU A 1 77  ? 4.779   6.854   -13.419 1.00 87.14  ? 77  LEU A CG  1 
ATOM 438  C CD1 . LEU A 1 77  ? 5.592   7.995   -14.009 1.00 85.75  ? 77  LEU A CD1 1 
ATOM 439  C CD2 . LEU A 1 77  ? 4.503   7.089   -11.942 1.00 89.26  ? 77  LEU A CD2 1 
ATOM 440  N N   . LYS A 1 78  ? 2.436   4.055   -16.071 1.00 96.13  ? 78  LYS A N   1 
ATOM 441  C CA  . LYS A 1 78  ? 2.305   2.603   -16.096 1.00 92.61  ? 78  LYS A CA  1 
ATOM 442  C C   . LYS A 1 78  ? 3.250   1.971   -17.109 1.00 93.34  ? 78  LYS A C   1 
ATOM 443  O O   . LYS A 1 78  ? 3.746   0.860   -16.887 1.00 91.53  ? 78  LYS A O   1 
ATOM 444  C CB  . LYS A 1 78  ? 0.858   2.224   -16.413 1.00 89.99  ? 78  LYS A CB  1 
ATOM 445  C CG  . LYS A 1 78  ? 0.008   1.906   -15.196 1.00 93.75  ? 78  LYS A CG  1 
ATOM 446  C CD  . LYS A 1 78  ? -1.234  1.127   -15.595 1.00 97.03  ? 78  LYS A CD  1 
ATOM 447  C CE  . LYS A 1 78  ? -2.127  0.864   -14.397 1.00 93.83  ? 78  LYS A CE  1 
ATOM 448  N NZ  . LYS A 1 78  ? -3.255  -0.048  -14.735 1.00 89.60  ? 78  LYS A NZ  1 
ATOM 449  N N   . GLU A 1 79  ? 3.505   2.660   -18.224 1.00 92.69  ? 79  GLU A N   1 
ATOM 450  C CA  . GLU A 1 79  ? 4.321   2.085   -19.290 1.00 94.16  ? 79  GLU A CA  1 
ATOM 451  C C   . GLU A 1 79  ? 5.773   1.923   -18.861 1.00 96.32  ? 79  GLU A C   1 
ATOM 452  O O   . GLU A 1 79  ? 6.447   0.974   -19.281 1.00 97.20  ? 79  GLU A O   1 
ATOM 453  C CB  . GLU A 1 79  ? 4.227   2.953   -20.547 1.00 95.35  ? 79  GLU A CB  1 
ATOM 454  C CG  . GLU A 1 79  ? 2.849   3.560   -20.826 1.00 94.08  ? 79  GLU A CG  1 
ATOM 455  C CD  . GLU A 1 79  ? 1.734   2.535   -21.020 1.00 95.96  ? 79  GLU A CD  1 
ATOM 456  O OE1 . GLU A 1 79  ? 1.993   1.313   -20.984 1.00 94.30  ? 79  GLU A OE1 1 
ATOM 457  O OE2 . GLU A 1 79  ? 0.577   2.965   -21.212 1.00 96.68  ? 79  GLU A OE2 1 
ATOM 458  N N   . MET A 1 80  ? 6.277   2.833   -18.027 1.00 88.84  ? 80  MET A N   1 
ATOM 459  C CA  . MET A 1 80  ? 7.675   2.783   -17.621 1.00 90.93  ? 80  MET A CA  1 
ATOM 460  C C   . MET A 1 80  ? 7.934   1.808   -16.481 1.00 88.91  ? 80  MET A C   1 
ATOM 461  O O   . MET A 1 80  ? 9.084   1.679   -16.050 1.00 89.47  ? 80  MET A O   1 
ATOM 462  C CB  . MET A 1 80  ? 8.166   4.180   -17.230 1.00 87.55  ? 80  MET A CB  1 
ATOM 463  C CG  . MET A 1 80  ? 8.725   4.976   -18.402 1.00 88.85  ? 80  MET A CG  1 
ATOM 464  S SD  . MET A 1 80  ? 9.186   6.673   -17.996 1.00 96.98  ? 80  MET A SD  1 
ATOM 465  C CE  . MET A 1 80  ? 9.581   6.526   -16.257 1.00 88.58  ? 80  MET A CE  1 
ATOM 466  N N   . GLY A 1 81  ? 6.905   1.129   -15.979 1.00 81.77  ? 81  GLY A N   1 
ATOM 467  C CA  . GLY A 1 81  ? 7.108   0.094   -14.987 1.00 82.69  ? 81  GLY A CA  1 
ATOM 468  C C   . GLY A 1 81  ? 6.658   0.480   -13.594 1.00 88.26  ? 81  GLY A C   1 
ATOM 469  O O   . GLY A 1 81  ? 7.233   0.027   -12.602 1.00 89.48  ? 81  GLY A O   1 
ATOM 470  N N   . ALA A 1 82  ? 5.629   1.318   -13.507 1.00 90.99  ? 82  ALA A N   1 
ATOM 471  C CA  . ALA A 1 82  ? 5.086   1.769   -12.235 1.00 86.23  ? 82  ALA A CA  1 
ATOM 472  C C   . ALA A 1 82  ? 3.657   1.267   -12.101 1.00 85.87  ? 82  ALA A C   1 
ATOM 473  O O   . ALA A 1 82  ? 2.829   1.493   -12.990 1.00 89.94  ? 82  ALA A O   1 
ATOM 474  C CB  . ALA A 1 82  ? 5.132   3.294   -12.124 1.00 83.77  ? 82  ALA A CB  1 
ATOM 475  N N   . ILE A 1 83  ? 3.372   0.593   -10.993 1.00 76.20  ? 83  ILE A N   1 
ATOM 476  C CA  . ILE A 1 83  ? 2.059   0.016   -10.735 1.00 76.66  ? 83  ILE A CA  1 
ATOM 477  C C   . ILE A 1 83  ? 1.336   0.917   -9.746  1.00 81.59  ? 83  ILE A C   1 
ATOM 478  O O   . ILE A 1 83  ? 1.775   1.074   -8.600  1.00 89.86  ? 83  ILE A O   1 
ATOM 479  C CB  . ILE A 1 83  ? 2.170   -1.420  -10.198 1.00 77.56  ? 83  ILE A CB  1 
ATOM 480  C CG1 . ILE A 1 83  ? 2.992   -2.290  -11.150 1.00 85.21  ? 83  ILE A CG1 1 
ATOM 481  C CG2 . ILE A 1 83  ? 0.791   -2.020  -10.012 1.00 75.32  ? 83  ILE A CG2 1 
ATOM 482  C CD1 . ILE A 1 83  ? 4.411   -2.539  -10.678 1.00 85.27  ? 83  ILE A CD1 1 
ATOM 483  N N   . ILE A 1 84  ? 0.224   1.505   -10.180 1.00 76.57  ? 84  ILE A N   1 
ATOM 484  C CA  . ILE A 1 84  ? -0.526  2.464   -9.381  1.00 78.36  ? 84  ILE A CA  1 
ATOM 485  C C   . ILE A 1 84  ? -1.867  1.852   -9.002  1.00 80.14  ? 84  ILE A C   1 
ATOM 486  O O   . ILE A 1 84  ? -2.418  1.029   -9.742  1.00 82.63  ? 84  ILE A O   1 
ATOM 487  C CB  . ILE A 1 84  ? -0.711  3.806   -10.123 1.00 76.99  ? 84  ILE A CB  1 
ATOM 488  C CG1 . ILE A 1 84  ? -1.816  3.708   -11.175 1.00 78.98  ? 84  ILE A CG1 1 
ATOM 489  C CG2 . ILE A 1 84  ? 0.598   4.251   -10.757 1.00 79.59  ? 84  ILE A CG2 1 
ATOM 490  C CD1 . ILE A 1 84  ? -2.603  4.979   -11.343 1.00 82.02  ? 84  ILE A CD1 1 
ATOM 491  N N   . GLY A 1 85  ? -2.380  2.241   -7.833  1.00 72.52  ? 85  GLY A N   1 
ATOM 492  C CA  . GLY A 1 85  ? -3.631  1.706   -7.335  1.00 66.40  ? 85  GLY A CA  1 
ATOM 493  C C   . GLY A 1 85  ? -4.300  2.675   -6.385  1.00 63.97  ? 85  GLY A C   1 
ATOM 494  O O   . GLY A 1 85  ? -3.733  3.700   -6.000  1.00 70.59  ? 85  GLY A O   1 
ATOM 495  N N   . ALA A 1 86  ? -5.532  2.334   -6.012  1.00 50.00  ? 86  ALA A N   1 
ATOM 496  C CA  . ALA A 1 86  ? -6.314  3.180   -5.126  1.00 52.50  ? 86  ALA A CA  1 
ATOM 497  C C   . ALA A 1 86  ? -5.963  2.909   -3.663  1.00 52.93  ? 86  ALA A C   1 
ATOM 498  O O   . ALA A 1 86  ? -5.260  1.952   -3.324  1.00 62.74  ? 86  ALA A O   1 
ATOM 499  C CB  . ALA A 1 86  ? -7.808  2.963   -5.358  1.00 53.62  ? 86  ALA A CB  1 
ATOM 500  N N   . GLY A 1 87  ? -6.466  3.774   -2.794  1.00 51.00  ? 87  GLY A N   1 
ATOM 501  C CA  . GLY A 1 87  ? -6.272  3.616   -1.362  1.00 53.64  ? 87  GLY A CA  1 
ATOM 502  C C   . GLY A 1 87  ? -7.416  4.246   -0.604  1.00 57.99  ? 87  GLY A C   1 
ATOM 503  O O   . GLY A 1 87  ? -8.052  5.194   -1.079  1.00 63.30  ? 87  GLY A O   1 
ATOM 504  N N   . THR A 1 88  ? -7.677  3.716   0.590   1.00 47.67  ? 88  THR A N   1 
ATOM 505  C CA  . THR A 1 88  ? -8.754  4.184   1.464   1.00 39.65  ? 88  THR A CA  1 
ATOM 506  C C   . THR A 1 88  ? -10.098 4.156   0.732   1.00 38.64  ? 88  THR A C   1 
ATOM 507  O O   . THR A 1 88  ? -10.739 5.182   0.495   1.00 40.25  ? 88  THR A O   1 
ATOM 508  C CB  . THR A 1 88  ? -8.448  5.582   2.011   1.00 40.26  ? 88  THR A CB  1 
ATOM 509  O OG1 . THR A 1 88  ? -7.061  5.664   2.362   1.00 46.02  ? 88  THR A OG1 1 
ATOM 510  C CG2 . THR A 1 88  ? -9.289  5.868   3.248   1.00 40.04  ? 88  THR A CG2 1 
ATOM 511  N N   . VAL A 1 89  ? -10.512 2.947   0.370   1.00 55.48  ? 89  VAL A N   1 
ATOM 512  C CA  . VAL A 1 89  ? -11.745 2.729   -0.385  1.00 56.16  ? 89  VAL A CA  1 
ATOM 513  C C   . VAL A 1 89  ? -12.781 2.208   0.606   1.00 66.18  ? 89  VAL A C   1 
ATOM 514  O O   . VAL A 1 89  ? -12.885 1.008   0.863   1.00 62.86  ? 89  VAL A O   1 
ATOM 515  C CB  . VAL A 1 89  ? -11.531 1.770   -1.555  1.00 54.37  ? 89  VAL A CB  1 
ATOM 516  C CG1 . VAL A 1 89  ? -12.795 1.664   -2.389  1.00 60.87  ? 89  VAL A CG1 1 
ATOM 517  C CG2 . VAL A 1 89  ? -10.359 2.231   -2.410  1.00 57.38  ? 89  VAL A CG2 1 
ATOM 518  N N   . THR A 1 90  ? -13.574 3.125   1.158   1.00 72.29  ? 90  THR A N   1 
ATOM 519  C CA  . THR A 1 90  ? -14.574 2.789   2.161   1.00 68.49  ? 90  THR A CA  1 
ATOM 520  C C   . THR A 1 90  ? -15.974 2.637   1.575   1.00 70.85  ? 90  THR A C   1 
ATOM 521  O O   . THR A 1 90  ? -16.943 2.535   2.334   1.00 75.17  ? 90  THR A O   1 
ATOM 522  C CB  . THR A 1 90  ? -14.588 3.845   3.269   1.00 68.74  ? 90  THR A CB  1 
ATOM 523  O OG1 . THR A 1 90  ? -14.933 5.120   2.715   1.00 74.73  ? 90  THR A OG1 1 
ATOM 524  C CG2 . THR A 1 90  ? -13.221 3.937   3.934   1.00 65.91  ? 90  THR A CG2 1 
ATOM 525  N N   . SER A 1 91  ? -16.103 2.624   0.250   1.00 69.58  ? 91  SER A N   1 
ATOM 526  C CA  . SER A 1 91  ? -17.403 2.458   -0.384  1.00 71.43  ? 91  SER A CA  1 
ATOM 527  C C   . SER A 1 91  ? -17.224 1.711   -1.697  1.00 75.35  ? 91  SER A C   1 
ATOM 528  O O   . SER A 1 91  ? -16.134 1.681   -2.276  1.00 84.57  ? 91  SER A O   1 
ATOM 529  C CB  . SER A 1 91  ? -18.089 3.808   -0.622  1.00 71.51  ? 91  SER A CB  1 
ATOM 530  O OG  . SER A 1 91  ? -18.608 4.335   0.586   1.00 80.20  ? 91  SER A OG  1 
ATOM 531  N N   . VAL A 1 92  ? -18.315 1.101   -2.164  1.00 79.64  ? 92  VAL A N   1 
ATOM 532  C CA  . VAL A 1 92  ? -18.258 0.361   -3.419  1.00 82.69  ? 92  VAL A CA  1 
ATOM 533  C C   . VAL A 1 92  ? -18.221 1.309   -4.616  1.00 80.88  ? 92  VAL A C   1 
ATOM 534  O O   . VAL A 1 92  ? -17.695 0.951   -5.676  1.00 79.63  ? 92  VAL A O   1 
ATOM 535  C CB  . VAL A 1 92  ? -19.431 -0.633  -3.513  1.00 80.09  ? 92  VAL A CB  1 
ATOM 536  C CG1 . VAL A 1 92  ? -20.704 0.062   -3.976  1.00 83.07  ? 92  VAL A CG1 1 
ATOM 537  C CG2 . VAL A 1 92  ? -19.076 -1.782  -4.445  1.00 78.69  ? 92  VAL A CG2 1 
ATOM 538  N N   . GLU A 1 93  ? -18.768 2.520   -4.476  1.00 82.58  ? 93  GLU A N   1 
ATOM 539  C CA  . GLU A 1 93  ? -18.669 3.497   -5.555  1.00 85.60  ? 93  GLU A CA  1 
ATOM 540  C C   . GLU A 1 93  ? -17.228 3.939   -5.774  1.00 81.73  ? 93  GLU A C   1 
ATOM 541  O O   . GLU A 1 93  ? -16.793 4.088   -6.922  1.00 80.27  ? 93  GLU A O   1 
ATOM 542  C CB  . GLU A 1 93  ? -19.572 4.698   -5.264  1.00 87.19  ? 93  GLU A CB  1 
ATOM 543  C CG  . GLU A 1 93  ? -19.381 5.321   -3.890  1.00 85.02  ? 93  GLU A CG  1 
ATOM 544  C CD  . GLU A 1 93  ? -18.504 6.557   -3.926  1.00 81.46  ? 93  GLU A CD  1 
ATOM 545  O OE1 . GLU A 1 93  ? -18.237 7.065   -5.034  1.00 76.33  ? 93  GLU A OE1 1 
ATOM 546  O OE2 . GLU A 1 93  ? -18.089 7.025   -2.845  1.00 82.82  ? 93  GLU A OE2 1 
ATOM 547  N N   . GLN A 1 94  ? -16.470 4.135   -4.693  1.00 78.52  ? 94  GLN A N   1 
ATOM 548  C CA  . GLN A 1 94  ? -15.045 4.409   -4.831  1.00 75.40  ? 94  GLN A CA  1 
ATOM 549  C C   . GLN A 1 94  ? -14.312 3.243   -5.479  1.00 78.18  ? 94  GLN A C   1 
ATOM 550  O O   . GLN A 1 94  ? -13.419 3.460   -6.303  1.00 84.19  ? 94  GLN A O   1 
ATOM 551  C CB  . GLN A 1 94  ? -14.433 4.729   -3.466  1.00 74.48  ? 94  GLN A CB  1 
ATOM 552  C CG  . GLN A 1 94  ? -15.061 5.924   -2.769  1.00 77.60  ? 94  GLN A CG  1 
ATOM 553  C CD  . GLN A 1 94  ? -14.446 6.199   -1.411  1.00 78.35  ? 94  GLN A CD  1 
ATOM 554  O OE1 . GLN A 1 94  ? -13.607 5.438   -0.931  1.00 78.72  ? 94  GLN A OE1 1 
ATOM 555  N NE2 . GLN A 1 94  ? -14.864 7.292   -0.783  1.00 73.97  ? 94  GLN A NE2 1 
ATOM 556  N N   . CYS A 1 95  ? -14.685 2.008   -5.133  1.00 78.22  ? 95  CYS A N   1 
ATOM 557  C CA  . CYS A 1 95  ? -14.073 0.841   -5.760  1.00 79.95  ? 95  CYS A CA  1 
ATOM 558  C C   . CYS A 1 95  ? -14.343 0.807   -7.259  1.00 85.71  ? 95  CYS A C   1 
ATOM 559  O O   . CYS A 1 95  ? -13.435 0.523   -8.052  1.00 86.35  ? 95  CYS A O   1 
ATOM 560  C CB  . CYS A 1 95  ? -14.586 -0.437  -5.096  1.00 83.38  ? 95  CYS A CB  1 
ATOM 561  S SG  . CYS A 1 95  ? -13.534 -1.885  -5.341  1.00 102.93 ? 95  CYS A SG  1 
ATOM 562  N N   . ARG A 1 96  ? -15.585 1.083   -7.667  1.00 89.37  ? 96  ARG A N   1 
ATOM 563  C CA  . ARG A 1 96  ? -15.906 1.059   -9.092  1.00 86.62  ? 96  ARG A CA  1 
ATOM 564  C C   . ARG A 1 96  ? -15.207 2.195   -9.832  1.00 90.34  ? 96  ARG A C   1 
ATOM 565  O O   . ARG A 1 96  ? -14.724 2.007   -10.956 1.00 90.92  ? 96  ARG A O   1 
ATOM 566  C CB  . ARG A 1 96  ? -17.424 1.100   -9.301  1.00 87.34  ? 96  ARG A CB  1 
ATOM 567  C CG  . ARG A 1 96  ? -18.066 2.479   -9.282  1.00 88.49  ? 96  ARG A CG  1 
ATOM 568  C CD  . ARG A 1 96  ? -19.537 2.475   -9.712  1.00 89.51  ? 96  ARG A CD  1 
ATOM 569  N NE  . ARG A 1 96  ? -20.400 1.659   -8.863  1.00 96.08  ? 96  ARG A NE  1 
ATOM 570  C CZ  . ARG A 1 96  ? -20.657 0.371   -9.054  1.00 94.43  ? 96  ARG A CZ  1 
ATOM 571  N NH1 . ARG A 1 96  ? -20.166 -0.286  -10.093 1.00 93.87  ? 96  ARG A NH1 1 
ATOM 572  N NH2 . ARG A 1 96  ? -21.439 -0.269  -8.191  1.00 85.58  ? 96  ARG A NH2 1 
ATOM 573  N N   . LYS A 1 97  ? -15.111 3.372   -9.208  1.00 86.89  ? 97  LYS A N   1 
ATOM 574  C CA  . LYS A 1 97  ? -14.401 4.481   -9.838  1.00 82.68  ? 97  LYS A CA  1 
ATOM 575  C C   . LYS A 1 97  ? -12.913 4.175   -9.955  1.00 81.35  ? 97  LYS A C   1 
ATOM 576  O O   . LYS A 1 97  ? -12.250 4.603   -10.907 1.00 83.46  ? 97  LYS A O   1 
ATOM 577  C CB  . LYS A 1 97  ? -14.631 5.770   -9.049  1.00 80.69  ? 97  LYS A CB  1 
ATOM 578  C CG  . LYS A 1 97  ? -16.025 6.354   -9.216  1.00 82.85  ? 97  LYS A CG  1 
ATOM 579  C CD  . LYS A 1 97  ? -16.330 7.380   -8.139  1.00 84.82  ? 97  LYS A CD  1 
ATOM 580  C CE  . LYS A 1 97  ? -17.783 7.822   -8.198  1.00 86.72  ? 97  LYS A CE  1 
ATOM 581  N NZ  . LYS A 1 97  ? -17.955 9.234   -7.760  1.00 83.26  ? 97  LYS A NZ  1 
ATOM 582  N N   . ALA A 1 98  ? -12.368 3.433   -8.988  1.00 77.95  ? 98  ALA A N   1 
ATOM 583  C CA  . ALA A 1 98  ? -10.960 3.059   -9.048  1.00 78.82  ? 98  ALA A CA  1 
ATOM 584  C C   . ALA A 1 98  ? -10.701 2.036   -10.147 1.00 81.55  ? 98  ALA A C   1 
ATOM 585  O O   . ALA A 1 98  ? -9.756  2.187   -10.929 1.00 85.08  ? 98  ALA A O   1 
ATOM 586  C CB  . ALA A 1 98  ? -10.505 2.518   -7.695  1.00 82.12  ? 98  ALA A CB  1 
ATOM 587  N N   . VAL A 1 99  ? -11.527 0.988   -10.224 1.00 84.21  ? 99  VAL A N   1 
ATOM 588  C CA  . VAL A 1 99  ? -11.284 -0.055  -11.219 1.00 85.17  ? 99  VAL A CA  1 
ATOM 589  C C   . VAL A 1 99  ? -11.535 0.480   -12.625 1.00 86.01  ? 99  VAL A C   1 
ATOM 590  O O   . VAL A 1 99  ? -10.834 0.110   -13.576 1.00 86.83  ? 99  VAL A O   1 
ATOM 591  C CB  . VAL A 1 99  ? -12.128 -1.312  -10.927 1.00 88.43  ? 99  VAL A CB  1 
ATOM 592  C CG1 . VAL A 1 99  ? -11.637 -1.999  -9.657  1.00 86.75  ? 99  VAL A CG1 1 
ATOM 593  C CG2 . VAL A 1 99  ? -13.605 -0.983  -10.844 1.00 88.87  ? 99  VAL A CG2 1 
ATOM 594  N N   . GLU A 1 100 ? -12.532 1.355   -12.786 1.00 86.34  ? 100 GLU A N   1 
ATOM 595  C CA  . GLU A 1 100 ? -12.777 1.952   -14.094 1.00 86.29  ? 100 GLU A CA  1 
ATOM 596  C C   . GLU A 1 100 ? -11.685 2.936   -14.496 1.00 88.57  ? 100 GLU A C   1 
ATOM 597  O O   . GLU A 1 100 ? -11.580 3.276   -15.680 1.00 87.30  ? 100 GLU A O   1 
ATOM 598  C CB  . GLU A 1 100 ? -14.138 2.651   -14.113 1.00 85.42  ? 100 GLU A CB  1 
ATOM 599  C CG  . GLU A 1 100 ? -15.324 1.705   -14.046 1.00 87.25  ? 100 GLU A CG  1 
ATOM 600  C CD  . GLU A 1 100 ? -16.650 2.433   -14.089 1.00 89.95  ? 100 GLU A CD  1 
ATOM 601  O OE1 . GLU A 1 100 ? -16.643 3.674   -14.220 1.00 86.25  ? 100 GLU A OE1 1 
ATOM 602  O OE2 . GLU A 1 100 ? -17.701 1.765   -13.994 1.00 93.29  ? 100 GLU A OE2 1 
ATOM 603  N N   . SER A 1 101 ? -10.874 3.401   -13.546 1.00 90.03  ? 101 SER A N   1 
ATOM 604  C CA  . SER A 1 101 ? -9.793  4.339   -13.821 1.00 86.79  ? 101 SER A CA  1 
ATOM 605  C C   . SER A 1 101 ? -8.469  3.631   -14.088 1.00 86.67  ? 101 SER A C   1 
ATOM 606  O O   . SER A 1 101 ? -7.445  4.292   -14.288 1.00 89.10  ? 101 SER A O   1 
ATOM 607  C CB  . SER A 1 101 ? -9.640  5.330   -12.666 1.00 87.63  ? 101 SER A CB  1 
ATOM 608  O OG  . SER A 1 101 ? -10.741 6.220   -12.604 1.00 87.57  ? 101 SER A OG  1 
ATOM 609  N N   . GLY A 1 102 ? -8.473  2.302   -14.099 1.00 83.02  ? 102 GLY A N   1 
ATOM 610  C CA  . GLY A 1 102 ? -7.272  1.532   -14.336 1.00 84.08  ? 102 GLY A CA  1 
ATOM 611  C C   . GLY A 1 102 ? -6.430  1.234   -13.116 1.00 84.43  ? 102 GLY A C   1 
ATOM 612  O O   . GLY A 1 102 ? -5.287  0.789   -13.273 1.00 82.93  ? 102 GLY A O   1 
ATOM 613  N N   . ALA A 1 103 ? -6.950  1.461   -11.911 1.00 84.37  ? 103 ALA A N   1 
ATOM 614  C CA  . ALA A 1 103 ? -6.190  1.198   -10.697 1.00 85.01  ? 103 ALA A CA  1 
ATOM 615  C C   . ALA A 1 103 ? -6.047  -0.304  -10.480 1.00 81.48  ? 103 ALA A C   1 
ATOM 616  O O   . ALA A 1 103 ? -7.020  -1.058  -10.582 1.00 76.57  ? 103 ALA A O   1 
ATOM 617  C CB  . ALA A 1 103 ? -6.871  1.842   -9.492  1.00 82.51  ? 103 ALA A CB  1 
ATOM 618  N N   . GLU A 1 104 ? -4.821  -0.739  -10.180 1.00 82.37  ? 104 GLU A N   1 
ATOM 619  C CA  . GLU A 1 104 ? -4.512  -2.155  -10.024 1.00 75.91  ? 104 GLU A CA  1 
ATOM 620  C C   . GLU A 1 104 ? -4.522  -2.599  -8.564  1.00 83.64  ? 104 GLU A C   1 
ATOM 621  O O   . GLU A 1 104 ? -4.266  -3.771  -8.274  1.00 83.55  ? 104 GLU A O   1 
ATOM 622  C CB  . GLU A 1 104 ? -3.166  -2.486  -10.671 1.00 74.60  ? 104 GLU A CB  1 
ATOM 623  C CG  . GLU A 1 104 ? -3.249  -2.713  -12.174 1.00 85.12  ? 104 GLU A CG  1 
ATOM 624  C CD  . GLU A 1 104 ? -1.983  -2.318  -12.900 1.00 89.31  ? 104 GLU A CD  1 
ATOM 625  O OE1 . GLU A 1 104 ? -1.248  -1.446  -12.391 1.00 87.02  ? 104 GLU A OE1 1 
ATOM 626  O OE2 . GLU A 1 104 ? -1.726  -2.873  -13.991 1.00 84.83  ? 104 GLU A OE2 1 
ATOM 627  N N   . PHE A 1 105 ? -4.820  -1.693  -7.638  1.00 82.80  ? 105 PHE A N   1 
ATOM 628  C CA  . PHE A 1 105 ? -4.970  -2.060  -6.239  1.00 76.31  ? 105 PHE A CA  1 
ATOM 629  C C   . PHE A 1 105 ? -6.247  -1.441  -5.699  1.00 76.45  ? 105 PHE A C   1 
ATOM 630  O O   . PHE A 1 105 ? -6.651  -0.352  -6.111  1.00 82.28  ? 105 PHE A O   1 
ATOM 631  C CB  . PHE A 1 105 ? -3.785  -1.604  -5.375  1.00 73.24  ? 105 PHE A CB  1 
ATOM 632  C CG  . PHE A 1 105 ? -2.476  -2.240  -5.737  1.00 73.82  ? 105 PHE A CG  1 
ATOM 633  C CD1 . PHE A 1 105 ? -2.195  -3.540  -5.354  1.00 70.70  ? 105 PHE A CD1 1 
ATOM 634  C CD2 . PHE A 1 105 ? -1.514  -1.528  -6.432  1.00 80.08  ? 105 PHE A CD2 1 
ATOM 635  C CE1 . PHE A 1 105 ? -0.987  -4.122  -5.671  1.00 74.29  ? 105 PHE A CE1 1 
ATOM 636  C CE2 . PHE A 1 105 ? -0.305  -2.106  -6.752  1.00 83.91  ? 105 PHE A CE2 1 
ATOM 637  C CZ  . PHE A 1 105 ? -0.040  -3.407  -6.373  1.00 84.83  ? 105 PHE A CZ  1 
ATOM 638  N N   . ILE A 1 106 ? -6.887  -2.156  -4.779  1.00 56.19  ? 106 ILE A N   1 
ATOM 639  C CA  . ILE A 1 106 ? -7.990  -1.623  -3.989  1.00 62.94  ? 106 ILE A CA  1 
ATOM 640  C C   . ILE A 1 106 ? -7.612  -1.773  -2.526  1.00 64.22  ? 106 ILE A C   1 
ATOM 641  O O   . ILE A 1 106 ? -7.688  -2.874  -1.970  1.00 61.88  ? 106 ILE A O   1 
ATOM 642  C CB  . ILE A 1 106 ? -9.320  -2.340  -4.283  1.00 68.65  ? 106 ILE A CB  1 
ATOM 643  C CG1 . ILE A 1 106 ? -9.583  -2.364  -5.791  1.00 63.85  ? 106 ILE A CG1 1 
ATOM 644  C CG2 . ILE A 1 106 ? -10.460 -1.672  -3.537  1.00 68.54  ? 106 ILE A CG2 1 
ATOM 645  C CD1 . ILE A 1 106 ? -10.071 -1.044  -6.355  1.00 61.05  ? 106 ILE A CD1 1 
ATOM 646  N N   . VAL A 1 107 ? -7.196  -0.672  -1.906  1.00 57.24  ? 107 VAL A N   1 
ATOM 647  C CA  . VAL A 1 107 ? -6.685  -0.676  -0.543  1.00 52.39  ? 107 VAL A CA  1 
ATOM 648  C C   . VAL A 1 107 ? -7.667  0.082   0.332   1.00 55.06  ? 107 VAL A C   1 
ATOM 649  O O   . VAL A 1 107 ? -8.029  1.222   0.018   1.00 60.83  ? 107 VAL A O   1 
ATOM 650  C CB  . VAL A 1 107 ? -5.286  -0.036  -0.454  1.00 54.52  ? 107 VAL A CB  1 
ATOM 651  C CG1 . VAL A 1 107 ? -4.944  0.270   0.996   1.00 55.17  ? 107 VAL A CG1 1 
ATOM 652  C CG2 . VAL A 1 107 ? -4.241  -0.943  -1.087  1.00 52.56  ? 107 VAL A CG2 1 
ATOM 653  N N   . SER A 1 108 ? -8.101  -0.547  1.415   1.00 46.51  ? 108 SER A N   1 
ATOM 654  C CA  . SER A 1 108 ? -9.018  0.060   2.362   1.00 48.05  ? 108 SER A CA  1 
ATOM 655  C C   . SER A 1 108 ? -8.592  -0.246  3.790   1.00 47.19  ? 108 SER A C   1 
ATOM 656  O O   . SER A 1 108 ? -7.994  -1.294  4.060   1.00 55.31  ? 108 SER A O   1 
ATOM 657  C CB  . SER A 1 108 ? -10.449 -0.450  2.137   1.00 49.98  ? 108 SER A CB  1 
ATOM 658  O OG  . SER A 1 108 ? -10.474 -1.863  2.036   1.00 48.23  ? 108 SER A OG  1 
ATOM 659  N N   . PRO A 1 109 ? -8.884  0.654   4.733   1.00 45.91  ? 109 PRO A N   1 
ATOM 660  C CA  . PRO A 1 109 ? -8.831  0.249   6.145   1.00 58.35  ? 109 PRO A CA  1 
ATOM 661  C C   . PRO A 1 109 ? -10.014 -0.620  6.525   1.00 61.23  ? 109 PRO A C   1 
ATOM 662  O O   . PRO A 1 109 ? -10.136 -1.038  7.683   1.00 53.79  ? 109 PRO A O   1 
ATOM 663  C CB  . PRO A 1 109 ? -8.832  1.588   6.892   1.00 55.57  ? 109 PRO A CB  1 
ATOM 664  C CG  . PRO A 1 109 ? -9.556  2.518   5.974   1.00 57.31  ? 109 PRO A CG  1 
ATOM 665  C CD  . PRO A 1 109 ? -9.233  2.076   4.571   1.00 53.75  ? 109 PRO A CD  1 
ATOM 666  N N   . HIS A 1 110 ? -10.892 -0.902  5.564   1.00 77.94  ? 110 HIS A N   1 
ATOM 667  C CA  . HIS A 1 110 ? -12.105 -1.679  5.776   1.00 73.67  ? 110 HIS A CA  1 
ATOM 668  C C   . HIS A 1 110 ? -11.810 -3.164  5.927   1.00 69.05  ? 110 HIS A C   1 
ATOM 669  O O   . HIS A 1 110 ? -10.664 -3.604  5.791   1.00 71.79  ? 110 HIS A O   1 
ATOM 670  C CB  . HIS A 1 110 ? -13.066 -1.494  4.599   1.00 81.43  ? 110 HIS A CB  1 
ATOM 671  C CG  . HIS A 1 110 ? -14.165 -0.512  4.855   1.00 81.57  ? 110 HIS A CG  1 
ATOM 672  N ND1 . HIS A 1 110 ? -15.232 -0.350  3.997   1.00 86.62  ? 110 HIS A ND1 1 
ATOM 673  C CD2 . HIS A 1 110 ? -14.344 0.385   5.850   1.00 77.82  ? 110 HIS A CD2 1 
ATOM 674  C CE1 . HIS A 1 110 ? -16.036 0.584   4.471   1.00 82.24  ? 110 HIS A CE1 1 
ATOM 675  N NE2 . HIS A 1 110 ? -15.519 1.048   5.593   1.00 79.83  ? 110 HIS A NE2 1 
ATOM 676  N N   . LEU A 1 111 ? -12.856 -3.937  6.212   1.00 68.66  ? 111 LEU A N   1 
ATOM 677  C CA  . LEU A 1 111 ? -12.890 -5.375  5.967   1.00 74.29  ? 111 LEU A CA  1 
ATOM 678  C C   . LEU A 1 111 ? -14.243 -5.640  5.305   1.00 76.87  ? 111 LEU A C   1 
ATOM 679  O O   . LEU A 1 111 ? -14.985 -6.553  5.672   1.00 78.08  ? 111 LEU A O   1 
ATOM 680  C CB  . LEU A 1 111 ? -12.707 -6.181  7.253   1.00 74.80  ? 111 LEU A CB  1 
ATOM 681  C CG  . LEU A 1 111 ? -11.967 -7.519  7.131   1.00 73.86  ? 111 LEU A CG  1 
ATOM 682  C CD1 . LEU A 1 111 ? -11.729 -8.101  8.507   1.00 72.48  ? 111 LEU A CD1 1 
ATOM 683  C CD2 . LEU A 1 111 ? -12.683 -8.530  6.244   1.00 75.37  ? 111 LEU A CD2 1 
ATOM 684  N N   . ASP A 1 112 ? -14.570 -4.796  4.330   1.00 84.88  ? 112 ASP A N   1 
ATOM 685  C CA  . ASP A 1 112 ? -15.896 -4.805  3.735   1.00 84.84  ? 112 ASP A CA  1 
ATOM 686  C C   . ASP A 1 112 ? -16.129 -6.096  2.962   1.00 86.10  ? 112 ASP A C   1 
ATOM 687  O O   . ASP A 1 112 ? -15.329 -6.483  2.105   1.00 89.87  ? 112 ASP A O   1 
ATOM 688  C CB  . ASP A 1 112 ? -16.064 -3.596  2.813   1.00 84.15  ? 112 ASP A CB  1 
ATOM 689  C CG  . ASP A 1 112 ? -17.519 -3.286  2.508   1.00 83.80  ? 112 ASP A CG  1 
ATOM 690  O OD1 . ASP A 1 112 ? -18.338 -4.226  2.439   1.00 83.62  ? 112 ASP A OD1 1 
ATOM 691  O OD2 . ASP A 1 112 ? -17.845 -2.093  2.336   1.00 85.73  ? 112 ASP A OD2 1 
ATOM 692  N N   . GLU A 1 113 ? -17.239 -6.765  3.275   1.00 89.92  ? 113 GLU A N   1 
ATOM 693  C CA  . GLU A 1 113 ? -17.595 -7.981  2.555   1.00 90.02  ? 113 GLU A CA  1 
ATOM 694  C C   . GLU A 1 113 ? -18.144 -7.658  1.171   1.00 97.44  ? 113 GLU A C   1 
ATOM 695  O O   . GLU A 1 113 ? -18.023 -8.468  0.244   1.00 97.51  ? 113 GLU A O   1 
ATOM 696  C CB  . GLU A 1 113 ? -18.609 -8.787  3.367   1.00 91.00  ? 113 GLU A CB  1 
ATOM 697  C CG  . GLU A 1 113 ? -18.060 -9.319  4.682   1.00 96.81  ? 113 GLU A CG  1 
ATOM 698  C CD  . GLU A 1 113 ? -18.391 -8.422  5.860   1.00 99.03  ? 113 GLU A CD  1 
ATOM 699  O OE1 . GLU A 1 113 ? -18.860 -7.287  5.631   1.00 97.70  ? 113 GLU A OE1 1 
ATOM 700  O OE2 . GLU A 1 113 ? -18.181 -8.850  7.014   1.00 94.70  ? 113 GLU A OE2 1 
ATOM 701  N N   . GLU A 1 114 ? -18.749 -6.482  1.012   1.00 94.92  ? 114 GLU A N   1 
ATOM 702  C CA  . GLU A 1 114 ? -19.320 -6.062  -0.261  1.00 91.20  ? 114 GLU A CA  1 
ATOM 703  C C   . GLU A 1 114 ? -18.272 -5.553  -1.245  1.00 87.65  ? 114 GLU A C   1 
ATOM 704  O O   . GLU A 1 114 ? -18.542 -5.521  -2.451  1.00 89.96  ? 114 GLU A O   1 
ATOM 705  C CB  . GLU A 1 114 ? -20.380 -4.982  -0.027  1.00 90.67  ? 114 GLU A CB  1 
ATOM 706  C CG  . GLU A 1 114 ? -21.641 -5.160  -0.856  1.00 91.31  ? 114 GLU A CG  1 
ATOM 707  C CD  . GLU A 1 114 ? -21.496 -4.611  -2.261  1.00 92.99  ? 114 GLU A CD  1 
ATOM 708  O OE1 . GLU A 1 114 ? -20.996 -3.475  -2.407  1.00 89.54  ? 114 GLU A OE1 1 
ATOM 709  O OE2 . GLU A 1 114 ? -21.882 -5.313  -3.218  1.00 92.20  ? 114 GLU A OE2 1 
ATOM 710  N N   . ILE A 1 115 ? -17.092 -5.164  -0.770  1.00 79.62  ? 115 ILE A N   1 
ATOM 711  C CA  . ILE A 1 115 ? -16.007 -4.721  -1.631  1.00 83.55  ? 115 ILE A CA  1 
ATOM 712  C C   . ILE A 1 115 ? -15.092 -5.876  -2.019  1.00 81.81  ? 115 ILE A C   1 
ATOM 713  O O   . ILE A 1 115 ? -14.633 -5.951  -3.160  1.00 84.65  ? 115 ILE A O   1 
ATOM 714  C CB  . ILE A 1 115 ? -15.204 -3.580  -0.967  1.00 84.78  ? 115 ILE A CB  1 
ATOM 715  C CG1 . ILE A 1 115 ? -16.096 -2.356  -0.748  1.00 82.58  ? 115 ILE A CG1 1 
ATOM 716  C CG2 . ILE A 1 115 ? -13.995 -3.202  -1.810  1.00 79.79  ? 115 ILE A CG2 1 
ATOM 717  C CD1 . ILE A 1 115 ? -15.460 -1.281  0.105   1.00 77.57  ? 115 ILE A CD1 1 
ATOM 718  N N   . SER A 1 116 ? -14.825 -6.791  -1.084  1.00 76.40  ? 116 SER A N   1 
ATOM 719  C CA  . SER A 1 116 ? -14.020 -7.965  -1.407  1.00 77.80  ? 116 SER A CA  1 
ATOM 720  C C   . SER A 1 116 ? -14.705 -8.831  -2.457  1.00 84.64  ? 116 SER A C   1 
ATOM 721  O O   . SER A 1 116 ? -14.053 -9.330  -3.383  1.00 86.63  ? 116 SER A O   1 
ATOM 722  C CB  . SER A 1 116 ? -13.746 -8.774  -0.139  1.00 81.38  ? 116 SER A CB  1 
ATOM 723  O OG  . SER A 1 116 ? -13.505 -10.136 -0.447  1.00 83.64  ? 116 SER A OG  1 
ATOM 724  N N   . GLN A 1 117 ? -16.021 -9.021  -2.329  1.00 89.97  ? 117 GLN A N   1 
ATOM 725  C CA  . GLN A 1 117 ? -16.758 -9.792  -3.325  1.00 92.13  ? 117 GLN A CA  1 
ATOM 726  C C   . GLN A 1 117 ? -16.722 -9.109  -4.686  1.00 95.18  ? 117 GLN A C   1 
ATOM 727  O O   . GLN A 1 117 ? -16.569 -9.774  -5.718  1.00 92.36  ? 117 GLN A O   1 
ATOM 728  C CB  . GLN A 1 117 ? -18.200 -10.000 -2.861  1.00 87.71  ? 117 GLN A CB  1 
ATOM 729  C CG  . GLN A 1 117 ? -19.073 -10.770 -3.842  1.00 87.36  ? 117 GLN A CG  1 
ATOM 730  C CD  . GLN A 1 117 ? -19.876 -9.859  -4.750  1.00 91.41  ? 117 GLN A CD  1 
ATOM 731  O OE1 . GLN A 1 117 ? -19.952 -8.650  -4.526  1.00 88.84  ? 117 GLN A OE1 1 
ATOM 732  N NE2 . GLN A 1 117 ? -20.478 -10.435 -5.783  1.00 92.23  ? 117 GLN A NE2 1 
ATOM 733  N N   . PHE A 1 118 ? -16.864 -7.783  -4.709  1.00 88.64  ? 118 PHE A N   1 
ATOM 734  C CA  . PHE A 1 118 ? -16.799 -7.048  -5.969  1.00 84.42  ? 118 PHE A CA  1 
ATOM 735  C C   . PHE A 1 118 ? -15.423 -7.192  -6.611  1.00 83.71  ? 118 PHE A C   1 
ATOM 736  O O   . PHE A 1 118 ? -15.314 -7.387  -7.828  1.00 85.98  ? 118 PHE A O   1 
ATOM 737  C CB  . PHE A 1 118 ? -17.169 -5.578  -5.717  1.00 84.80  ? 118 PHE A CB  1 
ATOM 738  C CG  . PHE A 1 118 ? -16.912 -4.643  -6.882  1.00 84.16  ? 118 PHE A CG  1 
ATOM 739  C CD1 . PHE A 1 118 ? -17.979 -4.067  -7.552  1.00 83.84  ? 118 PHE A CD1 1 
ATOM 740  C CD2 . PHE A 1 118 ? -15.626 -4.257  -7.237  1.00 85.47  ? 118 PHE A CD2 1 
ATOM 741  C CE1 . PHE A 1 118 ? -17.770 -3.193  -8.602  1.00 88.21  ? 118 PHE A CE1 1 
ATOM 742  C CE2 . PHE A 1 118 ? -15.411 -3.384  -8.285  1.00 87.28  ? 118 PHE A CE2 1 
ATOM 743  C CZ  . PHE A 1 118 ? -16.484 -2.848  -8.965  1.00 89.58  ? 118 PHE A CZ  1 
ATOM 744  N N   . CYS A 1 119 ? -14.362 -7.093  -5.807  1.00 81.76  ? 119 CYS A N   1 
ATOM 745  C CA  . CYS A 1 119 ? -13.011 -7.240  -6.339  1.00 81.44  ? 119 CYS A CA  1 
ATOM 746  C C   . CYS A 1 119 ? -12.773 -8.649  -6.868  1.00 81.81  ? 119 CYS A C   1 
ATOM 747  O O   . CYS A 1 119 ? -12.123 -8.827  -7.905  1.00 85.26  ? 119 CYS A O   1 
ATOM 748  C CB  . CYS A 1 119 ? -11.984 -6.885  -5.265  1.00 80.85  ? 119 CYS A CB  1 
ATOM 749  S SG  . CYS A 1 119 ? -11.986 -5.142  -4.782  1.00 83.54  ? 119 CYS A SG  1 
ATOM 750  N N   . LYS A 1 120 ? -13.283 -9.663  -6.165  1.00 84.10  ? 120 LYS A N   1 
ATOM 751  C CA  . LYS A 1 120 ? -13.160 -11.034 -6.650  1.00 89.48  ? 120 LYS A CA  1 
ATOM 752  C C   . LYS A 1 120 ? -13.920 -11.225 -7.956  1.00 90.97  ? 120 LYS A C   1 
ATOM 753  O O   . LYS A 1 120 ? -13.441 -11.909 -8.869  1.00 87.25  ? 120 LYS A O   1 
ATOM 754  C CB  . LYS A 1 120 ? -13.658 -12.014 -5.589  1.00 87.86  ? 120 LYS A CB  1 
ATOM 755  C CG  . LYS A 1 120 ? -12.552 -12.663 -4.772  1.00 90.50  ? 120 LYS A CG  1 
ATOM 756  C CD  . LYS A 1 120 ? -13.090 -13.804 -3.925  1.00 90.48  ? 120 LYS A CD  1 
ATOM 757  C CE  . LYS A 1 120 ? -11.982 -14.470 -3.125  1.00 87.40  ? 120 LYS A CE  1 
ATOM 758  N NZ  . LYS A 1 120 ? -10.785 -14.751 -3.963  1.00 87.56  ? 120 LYS A NZ  1 
ATOM 759  N N   . GLU A 1 121 ? -15.114 -10.635 -8.061  1.00 90.78  ? 121 GLU A N   1 
ATOM 760  C CA  . GLU A 1 121 ? -15.895 -10.745 -9.288  1.00 89.57  ? 121 GLU A CA  1 
ATOM 761  C C   . GLU A 1 121 ? -15.191 -10.067 -10.456 1.00 90.24  ? 121 GLU A C   1 
ATOM 762  O O   . GLU A 1 121 ? -15.157 -10.607 -11.569 1.00 88.73  ? 121 GLU A O   1 
ATOM 763  C CB  . GLU A 1 121 ? -17.288 -10.150 -9.073  1.00 88.83  ? 121 GLU A CB  1 
ATOM 764  C CG  . GLU A 1 121 ? -18.141 -10.053 -10.330 1.00 89.47  ? 121 GLU A CG  1 
ATOM 765  C CD  . GLU A 1 121 ? -18.023 -8.706  -11.019 1.00 92.31  ? 121 GLU A CD  1 
ATOM 766  O OE1 . GLU A 1 121 ? -18.209 -7.674  -10.342 1.00 92.89  ? 121 GLU A OE1 1 
ATOM 767  O OE2 . GLU A 1 121 ? -17.742 -8.681  -12.235 1.00 91.69  ? 121 GLU A OE2 1 
ATOM 768  N N   . LYS A 1 122 ? -14.623 -8.886  -10.226 1.00 90.20  ? 122 LYS A N   1 
ATOM 769  C CA  . LYS A 1 122 ? -13.933 -8.145  -11.273 1.00 86.72  ? 122 LYS A CA  1 
ATOM 770  C C   . LYS A 1 122 ? -12.473 -8.555  -11.428 1.00 86.36  ? 122 LYS A C   1 
ATOM 771  O O   . LYS A 1 122 ? -11.798 -8.059  -12.335 1.00 83.21  ? 122 LYS A O   1 
ATOM 772  C CB  . LYS A 1 122 ? -14.022 -6.639  -11.001 1.00 84.79  ? 122 LYS A CB  1 
ATOM 773  C CG  . LYS A 1 122 ? -14.083 -5.788  -12.260 1.00 85.30  ? 122 LYS A CG  1 
ATOM 774  C CD  . LYS A 1 122 ? -14.803 -4.473  -12.011 1.00 87.55  ? 122 LYS A CD  1 
ATOM 775  C CE  . LYS A 1 122 ? -16.312 -4.656  -12.071 1.00 87.54  ? 122 LYS A CE  1 
ATOM 776  N NZ  . LYS A 1 122 ? -17.029 -3.352  -12.113 1.00 87.36  ? 122 LYS A NZ  1 
ATOM 777  N N   . GLY A 1 123 ? -11.978 -9.448  -10.577 1.00 88.92  ? 123 GLY A N   1 
ATOM 778  C CA  . GLY A 1 123 ? -10.612 -9.930  -10.695 1.00 90.27  ? 123 GLY A CA  1 
ATOM 779  C C   . GLY A 1 123 ? -9.543  -8.885  -10.457 1.00 91.68  ? 123 GLY A C   1 
ATOM 780  O O   . GLY A 1 123 ? -8.510  -8.897  -11.138 1.00 91.54  ? 123 GLY A O   1 
ATOM 781  N N   . VAL A 1 124 ? -9.762  -7.981  -9.507  1.00 86.06  ? 124 VAL A N   1 
ATOM 782  C CA  . VAL A 1 124 ? -8.777  -6.970  -9.148  1.00 82.45  ? 124 VAL A CA  1 
ATOM 783  C C   . VAL A 1 124 ? -8.264  -7.271  -7.746  1.00 86.69  ? 124 VAL A C   1 
ATOM 784  O O   . VAL A 1 124 ? -8.966  -7.860  -6.915  1.00 87.88  ? 124 VAL A O   1 
ATOM 785  C CB  . VAL A 1 124 ? -9.351  -5.539  -9.238  1.00 81.11  ? 124 VAL A CB  1 
ATOM 786  C CG1 . VAL A 1 124 ? -10.087 -5.347  -10.555 1.00 83.00  ? 124 VAL A CG1 1 
ATOM 787  C CG2 . VAL A 1 124 ? -10.271 -5.248  -8.064  1.00 81.96  ? 124 VAL A CG2 1 
ATOM 788  N N   . PHE A 1 125 ? -7.018  -6.880  -7.493  1.00 78.01  ? 125 PHE A N   1 
ATOM 789  C CA  . PHE A 1 125 ? -6.393  -7.166  -6.210  1.00 78.24  ? 125 PHE A CA  1 
ATOM 790  C C   . PHE A 1 125 ? -7.004  -6.303  -5.112  1.00 81.33  ? 125 PHE A C   1 
ATOM 791  O O   . PHE A 1 125 ? -7.228  -5.103  -5.293  1.00 86.77  ? 125 PHE A O   1 
ATOM 792  C CB  . PHE A 1 125 ? -4.886  -6.930  -6.289  1.00 77.34  ? 125 PHE A CB  1 
ATOM 793  C CG  . PHE A 1 125 ? -4.115  -7.567  -5.170  1.00 76.96  ? 125 PHE A CG  1 
ATOM 794  C CD1 . PHE A 1 125 ? -4.441  -8.838  -4.726  1.00 80.33  ? 125 PHE A CD1 1 
ATOM 795  C CD2 . PHE A 1 125 ? -3.065  -6.899  -4.565  1.00 77.81  ? 125 PHE A CD2 1 
ATOM 796  C CE1 . PHE A 1 125 ? -3.735  -9.430  -3.698  1.00 82.31  ? 125 PHE A CE1 1 
ATOM 797  C CE2 . PHE A 1 125 ? -2.355  -7.486  -3.535  1.00 77.51  ? 125 PHE A CE2 1 
ATOM 798  C CZ  . PHE A 1 125 ? -2.690  -8.753  -3.104  1.00 79.18  ? 125 PHE A CZ  1 
ATOM 799  N N   . TYR A 1 126 ? -7.272  -6.924  -3.964  1.00 63.64  ? 126 TYR A N   1 
ATOM 800  C CA  . TYR A 1 126 ? -7.871  -6.246  -2.819  1.00 68.10  ? 126 TYR A CA  1 
ATOM 801  C C   . TYR A 1 126 ? -7.182  -6.723  -1.549  1.00 71.88  ? 126 TYR A C   1 
ATOM 802  O O   . TYR A 1 126 ? -7.294  -7.896  -1.181  1.00 74.49  ? 126 TYR A O   1 
ATOM 803  C CB  . TYR A 1 126 ? -9.375  -6.507  -2.746  1.00 68.48  ? 126 TYR A CB  1 
ATOM 804  C CG  . TYR A 1 126 ? -10.031 -5.956  -1.501  1.00 68.40  ? 126 TYR A CG  1 
ATOM 805  C CD1 . TYR A 1 126 ? -10.254 -4.594  -1.355  1.00 65.00  ? 126 TYR A CD1 1 
ATOM 806  C CD2 . TYR A 1 126 ? -10.425 -6.798  -0.470  1.00 65.03  ? 126 TYR A CD2 1 
ATOM 807  C CE1 . TYR A 1 126 ? -10.851 -4.085  -0.217  1.00 70.67  ? 126 TYR A CE1 1 
ATOM 808  C CE2 . TYR A 1 126 ? -11.023 -6.299  0.672   1.00 65.98  ? 126 TYR A CE2 1 
ATOM 809  C CZ  . TYR A 1 126 ? -11.233 -4.943  0.793   1.00 70.55  ? 126 TYR A CZ  1 
ATOM 810  O OH  . TYR A 1 126 ? -11.829 -4.441  1.928   1.00 66.36  ? 126 TYR A OH  1 
ATOM 811  N N   . MET A 1 127 ? -6.470  -5.819  -0.883  1.00 60.93  ? 127 MET A N   1 
ATOM 812  C CA  . MET A 1 127 ? -5.851  -6.116  0.404   1.00 57.70  ? 127 MET A CA  1 
ATOM 813  C C   . MET A 1 127 ? -6.584  -5.377  1.517   1.00 59.01  ? 127 MET A C   1 
ATOM 814  O O   . MET A 1 127 ? -6.645  -4.137  1.499   1.00 73.75  ? 127 MET A O   1 
ATOM 815  C CB  . MET A 1 127 ? -4.362  -5.754  0.388   1.00 56.85  ? 127 MET A CB  1 
ATOM 816  C CG  . MET A 1 127 ? -4.040  -4.300  0.077   1.00 53.39  ? 127 MET A CG  1 
ATOM 817  S SD  . MET A 1 127 ? -2.288  -3.902  0.233   1.00 49.62  ? 127 MET A SD  1 
ATOM 818  C CE  . MET A 1 127 ? -1.740  -5.198  1.340   1.00 54.08  ? 127 MET A CE  1 
ATOM 819  N N   . PRO A 1 128 ? -7.185  -6.078  2.473   1.00 47.78  ? 128 PRO A N   1 
ATOM 820  C CA  . PRO A 1 128 ? -7.916  -5.397  3.544   1.00 50.88  ? 128 PRO A CA  1 
ATOM 821  C C   . PRO A 1 128 ? -7.016  -5.062  4.723   1.00 54.43  ? 128 PRO A C   1 
ATOM 822  O O   . PRO A 1 128 ? -5.933  -5.620  4.901   1.00 61.89  ? 128 PRO A O   1 
ATOM 823  C CB  . PRO A 1 128 ? -8.991  -6.416  3.947   1.00 57.68  ? 128 PRO A CB  1 
ATOM 824  C CG  . PRO A 1 128 ? -8.672  -7.699  3.176   1.00 59.62  ? 128 PRO A CG  1 
ATOM 825  C CD  . PRO A 1 128 ? -7.312  -7.538  2.573   1.00 56.31  ? 128 PRO A CD  1 
ATOM 826  N N   . GLY A 1 129 ? -7.496  -4.124  5.539   1.00 61.26  ? 129 GLY A N   1 
ATOM 827  C CA  . GLY A 1 129 ? -6.797  -3.708  6.733   1.00 60.03  ? 129 GLY A CA  1 
ATOM 828  C C   . GLY A 1 129 ? -7.367  -4.389  7.960   1.00 60.36  ? 129 GLY A C   1 
ATOM 829  O O   . GLY A 1 129 ? -8.553  -4.248  8.266   1.00 58.71  ? 129 GLY A O   1 
ATOM 830  N N   . VAL A 1 130 ? -6.513  -5.130  8.662   1.00 61.20  ? 130 VAL A N   1 
ATOM 831  C CA  . VAL A 1 130 ? -6.908  -5.886  9.844   1.00 59.37  ? 130 VAL A CA  1 
ATOM 832  C C   . VAL A 1 130 ? -5.984  -5.521  10.997  1.00 64.74  ? 130 VAL A C   1 
ATOM 833  O O   . VAL A 1 130 ? -4.783  -5.305  10.801  1.00 72.50  ? 130 VAL A O   1 
ATOM 834  C CB  . VAL A 1 130 ? -6.886  -7.408  9.586   1.00 55.50  ? 130 VAL A CB  1 
ATOM 835  C CG1 . VAL A 1 130 ? -7.961  -7.790  8.580   1.00 59.93  ? 130 VAL A CG1 1 
ATOM 836  C CG2 . VAL A 1 130 ? -5.515  -7.848  9.097   1.00 54.55  ? 130 VAL A CG2 1 
ATOM 837  N N   . MET A 1 131 ? -6.553  -5.437  12.201  1.00 53.76  ? 131 MET A N   1 
ATOM 838  C CA  . MET A 1 131 ? -5.794  -5.122  13.400  1.00 50.94  ? 131 MET A CA  1 
ATOM 839  C C   . MET A 1 131 ? -5.942  -6.150  14.513  1.00 62.20  ? 131 MET A C   1 
ATOM 840  O O   . MET A 1 131 ? -5.149  -6.121  15.460  1.00 69.31  ? 131 MET A O   1 
ATOM 841  C CB  . MET A 1 131 ? -6.204  -3.744  13.947  1.00 51.24  ? 131 MET A CB  1 
ATOM 842  C CG  . MET A 1 131 ? -5.088  -2.994  14.654  1.00 51.10  ? 131 MET A CG  1 
ATOM 843  S SD  . MET A 1 131 ? -5.710  -1.867  15.915  1.00 72.10  ? 131 MET A SD  1 
ATOM 844  C CE  . MET A 1 131 ? -4.178  -1.274  16.627  1.00 60.46  ? 131 MET A CE  1 
ATOM 845  N N   . THR A 1 132 ? -6.917  -7.049  14.428  1.00 61.82  ? 132 THR A N   1 
ATOM 846  C CA  . THR A 1 132 ? -7.178  -8.038  15.461  1.00 56.73  ? 132 THR A CA  1 
ATOM 847  C C   . THR A 1 132 ? -7.246  -9.428  14.851  1.00 56.73  ? 132 THR A C   1 
ATOM 848  O O   . THR A 1 132 ? -7.520  -9.575  13.655  1.00 56.35  ? 132 THR A O   1 
ATOM 849  C CB  . THR A 1 132 ? -8.495  -7.739  16.194  1.00 55.57  ? 132 THR A CB  1 
ATOM 850  O OG1 . THR A 1 132 ? -9.516  -7.421  15.240  1.00 55.77  ? 132 THR A OG1 1 
ATOM 851  C CG2 . THR A 1 132 ? -8.316  -6.575  17.151  1.00 51.20  ? 132 THR A CG2 1 
ATOM 852  N N   . PRO A 1 133 ? -6.985  -10.470 15.647  1.00 52.52  ? 133 PRO A N   1 
ATOM 853  C CA  . PRO A 1 133 ? -7.085  -11.838 15.114  1.00 52.31  ? 133 PRO A CA  1 
ATOM 854  C C   . PRO A 1 133 ? -8.459  -12.185 14.567  1.00 57.46  ? 133 PRO A C   1 
ATOM 855  O O   . PRO A 1 133 ? -8.549  -12.969 13.616  1.00 65.88  ? 133 PRO A O   1 
ATOM 856  C CB  . PRO A 1 133 ? -6.724  -12.708 16.326  1.00 49.10  ? 133 PRO A CB  1 
ATOM 857  C CG  . PRO A 1 133 ? -5.840  -11.835 17.148  1.00 49.39  ? 133 PRO A CG  1 
ATOM 858  C CD  . PRO A 1 133 ? -6.413  -10.454 17.006  1.00 55.15  ? 133 PRO A CD  1 
ATOM 859  N N   . THR A 1 134 ? -9.533  -11.640 15.141  1.00 50.02  ? 134 THR A N   1 
ATOM 860  C CA  . THR A 1 134 ? -10.868 -11.904 14.608  1.00 49.82  ? 134 THR A CA  1 
ATOM 861  C C   . THR A 1 134 ? -11.008 -11.358 13.192  1.00 59.41  ? 134 THR A C   1 
ATOM 862  O O   . THR A 1 134 ? -11.520 -12.039 12.295  1.00 63.36  ? 134 THR A O   1 
ATOM 863  C CB  . THR A 1 134 ? -11.931 -11.301 15.527  1.00 49.64  ? 134 THR A CB  1 
ATOM 864  O OG1 . THR A 1 134 ? -11.650 -11.661 16.885  1.00 57.35  ? 134 THR A OG1 1 
ATOM 865  C CG2 . THR A 1 134 ? -13.313 -11.810 15.146  1.00 49.79  ? 134 THR A CG2 1 
ATOM 866  N N   . GLU A 1 135 ? -10.544 -10.128 12.967  1.00 56.62  ? 135 GLU A N   1 
ATOM 867  C CA  . GLU A 1 135 ? -10.551 -9.575  11.618  1.00 53.21  ? 135 GLU A CA  1 
ATOM 868  C C   . GLU A 1 135 ? -9.638  -10.373 10.696  1.00 56.56  ? 135 GLU A C   1 
ATOM 869  O O   . GLU A 1 135 ? -9.958  -10.588 9.520   1.00 58.27  ? 135 GLU A O   1 
ATOM 870  C CB  . GLU A 1 135 ? -10.133 -8.105  11.652  1.00 55.27  ? 135 GLU A CB  1 
ATOM 871  C CG  . GLU A 1 135 ? -11.220 -7.164  12.149  1.00 60.72  ? 135 GLU A CG  1 
ATOM 872  C CD  . GLU A 1 135 ? -10.659 -5.920  12.807  1.00 63.27  ? 135 GLU A CD  1 
ATOM 873  O OE1 . GLU A 1 135 ? -10.131 -5.050  12.082  1.00 59.05  ? 135 GLU A OE1 1 
ATOM 874  O OE2 . GLU A 1 135 ? -10.746 -5.812  14.047  1.00 59.29  ? 135 GLU A OE2 1 
ATOM 875  N N   . LEU A 1 136 ? -8.497  -10.826 11.220  1.00 48.83  ? 136 LEU A N   1 
ATOM 876  C CA  . LEU A 1 136 ? -7.571  -11.628 10.428  1.00 43.85  ? 136 LEU A CA  1 
ATOM 877  C C   . LEU A 1 136 ? -8.234  -12.906 9.930   1.00 51.64  ? 136 LEU A C   1 
ATOM 878  O O   . LEU A 1 136 ? -8.156  -13.239 8.743   1.00 55.11  ? 136 LEU A O   1 
ATOM 879  C CB  . LEU A 1 136 ? -6.334  -11.954 11.265  1.00 44.67  ? 136 LEU A CB  1 
ATOM 880  C CG  . LEU A 1 136 ? -5.001  -12.163 10.552  1.00 48.01  ? 136 LEU A CG  1 
ATOM 881  C CD1 . LEU A 1 136 ? -3.880  -11.916 11.529  1.00 48.15  ? 136 LEU A CD1 1 
ATOM 882  C CD2 . LEU A 1 136 ? -4.900  -13.562 9.965   1.00 54.43  ? 136 LEU A CD2 1 
ATOM 883  N N   . VAL A 1 137 ? -8.898  -13.635 10.830  1.00 55.23  ? 137 VAL A N   1 
ATOM 884  C CA  . VAL A 1 137 ? -9.535  -14.886 10.437  1.00 55.24  ? 137 VAL A CA  1 
ATOM 885  C C   . VAL A 1 137 ? -10.747 -14.631 9.551   1.00 57.99  ? 137 VAL A C   1 
ATOM 886  O O   . VAL A 1 137 ? -11.041 -15.432 8.656   1.00 61.64  ? 137 VAL A O   1 
ATOM 887  C CB  . VAL A 1 137 ? -9.897  -15.724 11.678  1.00 48.21  ? 137 VAL A CB  1 
ATOM 888  C CG1 . VAL A 1 137 ? -8.668  -15.946 12.543  1.00 52.55  ? 137 VAL A CG1 1 
ATOM 889  C CG2 . VAL A 1 137 ? -10.991 -15.048 12.481  1.00 56.05  ? 137 VAL A CG2 1 
ATOM 890  N N   . LYS A 1 138 ? -11.468 -13.525 9.765   1.00 57.15  ? 138 LYS A N   1 
ATOM 891  C CA  . LYS A 1 138 ? -12.576 -13.201 8.873   1.00 60.54  ? 138 LYS A CA  1 
ATOM 892  C C   . LYS A 1 138 ? -12.080 -12.951 7.455   1.00 62.74  ? 138 LYS A C   1 
ATOM 893  O O   . LYS A 1 138 ? -12.671 -13.440 6.484   1.00 62.78  ? 138 LYS A O   1 
ATOM 894  C CB  . LYS A 1 138 ? -13.339 -11.986 9.402   1.00 61.23  ? 138 LYS A CB  1 
ATOM 895  C CG  . LYS A 1 138 ? -14.720 -11.810 8.795   1.00 60.04  ? 138 LYS A CG  1 
ATOM 896  C CD  . LYS A 1 138 ? -15.273 -10.417 9.060   1.00 57.86  ? 138 LYS A CD  1 
ATOM 897  C CE  . LYS A 1 138 ? -15.020 -9.982  10.494  1.00 58.83  ? 138 LYS A CE  1 
ATOM 898  N NZ  . LYS A 1 138 ? -15.166 -8.510  10.662  1.00 60.87  ? 138 LYS A NZ  1 
ATOM 899  N N   . ALA A 1 139 ? -10.983 -12.202 7.317   1.00 55.81  ? 139 ALA A N   1 
ATOM 900  C CA  . ALA A 1 139 ? -10.407 -11.973 5.996   1.00 55.90  ? 139 ALA A CA  1 
ATOM 901  C C   . ALA A 1 139 ? -9.870  -13.265 5.391   1.00 62.65  ? 139 ALA A C   1 
ATOM 902  O O   . ALA A 1 139 ? -10.000 -13.490 4.182   1.00 68.31  ? 139 ALA A O   1 
ATOM 903  C CB  . ALA A 1 139 ? -9.305  -10.918 6.082   1.00 57.57  ? 139 ALA A CB  1 
ATOM 904  N N   . MET A 1 140 ? -9.255  -14.119 6.214   1.00 58.78  ? 140 MET A N   1 
ATOM 905  C CA  . MET A 1 140 ? -8.743  -15.394 5.720   1.00 57.54  ? 140 MET A CA  1 
ATOM 906  C C   . MET A 1 140 ? -9.870  -16.265 5.181   1.00 61.00  ? 140 MET A C   1 
ATOM 907  O O   . MET A 1 140 ? -9.743  -16.883 4.119   1.00 64.74  ? 140 MET A O   1 
ATOM 908  C CB  . MET A 1 140 ? -7.986  -16.119 6.832   1.00 57.61  ? 140 MET A CB  1 
ATOM 909  C CG  . MET A 1 140 ? -6.476  -15.959 6.767   1.00 53.09  ? 140 MET A CG  1 
ATOM 910  S SD  . MET A 1 140 ? -5.596  -17.051 7.905   1.00 66.06  ? 140 MET A SD  1 
ATOM 911  C CE  . MET A 1 140 ? -6.830  -18.314 8.205   1.00 61.85  ? 140 MET A CE  1 
ATOM 912  N N   . LYS A 1 141 ? -10.988 -16.330 5.909   1.00 64.01  ? 141 LYS A N   1 
ATOM 913  C CA  . LYS A 1 141 ? -12.151 -17.065 5.432   1.00 64.28  ? 141 LYS A CA  1 
ATOM 914  C C   . LYS A 1 141 ? -12.784 -16.405 4.215   1.00 69.56  ? 141 LYS A C   1 
ATOM 915  O O   . LYS A 1 141 ? -13.406 -17.097 3.402   1.00 72.57  ? 141 LYS A O   1 
ATOM 916  C CB  . LYS A 1 141 ? -13.189 -17.207 6.548   1.00 65.59  ? 141 LYS A CB  1 
ATOM 917  C CG  . LYS A 1 141 ? -13.050 -18.462 7.414   1.00 69.28  ? 141 LYS A CG  1 
ATOM 918  C CD  . LYS A 1 141 ? -11.601 -18.812 7.717   1.00 71.42  ? 141 LYS A CD  1 
ATOM 919  C CE  . LYS A 1 141 ? -11.502 -20.057 8.582   1.00 71.76  ? 141 LYS A CE  1 
ATOM 920  N NZ  . LYS A 1 141 ? -10.088 -20.410 8.887   1.00 70.00  ? 141 LYS A NZ  1 
ATOM 921  N N   . LEU A 1 142 ? -12.643 -15.085 4.074   1.00 70.64  ? 142 LEU A N   1 
ATOM 922  C CA  . LEU A 1 142 ? -13.146 -14.402 2.889   1.00 69.59  ? 142 LEU A CA  1 
ATOM 923  C C   . LEU A 1 142 ? -12.338 -14.723 1.638   1.00 74.18  ? 142 LEU A C   1 
ATOM 924  O O   . LEU A 1 142 ? -12.825 -14.489 0.526   1.00 76.32  ? 142 LEU A O   1 
ATOM 925  C CB  . LEU A 1 142 ? -13.159 -12.889 3.118   1.00 74.02  ? 142 LEU A CB  1 
ATOM 926  C CG  . LEU A 1 142 ? -14.540 -12.234 3.192   1.00 77.08  ? 142 LEU A CG  1 
ATOM 927  C CD1 . LEU A 1 142 ? -14.415 -10.745 3.477   1.00 72.55  ? 142 LEU A CD1 1 
ATOM 928  C CD2 . LEU A 1 142 ? -15.319 -12.475 1.909   1.00 75.91  ? 142 LEU A CD2 1 
ATOM 929  N N   . GLY A 1 143 ? -11.125 -15.248 1.789   1.00 74.63  ? 143 GLY A N   1 
ATOM 930  C CA  . GLY A 1 143 ? -10.301 -15.636 0.655   1.00 74.25  ? 143 GLY A CA  1 
ATOM 931  C C   . GLY A 1 143 ? -9.014  -14.852 0.490   1.00 74.45  ? 143 GLY A C   1 
ATOM 932  O O   . GLY A 1 143 ? -8.308  -15.068 -0.505  1.00 74.47  ? 143 GLY A O   1 
ATOM 933  N N   . HIS A 1 144 ? -8.665  -13.952 1.404   1.00 69.76  ? 144 HIS A N   1 
ATOM 934  C CA  . HIS A 1 144 ? -7.464  -13.141 1.268   1.00 67.01  ? 144 HIS A CA  1 
ATOM 935  C C   . HIS A 1 144 ? -6.337  -13.691 2.130   1.00 68.18  ? 144 HIS A C   1 
ATOM 936  O O   . HIS A 1 144 ? -6.548  -14.068 3.286   1.00 71.49  ? 144 HIS A O   1 
ATOM 937  C CB  . HIS A 1 144 ? -7.749  -11.689 1.653   1.00 63.13  ? 144 HIS A CB  1 
ATOM 938  C CG  . HIS A 1 144 ? -8.991  -11.133 1.032   1.00 67.17  ? 144 HIS A CG  1 
ATOM 939  N ND1 . HIS A 1 144 ? -9.223  -11.169 -0.325  1.00 68.11  ? 144 HIS A ND1 1 
ATOM 940  C CD2 . HIS A 1 144 ? -10.070 -10.530 1.583   1.00 70.95  ? 144 HIS A CD2 1 
ATOM 941  C CE1 . HIS A 1 144 ? -10.391 -10.609 -0.584  1.00 68.72  ? 144 HIS A CE1 1 
ATOM 942  N NE2 . HIS A 1 144 ? -10.925 -10.213 0.557   1.00 71.11  ? 144 HIS A NE2 1 
ATOM 943  N N   . THR A 1 145 ? -5.136  -13.735 1.557   1.00 68.29  ? 145 THR A N   1 
ATOM 944  C CA  . THR A 1 145 ? -3.928  -14.121 2.274   1.00 66.95  ? 145 THR A CA  1 
ATOM 945  C C   . THR A 1 145 ? -3.070  -12.931 2.673   1.00 65.15  ? 145 THR A C   1 
ATOM 946  O O   . THR A 1 145 ? -2.600  -12.870 3.812   1.00 65.27  ? 145 THR A O   1 
ATOM 947  C CB  . THR A 1 145 ? -3.090  -15.084 1.428   1.00 67.21  ? 145 THR A CB  1 
ATOM 948  O OG1 . THR A 1 145 ? -3.957  -15.931 0.663   1.00 68.25  ? 145 THR A OG1 1 
ATOM 949  C CG2 . THR A 1 145 ? -2.206  -15.944 2.321   1.00 64.77  ? 145 THR A CG2 1 
ATOM 950  N N   . ILE A 1 146 ? -2.852  -11.988 1.763   1.00 57.78  ? 146 ILE A N   1 
ATOM 951  C CA  . ILE A 1 146 ? -2.156  -10.749 2.090   1.00 54.53  ? 146 ILE A CA  1 
ATOM 952  C C   . ILE A 1 146 ? -3.087  -9.868  2.912   1.00 61.73  ? 146 ILE A C   1 
ATOM 953  O O   . ILE A 1 146 ? -4.312  -9.908  2.742   1.00 66.03  ? 146 ILE A O   1 
ATOM 954  C CB  . ILE A 1 146 ? -1.678  -10.036 0.812   1.00 54.79  ? 146 ILE A CB  1 
ATOM 955  C CG1 . ILE A 1 146 ? -0.281  -9.447  1.017   1.00 58.91  ? 146 ILE A CG1 1 
ATOM 956  C CG2 . ILE A 1 146 ? -2.651  -8.952  0.382   1.00 68.14  ? 146 ILE A CG2 1 
ATOM 957  C CD1 . ILE A 1 146 ? 0.417   -9.093  -0.273  1.00 54.27  ? 146 ILE A CD1 1 
ATOM 958  N N   . LEU A 1 147 ? -2.514  -9.097  3.833   1.00 46.02  ? 147 LEU A N   1 
ATOM 959  C CA  . LEU A 1 147 ? -3.287  -8.230  4.708   1.00 40.25  ? 147 LEU A CA  1 
ATOM 960  C C   . LEU A 1 147 ? -2.528  -6.940  4.976   1.00 39.13  ? 147 LEU A C   1 
ATOM 961  O O   . LEU A 1 147 ? -1.298  -6.893  4.897   1.00 32.00  ? 147 LEU A O   1 
ATOM 962  C CB  . LEU A 1 147 ? -3.615  -8.925  6.037   1.00 42.94  ? 147 LEU A CB  1 
ATOM 963  C CG  . LEU A 1 147 ? -4.661  -10.037 5.956   1.00 38.08  ? 147 LEU A CG  1 
ATOM 964  C CD1 . LEU A 1 147 ? -4.557  -10.974 7.146   1.00 44.88  ? 147 LEU A CD1 1 
ATOM 965  C CD2 . LEU A 1 147 ? -6.052  -9.444  5.846   1.00 33.80  ? 147 LEU A CD2 1 
ATOM 966  N N   . LYS A 1 148 ? -3.281  -5.891  5.294   1.00 56.58  ? 148 LYS A N   1 
ATOM 967  C CA  . LYS A 1 148 ? -2.722  -4.595  5.654   1.00 49.07  ? 148 LYS A CA  1 
ATOM 968  C C   . LYS A 1 148 ? -2.762  -4.446  7.171   1.00 50.57  ? 148 LYS A C   1 
ATOM 969  O O   . LYS A 1 148 ? -3.837  -4.508  7.777   1.00 50.67  ? 148 LYS A O   1 
ATOM 970  C CB  . LYS A 1 148 ? -3.496  -3.462  4.981   1.00 43.32  ? 148 LYS A CB  1 
ATOM 971  C CG  . LYS A 1 148 ? -2.825  -2.103  5.077   1.00 46.15  ? 148 LYS A CG  1 
ATOM 972  C CD  . LYS A 1 148 ? -3.496  -1.094  4.158   1.00 50.17  ? 148 LYS A CD  1 
ATOM 973  C CE  . LYS A 1 148 ? -4.128  0.042   4.947   1.00 56.21  ? 148 LYS A CE  1 
ATOM 974  N NZ  . LYS A 1 148 ? -3.107  0.987   5.477   1.00 58.39  ? 148 LYS A NZ  1 
ATOM 975  N N   . LEU A 1 149 ? -1.590  -4.254  7.779   1.00 46.46  ? 149 LEU A N   1 
ATOM 976  C CA  . LEU A 1 149 ? -1.481  -4.115  9.231   1.00 39.72  ? 149 LEU A CA  1 
ATOM 977  C C   . LEU A 1 149 ? -1.638  -2.639  9.588   1.00 51.64  ? 149 LEU A C   1 
ATOM 978  O O   . LEU A 1 149 ? -0.674  -1.911  9.828   1.00 63.21  ? 149 LEU A O   1 
ATOM 979  C CB  . LEU A 1 149 ? -0.160  -4.688  9.725   1.00 36.77  ? 149 LEU A CB  1 
ATOM 980  C CG  . LEU A 1 149 ? 0.023   -4.830  11.236  1.00 38.21  ? 149 LEU A CG  1 
ATOM 981  C CD1 . LEU A 1 149 ? -1.004  -5.793  11.808  1.00 54.07  ? 149 LEU A CD1 1 
ATOM 982  C CD2 . LEU A 1 149 ? 1.435   -5.297  11.554  1.00 40.55  ? 149 LEU A CD2 1 
ATOM 983  N N   . PHE A 1 150 ? -2.895  -2.195  9.613   1.00 51.03  ? 150 PHE A N   1 
ATOM 984  C CA  . PHE A 1 150 ? -3.236  -0.804  9.878   1.00 51.23  ? 150 PHE A CA  1 
ATOM 985  C C   . PHE A 1 150 ? -3.890  -0.685  11.246  1.00 56.43  ? 150 PHE A C   1 
ATOM 986  O O   . PHE A 1 150 ? -4.943  -1.301  11.470  1.00 61.56  ? 150 PHE A O   1 
ATOM 987  C CB  . PHE A 1 150 ? -4.172  -0.272  8.794   1.00 51.91  ? 150 PHE A CB  1 
ATOM 988  C CG  . PHE A 1 150 ? -4.345  1.221   8.817   1.00 52.42  ? 150 PHE A CG  1 
ATOM 989  C CD1 . PHE A 1 150 ? -3.265  2.055   9.051   1.00 58.02  ? 150 PHE A CD1 1 
ATOM 990  C CD2 . PHE A 1 150 ? -5.590  1.788   8.604   1.00 55.34  ? 150 PHE A CD2 1 
ATOM 991  C CE1 . PHE A 1 150 ? -3.425  3.428   9.072   1.00 62.82  ? 150 PHE A CE1 1 
ATOM 992  C CE2 . PHE A 1 150 ? -5.756  3.159   8.624   1.00 57.64  ? 150 PHE A CE2 1 
ATOM 993  C CZ  . PHE A 1 150 ? -4.671  3.981   8.858   1.00 59.30  ? 150 PHE A CZ  1 
ATOM 994  N N   . PRO A 1 151 ? -3.322  0.080   12.189  1.00 58.93  ? 151 PRO A N   1 
ATOM 995  C CA  . PRO A 1 151 ? -2.045  0.810   12.121  1.00 55.42  ? 151 PRO A CA  1 
ATOM 996  C C   . PRO A 1 151 ? -0.846  -0.111  12.304  1.00 57.11  ? 151 PRO A C   1 
ATOM 997  O O   . PRO A 1 151 ? -0.998  -1.267  12.687  1.00 55.82  ? 151 PRO A O   1 
ATOM 998  C CB  . PRO A 1 151 ? -2.158  1.826   13.276  1.00 52.54  ? 151 PRO A CB  1 
ATOM 999  C CG  . PRO A 1 151 ? -3.623  1.873   13.630  1.00 54.89  ? 151 PRO A CG  1 
ATOM 1000 C CD  . PRO A 1 151 ? -4.096  0.477   13.374  1.00 59.04  ? 151 PRO A CD  1 
ATOM 1001 N N   . GLY A 1 152 ? 0.363   0.376   12.034  1.00 60.87  ? 152 GLY A N   1 
ATOM 1002 C CA  . GLY A 1 152 ? 1.555   -0.429  12.201  1.00 63.43  ? 152 GLY A CA  1 
ATOM 1003 C C   . GLY A 1 152 ? 2.331   -0.104  13.461  1.00 63.10  ? 152 GLY A C   1 
ATOM 1004 O O   . GLY A 1 152 ? 2.812   -1.007  14.153  1.00 62.01  ? 152 GLY A O   1 
ATOM 1005 N N   . GLU A 1 153 ? 2.459   1.188   13.771  1.00 69.11  ? 153 GLU A N   1 
ATOM 1006 C CA  . GLU A 1 153 ? 3.226   1.593   14.945  1.00 71.03  ? 153 GLU A CA  1 
ATOM 1007 C C   . GLU A 1 153 ? 2.544   1.171   16.241  1.00 72.82  ? 153 GLU A C   1 
ATOM 1008 O O   . GLU A 1 153 ? 3.227   0.845   17.219  1.00 75.90  ? 153 GLU A O   1 
ATOM 1009 C CB  . GLU A 1 153 ? 3.452   3.105   14.935  1.00 66.37  ? 153 GLU A CB  1 
ATOM 1010 C CG  . GLU A 1 153 ? 2.188   3.928   14.747  1.00 71.49  ? 153 GLU A CG  1 
ATOM 1011 C CD  . GLU A 1 153 ? 2.476   5.324   14.232  1.00 77.07  ? 153 GLU A CD  1 
ATOM 1012 O OE1 . GLU A 1 153 ? 3.605   5.816   14.442  1.00 75.81  ? 153 GLU A OE1 1 
ATOM 1013 O OE2 . GLU A 1 153 ? 1.575   5.930   13.616  1.00 78.70  ? 153 GLU A OE2 1 
ATOM 1014 N N   . VAL A 1 154 ? 1.210   1.175   16.273  1.00 65.50  ? 154 VAL A N   1 
ATOM 1015 C CA  . VAL A 1 154 ? 0.494   0.811   17.492  1.00 61.78  ? 154 VAL A CA  1 
ATOM 1016 C C   . VAL A 1 154 ? 0.709   -0.662  17.819  1.00 63.62  ? 154 VAL A C   1 
ATOM 1017 O O   . VAL A 1 154 ? 1.017   -1.022  18.960  1.00 61.61  ? 154 VAL A O   1 
ATOM 1018 C CB  . VAL A 1 154 ? -1.001  1.148   17.356  1.00 57.39  ? 154 VAL A CB  1 
ATOM 1019 C CG1 . VAL A 1 154 ? -1.764  0.680   18.586  1.00 59.90  ? 154 VAL A CG1 1 
ATOM 1020 C CG2 . VAL A 1 154 ? -1.191  2.641   17.141  1.00 61.58  ? 154 VAL A CG2 1 
ATOM 1021 N N   . VAL A 1 155 ? 0.549   -1.535  16.822  1.00 61.57  ? 155 VAL A N   1 
ATOM 1022 C CA  . VAL A 1 155 ? 0.733   -2.964  17.060  1.00 56.99  ? 155 VAL A CA  1 
ATOM 1023 C C   . VAL A 1 155 ? 2.206   -3.289  17.288  1.00 56.61  ? 155 VAL A C   1 
ATOM 1024 O O   . VAL A 1 155 ? 2.544   -4.120  18.139  1.00 53.59  ? 155 VAL A O   1 
ATOM 1025 C CB  . VAL A 1 155 ? 0.133   -3.786  15.904  1.00 51.32  ? 155 VAL A CB  1 
ATOM 1026 C CG1 . VAL A 1 155 ? -1.383  -3.670  15.907  1.00 51.17  ? 155 VAL A CG1 1 
ATOM 1027 C CG2 . VAL A 1 155 ? 0.691   -3.331  14.569  1.00 58.60  ? 155 VAL A CG2 1 
ATOM 1028 N N   . GLY A 1 156 ? 3.102   -2.645  16.542  1.00 68.57  ? 156 GLY A N   1 
ATOM 1029 C CA  . GLY A 1 156 ? 4.518   -2.856  16.712  1.00 73.01  ? 156 GLY A CA  1 
ATOM 1030 C C   . GLY A 1 156 ? 5.019   -4.085  15.981  1.00 79.06  ? 156 GLY A C   1 
ATOM 1031 O O   . GLY A 1 156 ? 4.239   -4.903  15.480  1.00 80.35  ? 156 GLY A O   1 
ATOM 1032 N N   . PRO A 1 157 ? 6.344   -4.235  15.900  1.00 78.63  ? 157 PRO A N   1 
ATOM 1033 C CA  . PRO A 1 157 ? 6.911   -5.418  15.232  1.00 65.02  ? 157 PRO A CA  1 
ATOM 1034 C C   . PRO A 1 157 ? 6.614   -6.725  15.947  1.00 71.04  ? 157 PRO A C   1 
ATOM 1035 O O   . PRO A 1 157 ? 6.802   -7.793  15.353  1.00 75.86  ? 157 PRO A O   1 
ATOM 1036 C CB  . PRO A 1 157 ? 8.419   -5.131  15.206  1.00 67.41  ? 157 PRO A CB  1 
ATOM 1037 C CG  . PRO A 1 157 ? 8.569   -3.679  15.513  1.00 75.01  ? 157 PRO A CG  1 
ATOM 1038 C CD  . PRO A 1 157 ? 7.370   -3.259  16.299  1.00 78.05  ? 157 PRO A CD  1 
ATOM 1039 N N   . GLN A 1 158 ? 6.175   -6.680  17.207  1.00 71.56  ? 158 GLN A N   1 
ATOM 1040 C CA  . GLN A 1 158 ? 5.913   -7.914  17.941  1.00 68.52  ? 158 GLN A CA  1 
ATOM 1041 C C   . GLN A 1 158 ? 4.669   -8.628  17.430  1.00 64.32  ? 158 GLN A C   1 
ATOM 1042 O O   . GLN A 1 158 ? 4.548   -9.849  17.594  1.00 66.05  ? 158 GLN A O   1 
ATOM 1043 C CB  . GLN A 1 158 ? 5.774   -7.614  19.433  1.00 75.25  ? 158 GLN A CB  1 
ATOM 1044 C CG  . GLN A 1 158 ? 7.063   -7.160  20.094  1.00 77.46  ? 158 GLN A CG  1 
ATOM 1045 C CD  . GLN A 1 158 ? 6.979   -5.739  20.615  1.00 76.10  ? 158 GLN A CD  1 
ATOM 1046 O OE1 . GLN A 1 158 ? 5.898   -5.247  20.940  1.00 76.57  ? 158 GLN A OE1 1 
ATOM 1047 N NE2 . GLN A 1 158 ? 8.124   -5.070  20.696  1.00 72.43  ? 158 GLN A NE2 1 
ATOM 1048 N N   . PHE A 1 159 ? 3.736   -7.892  16.820  1.00 53.55  ? 159 PHE A N   1 
ATOM 1049 C CA  . PHE A 1 159 ? 2.483   -8.498  16.376  1.00 53.65  ? 159 PHE A CA  1 
ATOM 1050 C C   . PHE A 1 159 ? 2.721   -9.564  15.315  1.00 63.48  ? 159 PHE A C   1 
ATOM 1051 O O   . PHE A 1 159 ? 2.174   -10.670 15.404  1.00 67.09  ? 159 PHE A O   1 
ATOM 1052 C CB  . PHE A 1 159 ? 1.539   -7.417  15.848  1.00 57.78  ? 159 PHE A CB  1 
ATOM 1053 C CG  . PHE A 1 159 ? 0.164   -7.923  15.503  1.00 56.46  ? 159 PHE A CG  1 
ATOM 1054 C CD1 . PHE A 1 159 ? -0.836  -7.957  16.459  1.00 58.48  ? 159 PHE A CD1 1 
ATOM 1055 C CD2 . PHE A 1 159 ? -0.129  -8.356  14.219  1.00 62.50  ? 159 PHE A CD2 1 
ATOM 1056 C CE1 . PHE A 1 159 ? -2.100  -8.418  16.145  1.00 60.08  ? 159 PHE A CE1 1 
ATOM 1057 C CE2 . PHE A 1 159 ? -1.391  -8.818  13.899  1.00 61.17  ? 159 PHE A CE2 1 
ATOM 1058 C CZ  . PHE A 1 159 ? -2.378  -8.850  14.863  1.00 56.71  ? 159 PHE A CZ  1 
ATOM 1059 N N   . VAL A 1 160 ? 3.534   -9.254  14.303  1.00 67.63  ? 160 VAL A N   1 
ATOM 1060 C CA  . VAL A 1 160 ? 3.769   -10.207 13.222  1.00 61.52  ? 160 VAL A CA  1 
ATOM 1061 C C   . VAL A 1 160 ? 4.533   -11.421 13.740  1.00 62.30  ? 160 VAL A C   1 
ATOM 1062 O O   . VAL A 1 160 ? 4.252   -12.563 13.357  1.00 67.12  ? 160 VAL A O   1 
ATOM 1063 C CB  . VAL A 1 160 ? 4.504   -9.526  12.053  1.00 57.29  ? 160 VAL A CB  1 
ATOM 1064 C CG1 . VAL A 1 160 ? 3.536   -8.683  11.245  1.00 58.58  ? 160 VAL A CG1 1 
ATOM 1065 C CG2 . VAL A 1 160 ? 5.630   -8.659  12.567  1.00 61.68  ? 160 VAL A CG2 1 
ATOM 1066 N N   . LYS A 1 161 ? 5.507   -11.191 14.626  1.00 63.65  ? 161 LYS A N   1 
ATOM 1067 C CA  . LYS A 1 161 ? 6.259   -12.302 15.202  1.00 60.44  ? 161 LYS A CA  1 
ATOM 1068 C C   . LYS A 1 161 ? 5.356   -13.222 16.010  1.00 62.02  ? 161 LYS A C   1 
ATOM 1069 O O   . LYS A 1 161 ? 5.471   -14.450 15.924  1.00 69.60  ? 161 LYS A O   1 
ATOM 1070 C CB  . LYS A 1 161 ? 7.398   -11.774 16.075  1.00 62.85  ? 161 LYS A CB  1 
ATOM 1071 C CG  . LYS A 1 161 ? 8.550   -11.153 15.305  1.00 69.72  ? 161 LYS A CG  1 
ATOM 1072 C CD  . LYS A 1 161 ? 9.682   -10.764 16.245  1.00 70.96  ? 161 LYS A CD  1 
ATOM 1073 C CE  . LYS A 1 161 ? 10.634  -9.774  15.595  1.00 67.96  ? 161 LYS A CE  1 
ATOM 1074 N NZ  . LYS A 1 161 ? 11.855  -9.560  16.419  1.00 69.54  ? 161 LYS A NZ  1 
ATOM 1075 N N   . ALA A 1 162 ? 4.450   -12.648 16.806  1.00 64.98  ? 162 ALA A N   1 
ATOM 1076 C CA  . ALA A 1 162 ? 3.551   -13.472 17.606  1.00 68.32  ? 162 ALA A CA  1 
ATOM 1077 C C   . ALA A 1 162 ? 2.518   -14.185 16.744  1.00 62.16  ? 162 ALA A C   1 
ATOM 1078 O O   . ALA A 1 162 ? 2.115   -15.308 17.066  1.00 67.97  ? 162 ALA A O   1 
ATOM 1079 C CB  . ALA A 1 162 ? 2.855   -12.616 18.664  1.00 67.17  ? 162 ALA A CB  1 
ATOM 1080 N N   . MET A 1 163 ? 2.081   -13.558 15.653  1.00 48.76  ? 163 MET A N   1 
ATOM 1081 C CA  . MET A 1 163 ? 1.032   -14.124 14.818  1.00 51.52  ? 163 MET A CA  1 
ATOM 1082 C C   . MET A 1 163 ? 1.572   -15.091 13.768  1.00 63.32  ? 163 MET A C   1 
ATOM 1083 O O   . MET A 1 163 ? 0.788   -15.835 13.167  1.00 68.14  ? 163 MET A O   1 
ATOM 1084 C CB  . MET A 1 163 ? 0.245   -12.981 14.155  1.00 53.95  ? 163 MET A CB  1 
ATOM 1085 C CG  . MET A 1 163 ? -0.866  -13.402 13.209  1.00 58.30  ? 163 MET A CG  1 
ATOM 1086 S SD  . MET A 1 163 ? -2.399  -13.734 14.101  1.00 80.05  ? 163 MET A SD  1 
ATOM 1087 C CE  . MET A 1 163 ? -2.273  -12.564 15.452  1.00 66.33  ? 163 MET A CE  1 
ATOM 1088 N N   . LYS A 1 164 ? 2.892   -15.128 13.562  1.00 74.42  ? 164 LYS A N   1 
ATOM 1089 C CA  . LYS A 1 164 ? 3.472   -16.062 12.601  1.00 72.05  ? 164 LYS A CA  1 
ATOM 1090 C C   . LYS A 1 164 ? 3.141   -17.507 12.954  1.00 67.44  ? 164 LYS A C   1 
ATOM 1091 O O   . LYS A 1 164 ? 3.028   -18.360 12.065  1.00 68.62  ? 164 LYS A O   1 
ATOM 1092 C CB  . LYS A 1 164 ? 4.986   -15.867 12.530  1.00 66.86  ? 164 LYS A CB  1 
ATOM 1093 C CG  . LYS A 1 164 ? 5.447   -14.874 11.478  1.00 63.80  ? 164 LYS A CG  1 
ATOM 1094 C CD  . LYS A 1 164 ? 6.944   -14.627 11.584  1.00 67.43  ? 164 LYS A CD  1 
ATOM 1095 C CE  . LYS A 1 164 ? 7.733   -15.673 10.813  1.00 69.16  ? 164 LYS A CE  1 
ATOM 1096 N NZ  . LYS A 1 164 ? 8.998   -15.117 10.260  1.00 70.28  ? 164 LYS A NZ  1 
ATOM 1097 N N   . GLY A 1 165 ? 2.988   -17.803 14.242  1.00 63.00  ? 165 GLY A N   1 
ATOM 1098 C CA  . GLY A 1 165 ? 2.717   -19.146 14.694  1.00 65.47  ? 165 GLY A CA  1 
ATOM 1099 C C   . GLY A 1 165 ? 1.395   -19.705 14.201  1.00 68.94  ? 165 GLY A C   1 
ATOM 1100 O O   . GLY A 1 165 ? 1.356   -20.646 13.402  1.00 76.43  ? 165 GLY A O   1 
ATOM 1101 N N   . PRO A 1 166 ? 0.281   -19.144 14.685  1.00 64.24  ? 166 PRO A N   1 
ATOM 1102 C CA  . PRO A 1 166 ? -1.034  -19.689 14.299  1.00 66.48  ? 166 PRO A CA  1 
ATOM 1103 C C   . PRO A 1 166 ? -1.297  -19.671 12.801  1.00 70.12  ? 166 PRO A C   1 
ATOM 1104 O O   . PRO A 1 166 ? -1.908  -20.610 12.276  1.00 76.05  ? 166 PRO A O   1 
ATOM 1105 C CB  . PRO A 1 166 ? -2.021  -18.790 15.057  1.00 65.33  ? 166 PRO A CB  1 
ATOM 1106 C CG  . PRO A 1 166 ? -1.241  -18.228 16.193  1.00 66.84  ? 166 PRO A CG  1 
ATOM 1107 C CD  . PRO A 1 166 ? 0.172   -18.099 15.718  1.00 66.12  ? 166 PRO A CD  1 
ATOM 1108 N N   . PHE A 1 167 ? -0.857  -18.630 12.094  1.00 66.62  ? 167 PHE A N   1 
ATOM 1109 C CA  . PHE A 1 167 ? -1.100  -18.490 10.658  1.00 68.37  ? 167 PHE A CA  1 
ATOM 1110 C C   . PHE A 1 167 ? 0.208   -18.163 9.953   1.00 75.68  ? 167 PHE A C   1 
ATOM 1111 O O   . PHE A 1 167 ? 0.503   -16.993 9.676   1.00 75.72  ? 167 PHE A O   1 
ATOM 1112 C CB  . PHE A 1 167 ? -2.157  -17.423 10.380  1.00 72.44  ? 167 PHE A CB  1 
ATOM 1113 C CG  . PHE A 1 167 ? -3.315  -17.453 11.335  1.00 73.47  ? 167 PHE A CG  1 
ATOM 1114 C CD1 . PHE A 1 167 ? -4.338  -18.372 11.174  1.00 72.01  ? 167 PHE A CD1 1 
ATOM 1115 C CD2 . PHE A 1 167 ? -3.382  -16.561 12.391  1.00 69.18  ? 167 PHE A CD2 1 
ATOM 1116 C CE1 . PHE A 1 167 ? -5.406  -18.403 12.051  1.00 69.84  ? 167 PHE A CE1 1 
ATOM 1117 C CE2 . PHE A 1 167 ? -4.447  -16.584 13.272  1.00 65.47  ? 167 PHE A CE2 1 
ATOM 1118 C CZ  . PHE A 1 167 ? -5.460  -17.507 13.101  1.00 71.19  ? 167 PHE A CZ  1 
ATOM 1119 N N   . PRO A 1 168 ? 1.025   -19.176 9.650   1.00 73.29  ? 168 PRO A N   1 
ATOM 1120 C CA  . PRO A 1 168 ? 2.287   -18.902 8.946   1.00 71.62  ? 168 PRO A CA  1 
ATOM 1121 C C   . PRO A 1 168 ? 2.096   -18.466 7.504   1.00 69.93  ? 168 PRO A C   1 
ATOM 1122 O O   . PRO A 1 168 ? 2.984   -17.807 6.948   1.00 73.77  ? 168 PRO A O   1 
ATOM 1123 C CB  . PRO A 1 168 ? 3.028   -20.242 9.040   1.00 67.00  ? 168 PRO A CB  1 
ATOM 1124 C CG  . PRO A 1 168 ? 1.927   -21.252 9.094   1.00 70.22  ? 168 PRO A CG  1 
ATOM 1125 C CD  . PRO A 1 168 ? 0.851   -20.612 9.931   1.00 66.20  ? 168 PRO A CD  1 
ATOM 1126 N N   . ASN A 1 169 ? 0.970   -18.812 6.879   1.00 68.87  ? 169 ASN A N   1 
ATOM 1127 C CA  . ASN A 1 169 ? 0.755   -18.489 5.474   1.00 70.00  ? 169 ASN A CA  1 
ATOM 1128 C C   . ASN A 1 169 ? 0.397   -17.027 5.244   1.00 70.72  ? 169 ASN A C   1 
ATOM 1129 O O   . ASN A 1 169 ? 0.509   -16.549 4.111   1.00 72.15  ? 169 ASN A O   1 
ATOM 1130 C CB  . ASN A 1 169 ? -0.346  -19.380 4.891   1.00 70.17  ? 169 ASN A CB  1 
ATOM 1131 C CG  . ASN A 1 169 ? -1.652  -19.266 5.651   1.00 72.69  ? 169 ASN A CG  1 
ATOM 1132 O OD1 . ASN A 1 169 ? -2.487  -18.414 5.349   1.00 75.91  ? 169 ASN A OD1 1 
ATOM 1133 N ND2 . ASN A 1 169 ? -1.836  -20.127 6.645   1.00 67.85  ? 169 ASN A ND2 1 
ATOM 1134 N N   . VAL A 1 170 ? -0.027  -16.308 6.284   1.00 65.80  ? 170 VAL A N   1 
ATOM 1135 C CA  . VAL A 1 170 ? -0.461  -14.927 6.113   1.00 71.07  ? 170 VAL A CA  1 
ATOM 1136 C C   . VAL A 1 170 ? 0.756   -14.021 5.979   1.00 75.20  ? 170 VAL A C   1 
ATOM 1137 O O   . VAL A 1 170 ? 1.687   -14.076 6.795   1.00 76.92  ? 170 VAL A O   1 
ATOM 1138 C CB  . VAL A 1 170 ? -1.356  -14.498 7.285   1.00 61.97  ? 170 VAL A CB  1 
ATOM 1139 C CG1 . VAL A 1 170 ? -1.306  -12.990 7.477   1.00 62.28  ? 170 VAL A CG1 1 
ATOM 1140 C CG2 . VAL A 1 170 ? -2.784  -14.960 7.054   1.00 62.24  ? 170 VAL A CG2 1 
ATOM 1141 N N   . LYS A 1 171 ? 0.754   -13.184 4.945   1.00 65.28  ? 171 LYS A N   1 
ATOM 1142 C CA  . LYS A 1 171 ? 1.809   -12.207 4.706   1.00 57.35  ? 171 LYS A CA  1 
ATOM 1143 C C   . LYS A 1 171 ? 1.268   -10.815 4.997   1.00 61.90  ? 171 LYS A C   1 
ATOM 1144 O O   . LYS A 1 171 ? 0.140   -10.489 4.612   1.00 65.81  ? 171 LYS A O   1 
ATOM 1145 C CB  . LYS A 1 171 ? 2.323   -12.295 3.268   1.00 64.65  ? 171 LYS A CB  1 
ATOM 1146 C CG  . LYS A 1 171 ? 3.304   -13.435 3.034   1.00 68.49  ? 171 LYS A CG  1 
ATOM 1147 C CD  . LYS A 1 171 ? 3.391   -13.800 1.561   1.00 71.29  ? 171 LYS A CD  1 
ATOM 1148 C CE  . LYS A 1 171 ? 2.159   -14.567 1.109   1.00 69.25  ? 171 LYS A CE  1 
ATOM 1149 N NZ  . LYS A 1 171 ? 1.898   -14.391 -0.346  1.00 67.72  ? 171 LYS A NZ  1 
ATOM 1150 N N   . PHE A 1 172 ? 2.071   -9.998  5.674   1.00 55.69  ? 172 PHE A N   1 
ATOM 1151 C CA  . PHE A 1 172 ? 1.628   -8.714  6.199   1.00 50.88  ? 172 PHE A CA  1 
ATOM 1152 C C   . PHE A 1 172 ? 2.343   -7.559  5.512   1.00 54.43  ? 172 PHE A C   1 
ATOM 1153 O O   . PHE A 1 172 ? 3.530   -7.653  5.181   1.00 55.49  ? 172 PHE A O   1 
ATOM 1154 C CB  . PHE A 1 172 ? 1.863   -8.639  7.708   1.00 47.30  ? 172 PHE A CB  1 
ATOM 1155 C CG  . PHE A 1 172 ? 0.783   -9.289  8.518   1.00 47.65  ? 172 PHE A CG  1 
ATOM 1156 C CD1 . PHE A 1 172 ? -0.541  -8.932  8.338   1.00 52.21  ? 172 PHE A CD1 1 
ATOM 1157 C CD2 . PHE A 1 172 ? 1.089   -10.269 9.445   1.00 50.46  ? 172 PHE A CD2 1 
ATOM 1158 C CE1 . PHE A 1 172 ? -1.538  -9.529  9.079   1.00 52.33  ? 172 PHE A CE1 1 
ATOM 1159 C CE2 . PHE A 1 172 ? 0.097   -10.869 10.188  1.00 54.23  ? 172 PHE A CE2 1 
ATOM 1160 C CZ  . PHE A 1 172 ? -1.216  -10.498 10.004  1.00 51.17  ? 172 PHE A CZ  1 
ATOM 1161 N N   . VAL A 1 173 ? 1.607   -6.471  5.302   1.00 46.52  ? 173 VAL A N   1 
ATOM 1162 C CA  . VAL A 1 173 ? 2.151   -5.223  4.775   1.00 39.32  ? 173 VAL A CA  1 
ATOM 1163 C C   . VAL A 1 173 ? 1.813   -4.110  5.760   1.00 43.99  ? 173 VAL A C   1 
ATOM 1164 O O   . VAL A 1 173 ? 0.768   -3.456  5.623   1.00 46.07  ? 173 VAL A O   1 
ATOM 1165 C CB  . VAL A 1 173 ? 1.602   -4.913  3.373   1.00 35.97  ? 173 VAL A CB  1 
ATOM 1166 C CG1 . VAL A 1 173 ? 2.456   -3.857  2.691   1.00 43.80  ? 173 VAL A CG1 1 
ATOM 1167 C CG2 . VAL A 1 173 ? 1.549   -6.177  2.528   1.00 48.20  ? 173 VAL A CG2 1 
ATOM 1168 N N   . PRO A 1 174 ? 2.657   -3.859  6.764   1.00 43.48  ? 174 PRO A N   1 
ATOM 1169 C CA  . PRO A 1 174 ? 2.333   -2.875  7.824   1.00 41.11  ? 174 PRO A CA  1 
ATOM 1170 C C   . PRO A 1 174 ? 2.521   -1.421  7.399   1.00 34.13  ? 174 PRO A C   1 
ATOM 1171 O O   . PRO A 1 174 ? 3.538   -0.773  7.648   1.00 41.14  ? 174 PRO A O   1 
ATOM 1172 C CB  . PRO A 1 174 ? 3.292   -3.265  8.953   1.00 49.10  ? 174 PRO A CB  1 
ATOM 1173 C CG  . PRO A 1 174 ? 4.163   -4.385  8.429   1.00 51.00  ? 174 PRO A CG  1 
ATOM 1174 C CD  . PRO A 1 174 ? 3.978   -4.471  6.959   1.00 41.18  ? 174 PRO A CD  1 
ATOM 1175 N N   . THR A 1 175 ? 1.502   -0.883  6.733   1.00 44.98  ? 175 THR A N   1 
ATOM 1176 C CA  . THR A 1 175 ? 1.513   0.518   6.336   1.00 59.70  ? 175 THR A CA  1 
ATOM 1177 C C   . THR A 1 175 ? 1.199   1.404   7.535   1.00 55.86  ? 175 THR A C   1 
ATOM 1178 O O   . THR A 1 175 ? 0.247   1.146   8.278   1.00 49.30  ? 175 THR A O   1 
ATOM 1179 C CB  . THR A 1 175 ? 0.501   0.768   5.218   1.00 58.63  ? 175 THR A CB  1 
ATOM 1180 O OG1 . THR A 1 175 ? -0.776  1.082   5.788   1.00 58.31  ? 175 THR A OG1 1 
ATOM 1181 C CG2 . THR A 1 175 ? 0.370   -0.461  4.331   1.00 54.22  ? 175 THR A CG2 1 
ATOM 1182 N N   . GLY A 1 176 ? 2.002   2.448   7.722   1.00 61.48  ? 176 GLY A N   1 
ATOM 1183 C CA  . GLY A 1 176 ? 1.793   3.375   8.817   1.00 63.34  ? 176 GLY A CA  1 
ATOM 1184 C C   . GLY A 1 176 ? 2.815   3.243   9.927   1.00 67.34  ? 176 GLY A C   1 
ATOM 1185 O O   . GLY A 1 176 ? 3.096   2.136   10.395  1.00 68.09  ? 176 GLY A O   1 
ATOM 1186 N N   . GLY A 1 177 ? 3.373   4.370   10.358  1.00 70.49  ? 177 GLY A N   1 
ATOM 1187 C CA  . GLY A 1 177 ? 4.351   4.361   11.436  1.00 73.46  ? 177 GLY A CA  1 
ATOM 1188 C C   . GLY A 1 177 ? 5.640   3.646   11.096  1.00 72.95  ? 177 GLY A C   1 
ATOM 1189 O O   . GLY A 1 177 ? 6.169   2.897   11.925  1.00 71.91  ? 177 GLY A O   1 
ATOM 1190 N N   . VAL A 1 178 ? 6.160   3.861   9.890   1.00 62.66  ? 178 VAL A N   1 
ATOM 1191 C CA  . VAL A 1 178 ? 7.397   3.237   9.435   1.00 60.37  ? 178 VAL A CA  1 
ATOM 1192 C C   . VAL A 1 178 ? 8.369   4.334   9.026   1.00 63.43  ? 178 VAL A C   1 
ATOM 1193 O O   . VAL A 1 178 ? 8.003   5.249   8.279   1.00 64.18  ? 178 VAL A O   1 
ATOM 1194 C CB  . VAL A 1 178 ? 7.152   2.265   8.267   1.00 60.43  ? 178 VAL A CB  1 
ATOM 1195 C CG1 . VAL A 1 178 ? 8.443   1.549   7.901   1.00 61.43  ? 178 VAL A CG1 1 
ATOM 1196 C CG2 . VAL A 1 178 ? 6.064   1.264   8.626   1.00 57.32  ? 178 VAL A CG2 1 
ATOM 1197 N N   . ASN A 1 179 ? 9.603   4.239   9.513   1.00 65.19  ? 179 ASN A N   1 
ATOM 1198 C CA  . ASN A 1 179 ? 10.656  5.186   9.172   1.00 64.06  ? 179 ASN A CA  1 
ATOM 1199 C C   . ASN A 1 179 ? 11.963  4.411   9.040   1.00 64.77  ? 179 ASN A C   1 
ATOM 1200 O O   . ASN A 1 179 ? 11.985  3.178   9.104   1.00 73.22  ? 179 ASN A O   1 
ATOM 1201 C CB  . ASN A 1 179 ? 10.739  6.305   10.219  1.00 68.87  ? 179 ASN A CB  1 
ATOM 1202 C CG  . ASN A 1 179 ? 10.644  5.783   11.638  1.00 68.59  ? 179 ASN A CG  1 
ATOM 1203 O OD1 . ASN A 1 179 ? 9.708   5.062   11.986  1.00 65.30  ? 179 ASN A OD1 1 
ATOM 1204 N ND2 . ASN A 1 179 ? 11.613  6.149   12.469  1.00 70.18  ? 179 ASN A ND2 1 
ATOM 1205 N N   . LEU A 1 180 ? 13.065  5.143   8.857   1.00 65.02  ? 180 LEU A N   1 
ATOM 1206 C CA  . LEU A 1 180 ? 14.369  4.507   8.692   1.00 68.66  ? 180 LEU A CA  1 
ATOM 1207 C C   . LEU A 1 180 ? 14.823  3.762   9.940   1.00 69.03  ? 180 LEU A C   1 
ATOM 1208 O O   . LEU A 1 180 ? 15.678  2.876   9.838   1.00 67.88  ? 180 LEU A O   1 
ATOM 1209 C CB  . LEU A 1 180 ? 15.420  5.553   8.311   1.00 70.35  ? 180 LEU A CB  1 
ATOM 1210 C CG  . LEU A 1 180 ? 15.943  5.534   6.873   1.00 69.77  ? 180 LEU A CG  1 
ATOM 1211 C CD1 . LEU A 1 180 ? 14.799  5.626   5.880   1.00 66.86  ? 180 LEU A CD1 1 
ATOM 1212 C CD2 . LEU A 1 180 ? 16.941  6.660   6.652   1.00 67.92  ? 180 LEU A CD2 1 
ATOM 1213 N N   . ASP A 1 181 ? 14.277  4.099   11.109  1.00 74.60  ? 181 ASP A N   1 
ATOM 1214 C CA  . ASP A 1 181 ? 14.734  3.476   12.346  1.00 73.27  ? 181 ASP A CA  1 
ATOM 1215 C C   . ASP A 1 181 ? 14.273  2.027   12.444  1.00 71.37  ? 181 ASP A C   1 
ATOM 1216 O O   . ASP A 1 181 ? 15.048  1.143   12.825  1.00 73.68  ? 181 ASP A O   1 
ATOM 1217 C CB  . ASP A 1 181 ? 14.242  4.282   13.549  1.00 78.61  ? 181 ASP A CB  1 
ATOM 1218 C CG  . ASP A 1 181 ? 15.270  5.284   14.039  1.00 81.68  ? 181 ASP A CG  1 
ATOM 1219 O OD1 . ASP A 1 181 ? 16.215  4.871   14.743  1.00 81.33  ? 181 ASP A OD1 1 
ATOM 1220 O OD2 . ASP A 1 181 ? 15.132  6.483   13.719  1.00 80.76  ? 181 ASP A OD2 1 
ATOM 1221 N N   . ASN A 1 182 ? 13.010  1.761   12.105  1.00 65.89  ? 182 ASN A N   1 
ATOM 1222 C CA  . ASN A 1 182 ? 12.418  0.440   12.277  1.00 65.32  ? 182 ASN A CA  1 
ATOM 1223 C C   . ASN A 1 182 ? 12.037  -0.215  10.952  1.00 64.45  ? 182 ASN A C   1 
ATOM 1224 O O   . ASN A 1 182 ? 11.243  -1.162  10.943  1.00 66.66  ? 182 ASN A O   1 
ATOM 1225 C CB  . ASN A 1 182 ? 11.200  0.525   13.197  1.00 63.80  ? 182 ASN A CB  1 
ATOM 1226 C CG  . ASN A 1 182 ? 10.065  1.332   12.593  1.00 66.88  ? 182 ASN A CG  1 
ATOM 1227 O OD1 . ASN A 1 182 ? 10.259  2.087   11.642  1.00 67.97  ? 182 ASN A OD1 1 
ATOM 1228 N ND2 . ASN A 1 182 ? 8.868   1.173   13.147  1.00 67.65  ? 182 ASN A ND2 1 
ATOM 1229 N N   . VAL A 1 183 ? 12.582  0.267   9.833   1.00 59.97  ? 183 VAL A N   1 
ATOM 1230 C CA  . VAL A 1 183 ? 12.250  -0.334  8.545   1.00 57.80  ? 183 VAL A CA  1 
ATOM 1231 C C   . VAL A 1 183 ? 12.832  -1.738  8.429   1.00 67.74  ? 183 VAL A C   1 
ATOM 1232 O O   . VAL A 1 183 ? 12.197  -2.635  7.861   1.00 75.63  ? 183 VAL A O   1 
ATOM 1233 C CB  . VAL A 1 183 ? 12.710  0.579   7.390   1.00 63.71  ? 183 VAL A CB  1 
ATOM 1234 C CG1 . VAL A 1 183 ? 14.222  0.769   7.408   1.00 64.14  ? 183 VAL A CG1 1 
ATOM 1235 C CG2 . VAL A 1 183 ? 12.247  0.022   6.052   1.00 60.19  ? 183 VAL A CG2 1 
ATOM 1236 N N   . CYS A 1 184 ? 14.034  -1.961  8.966   1.00 77.68  ? 184 CYS A N   1 
ATOM 1237 C CA  . CYS A 1 184 ? 14.648  -3.283  8.893   1.00 76.61  ? 184 CYS A CA  1 
ATOM 1238 C C   . CYS A 1 184 ? 14.031  -4.256  9.888   1.00 76.39  ? 184 CYS A C   1 
ATOM 1239 O O   . CYS A 1 184 ? 14.046  -5.470  9.649   1.00 78.20  ? 184 CYS A O   1 
ATOM 1240 C CB  . CYS A 1 184 ? 16.156  -3.176  9.127   1.00 74.83  ? 184 CYS A CB  1 
ATOM 1241 S SG  . CYS A 1 184 ? 17.096  -2.559  7.708   1.00 87.09  ? 184 CYS A SG  1 
ATOM 1242 N N   . GLU A 1 185 ? 13.495  -3.751  11.003  1.00 61.83  ? 185 GLU A N   1 
ATOM 1243 C CA  . GLU A 1 185 ? 12.887  -4.627  11.998  1.00 60.22  ? 185 GLU A CA  1 
ATOM 1244 C C   . GLU A 1 185 ? 11.660  -5.335  11.437  1.00 59.21  ? 185 GLU A C   1 
ATOM 1245 O O   . GLU A 1 185 ? 11.429  -6.515  11.725  1.00 63.84  ? 185 GLU A O   1 
ATOM 1246 C CB  . GLU A 1 185 ? 12.519  -3.828  13.249  1.00 68.12  ? 185 GLU A CB  1 
ATOM 1247 C CG  . GLU A 1 185 ? 13.715  -3.325  14.039  1.00 72.60  ? 185 GLU A CG  1 
ATOM 1248 C CD  . GLU A 1 185 ? 13.342  -2.239  15.029  1.00 75.88  ? 185 GLU A CD  1 
ATOM 1249 O OE1 . GLU A 1 185 ? 12.153  -2.157  15.403  1.00 68.92  ? 185 GLU A OE1 1 
ATOM 1250 O OE2 . GLU A 1 185 ? 14.237  -1.468  15.434  1.00 73.28  ? 185 GLU A OE2 1 
ATOM 1251 N N   . TRP A 1 186 ? 10.857  -4.626  10.639  1.00 47.57  ? 186 TRP A N   1 
ATOM 1252 C CA  . TRP A 1 186 ? 9.678   -5.243  10.039  1.00 45.33  ? 186 TRP A CA  1 
ATOM 1253 C C   . TRP A 1 186 ? 10.066  -6.403  9.131   1.00 52.23  ? 186 TRP A C   1 
ATOM 1254 O O   . TRP A 1 186 ? 9.450   -7.474  9.182   1.00 56.77  ? 186 TRP A O   1 
ATOM 1255 C CB  . TRP A 1 186 ? 8.878   -4.201  9.258   1.00 47.07  ? 186 TRP A CB  1 
ATOM 1256 C CG  . TRP A 1 186 ? 8.120   -3.238  10.119  1.00 48.01  ? 186 TRP A CG  1 
ATOM 1257 C CD1 . TRP A 1 186 ? 8.365   -1.904  10.266  1.00 55.57  ? 186 TRP A CD1 1 
ATOM 1258 C CD2 . TRP A 1 186 ? 6.986   -3.530  10.945  1.00 56.64  ? 186 TRP A CD2 1 
ATOM 1259 N NE1 . TRP A 1 186 ? 7.458   -1.349  11.135  1.00 58.17  ? 186 TRP A NE1 1 
ATOM 1260 C CE2 . TRP A 1 186 ? 6.600   -2.326  11.566  1.00 56.33  ? 186 TRP A CE2 1 
ATOM 1261 C CE3 . TRP A 1 186 ? 6.262   -4.694  11.222  1.00 66.13  ? 186 TRP A CE3 1 
ATOM 1262 C CZ2 . TRP A 1 186 ? 5.522   -2.252  12.445  1.00 58.44  ? 186 TRP A CZ2 1 
ATOM 1263 C CZ3 . TRP A 1 186 ? 5.192   -4.617  12.095  1.00 55.64  ? 186 TRP A CZ3 1 
ATOM 1264 C CH2 . TRP A 1 186 ? 4.833   -3.405  12.696  1.00 52.87  ? 186 TRP A CH2 1 
ATOM 1265 N N   . PHE A 1 187 ? 11.091  -6.212  8.296   1.00 60.57  ? 187 PHE A N   1 
ATOM 1266 C CA  . PHE A 1 187 ? 11.514  -7.278  7.396   1.00 63.60  ? 187 PHE A CA  1 
ATOM 1267 C C   . PHE A 1 187 ? 12.187  -8.418  8.148   1.00 59.20  ? 187 PHE A C   1 
ATOM 1268 O O   . PHE A 1 187 ? 12.064  -9.580  7.745   1.00 47.15  ? 187 PHE A O   1 
ATOM 1269 C CB  . PHE A 1 187 ? 12.448  -6.722  6.322   1.00 55.75  ? 187 PHE A CB  1 
ATOM 1270 C CG  . PHE A 1 187 ? 11.734  -6.242  5.095   1.00 49.29  ? 187 PHE A CG  1 
ATOM 1271 C CD1 . PHE A 1 187 ? 11.034  -7.130  4.295   1.00 56.25  ? 187 PHE A CD1 1 
ATOM 1272 C CD2 . PHE A 1 187 ? 11.756  -4.904  4.743   1.00 50.06  ? 187 PHE A CD2 1 
ATOM 1273 C CE1 . PHE A 1 187 ? 10.372  -6.692  3.166   1.00 54.93  ? 187 PHE A CE1 1 
ATOM 1274 C CE2 . PHE A 1 187 ? 11.097  -4.461  3.614   1.00 61.52  ? 187 PHE A CE2 1 
ATOM 1275 C CZ  . PHE A 1 187 ? 10.404  -5.356  2.826   1.00 58.81  ? 187 PHE A CZ  1 
ATOM 1276 N N   . LYS A 1 188 ? 12.903  -8.110  9.232   1.00 60.11  ? 188 LYS A N   1 
ATOM 1277 C CA  . LYS A 1 188 ? 13.455  -9.167  10.071  1.00 54.76  ? 188 LYS A CA  1 
ATOM 1278 C C   . LYS A 1 188 ? 12.343  -9.998  10.697  1.00 66.27  ? 188 LYS A C   1 
ATOM 1279 O O   . LYS A 1 188 ? 12.462  -11.223 10.819  1.00 68.39  ? 188 LYS A O   1 
ATOM 1280 C CB  . LYS A 1 188 ? 14.355  -8.565  11.151  1.00 58.04  ? 188 LYS A CB  1 
ATOM 1281 C CG  . LYS A 1 188 ? 14.873  -9.572  12.167  1.00 66.30  ? 188 LYS A CG  1 
ATOM 1282 C CD  . LYS A 1 188 ? 15.675  -8.897  13.271  1.00 65.83  ? 188 LYS A CD  1 
ATOM 1283 C CE  . LYS A 1 188 ? 16.556  -7.783  12.724  1.00 61.13  ? 188 LYS A CE  1 
ATOM 1284 N NZ  . LYS A 1 188 ? 17.015  -6.861  13.799  1.00 63.38  ? 188 LYS A NZ  1 
ATOM 1285 N N   . ALA A 1 189 ? 11.249  -9.345  11.096  1.00 71.89  ? 189 ALA A N   1 
ATOM 1286 C CA  . ALA A 1 189 ? 10.110  -10.061 11.655  1.00 65.34  ? 189 ALA A CA  1 
ATOM 1287 C C   . ALA A 1 189 ? 9.376   -10.896 10.611  1.00 62.50  ? 189 ALA A C   1 
ATOM 1288 O O   . ALA A 1 189 ? 8.636   -11.813 10.982  1.00 61.06  ? 189 ALA A O   1 
ATOM 1289 C CB  . ALA A 1 189 ? 9.144   -9.074  12.309  1.00 58.73  ? 189 ALA A CB  1 
ATOM 1290 N N   . GLY A 1 190 ? 9.561   -10.604 9.326   1.00 54.30  ? 190 GLY A N   1 
ATOM 1291 C CA  . GLY A 1 190 ? 8.979   -11.422 8.280   1.00 50.86  ? 190 GLY A CA  1 
ATOM 1292 C C   . GLY A 1 190 ? 7.755   -10.843 7.599   1.00 49.97  ? 190 GLY A C   1 
ATOM 1293 O O   . GLY A 1 190 ? 6.774   -11.559 7.375   1.00 45.36  ? 190 GLY A O   1 
ATOM 1294 N N   . VAL A 1 191 ? 7.791   -9.556  7.267   1.00 52.10  ? 191 VAL A N   1 
ATOM 1295 C CA  . VAL A 1 191 ? 6.711   -8.925  6.519   1.00 50.12  ? 191 VAL A CA  1 
ATOM 1296 C C   . VAL A 1 191 ? 7.046   -8.973  5.035   1.00 52.87  ? 191 VAL A C   1 
ATOM 1297 O O   . VAL A 1 191 ? 8.214   -8.916  4.634   1.00 58.59  ? 191 VAL A O   1 
ATOM 1298 C CB  . VAL A 1 191 ? 6.461   -7.479  7.000   1.00 45.73  ? 191 VAL A CB  1 
ATOM 1299 C CG1 . VAL A 1 191 ? 6.191   -7.458  8.497   1.00 43.51  ? 191 VAL A CG1 1 
ATOM 1300 C CG2 . VAL A 1 191 ? 7.634   -6.578  6.647   1.00 56.39  ? 191 VAL A CG2 1 
ATOM 1301 N N   . LEU A 1 192 ? 6.010   -9.103  4.204   1.00 49.24  ? 192 LEU A N   1 
ATOM 1302 C CA  . LEU A 1 192 ? 6.226   -9.212  2.765   1.00 50.14  ? 192 LEU A CA  1 
ATOM 1303 C C   . LEU A 1 192 ? 6.657   -7.878  2.164   1.00 54.59  ? 192 LEU A C   1 
ATOM 1304 O O   . LEU A 1 192 ? 7.602   -7.819  1.371   1.00 58.84  ? 192 LEU A O   1 
ATOM 1305 C CB  . LEU A 1 192 ? 4.962   -9.731  2.081   1.00 45.57  ? 192 LEU A CB  1 
ATOM 1306 C CG  . LEU A 1 192 ? 5.092   -10.000 0.581   1.00 58.87  ? 192 LEU A CG  1 
ATOM 1307 C CD1 . LEU A 1 192 ? 6.148   -11.060 0.324   1.00 62.99  ? 192 LEU A CD1 1 
ATOM 1308 C CD2 . LEU A 1 192 ? 3.759   -10.426 -0.003  1.00 57.13  ? 192 LEU A CD2 1 
ATOM 1309 N N   . ALA A 1 193 ? 5.977   -6.797  2.533   1.00 52.76  ? 193 ALA A N   1 
ATOM 1310 C CA  . ALA A 1 193 ? 6.281   -5.471  2.007   1.00 47.98  ? 193 ALA A CA  1 
ATOM 1311 C C   . ALA A 1 193 ? 5.902   -4.439  3.063   1.00 46.18  ? 193 ALA A C   1 
ATOM 1312 O O   . ALA A 1 193 ? 5.326   -4.772  4.102   1.00 63.54  ? 193 ALA A O   1 
ATOM 1313 C CB  . ALA A 1 193 ? 5.555   -5.236  0.677   1.00 47.84  ? 193 ALA A CB  1 
ATOM 1314 N N   . VAL A 1 194 ? 6.235   -3.177  2.798   1.00 22.72  ? 194 VAL A N   1 
ATOM 1315 C CA  . VAL A 1 194 ? 5.966   -2.085  3.725   1.00 31.39  ? 194 VAL A CA  1 
ATOM 1316 C C   . VAL A 1 194 ? 5.269   -0.958  2.975   1.00 38.89  ? 194 VAL A C   1 
ATOM 1317 O O   . VAL A 1 194 ? 5.420   -0.807  1.759   1.00 53.04  ? 194 VAL A O   1 
ATOM 1318 C CB  . VAL A 1 194 ? 7.256   -1.562  4.400   1.00 30.69  ? 194 VAL A CB  1 
ATOM 1319 C CG1 . VAL A 1 194 ? 6.926   -0.850  5.700   1.00 39.17  ? 194 VAL A CG1 1 
ATOM 1320 C CG2 . VAL A 1 194 ? 8.239   -2.693  4.649   1.00 27.16  ? 194 VAL A CG2 1 
ATOM 1321 N N   . GLY A 1 195 ? 4.497   -0.165  3.714   1.00 29.81  ? 195 GLY A N   1 
ATOM 1322 C CA  . GLY A 1 195 ? 3.851   1.007   3.159   1.00 19.22  ? 195 GLY A CA  1 
ATOM 1323 C C   . GLY A 1 195 ? 4.204   2.271   3.916   1.00 28.84  ? 195 GLY A C   1 
ATOM 1324 O O   . GLY A 1 195 ? 3.883   2.401   5.100   1.00 39.19  ? 195 GLY A O   1 
ATOM 1325 N N   . VAL A 1 196 ? 4.868   3.210   3.247   1.00 39.60  ? 196 VAL A N   1 
ATOM 1326 C CA  . VAL A 1 196 ? 5.312   4.458   3.856   1.00 45.69  ? 196 VAL A CA  1 
ATOM 1327 C C   . VAL A 1 196 ? 4.502   5.600   3.260   1.00 46.11  ? 196 VAL A C   1 
ATOM 1328 O O   . VAL A 1 196 ? 4.448   5.758   2.034   1.00 38.94  ? 196 VAL A O   1 
ATOM 1329 C CB  . VAL A 1 196 ? 6.819   4.685   3.645   1.00 45.50  ? 196 VAL A CB  1 
ATOM 1330 C CG1 . VAL A 1 196 ? 7.352   5.676   4.668   1.00 51.68  ? 196 VAL A CG1 1 
ATOM 1331 C CG2 . VAL A 1 196 ? 7.571   3.366   3.728   1.00 36.09  ? 196 VAL A CG2 1 
ATOM 1332 N N   . GLY A 1 197 ? 3.875   6.393   4.125   1.00 52.52  ? 197 GLY A N   1 
ATOM 1333 C CA  . GLY A 1 197 ? 3.053   7.496   3.671   1.00 53.34  ? 197 GLY A CA  1 
ATOM 1334 C C   . GLY A 1 197 ? 3.457   8.849   4.217   1.00 55.01  ? 197 GLY A C   1 
ATOM 1335 O O   . GLY A 1 197 ? 3.158   9.883   3.610   1.00 51.90  ? 197 GLY A O   1 
ATOM 1336 N N   . SER A 1 198 ? 4.137   8.859   5.360   1.00 58.48  ? 198 SER A N   1 
ATOM 1337 C CA  . SER A 1 198 ? 4.551   10.096  6.010   1.00 58.45  ? 198 SER A CA  1 
ATOM 1338 C C   . SER A 1 198 ? 6.004   10.446  5.736   1.00 56.72  ? 198 SER A C   1 
ATOM 1339 O O   . SER A 1 198 ? 6.298   11.558  5.287   1.00 51.69  ? 198 SER A O   1 
ATOM 1340 C CB  . SER A 1 198 ? 4.316   9.995   7.525   1.00 59.85  ? 198 SER A CB  1 
ATOM 1341 O OG  . SER A 1 198 ? 4.221   11.282  8.112   1.00 62.58  ? 198 SER A OG  1 
ATOM 1342 N N   . ALA A 1 199 ? 6.929   9.520   5.994   1.00 59.34  ? 199 ALA A N   1 
ATOM 1343 C CA  . ALA A 1 199 ? 8.338   9.792   5.729   1.00 58.50  ? 199 ALA A CA  1 
ATOM 1344 C C   . ALA A 1 199 ? 8.619   9.913   4.237   1.00 57.91  ? 199 ALA A C   1 
ATOM 1345 O O   . ALA A 1 199 ? 9.439   10.741  3.828   1.00 61.36  ? 199 ALA A O   1 
ATOM 1346 C CB  . ALA A 1 199 ? 9.211   8.701   6.349   1.00 53.73  ? 199 ALA A CB  1 
ATOM 1347 N N   . LEU A 1 200 ? 7.952   9.101   3.415   1.00 46.90  ? 200 LEU A N   1 
ATOM 1348 C CA  . LEU A 1 200 ? 8.237   9.082   1.985   1.00 45.06  ? 200 LEU A CA  1 
ATOM 1349 C C   . LEU A 1 200 ? 7.646   10.288  1.262   1.00 54.86  ? 200 LEU A C   1 
ATOM 1350 O O   . LEU A 1 200 ? 8.251   10.801  0.315   1.00 57.78  ? 200 LEU A O   1 
ATOM 1351 C CB  . LEU A 1 200 ? 7.703   7.790   1.365   1.00 43.67  ? 200 LEU A CB  1 
ATOM 1352 C CG  . LEU A 1 200 ? 8.596   7.093   0.339   1.00 46.03  ? 200 LEU A CG  1 
ATOM 1353 C CD1 . LEU A 1 200 ? 9.915   6.689   0.971   1.00 51.00  ? 200 LEU A CD1 1 
ATOM 1354 C CD2 . LEU A 1 200 ? 7.889   5.885   -0.258  1.00 52.99  ? 200 LEU A CD2 1 
ATOM 1355 N N   . VAL A 1 201 ? 6.474   10.754  1.691   1.00 55.43  ? 201 VAL A N   1 
ATOM 1356 C CA  . VAL A 1 201 ? 5.673   11.665  0.880   1.00 47.65  ? 201 VAL A CA  1 
ATOM 1357 C C   . VAL A 1 201 ? 5.539   13.019  1.573   1.00 48.24  ? 201 VAL A C   1 
ATOM 1358 O O   . VAL A 1 201 ? 4.512   13.696  1.452   1.00 47.28  ? 201 VAL A O   1 
ATOM 1359 C CB  . VAL A 1 201 ? 4.294   11.043  0.583   1.00 46.99  ? 201 VAL A CB  1 
ATOM 1360 C CG1 . VAL A 1 201 ? 3.638   11.704  -0.621  1.00 49.85  ? 201 VAL A CG1 1 
ATOM 1361 C CG2 . VAL A 1 201 ? 4.433   9.545   0.356   1.00 53.25  ? 201 VAL A CG2 1 
ATOM 1362 N N   . LYS A 1 202 ? 6.570   13.423  2.310   1.00 51.17  ? 202 LYS A N   1 
ATOM 1363 C CA  . LYS A 1 202 ? 6.599   14.727  2.959   1.00 50.35  ? 202 LYS A CA  1 
ATOM 1364 C C   . LYS A 1 202 ? 7.828   15.496  2.498   1.00 57.27  ? 202 LYS A C   1 
ATOM 1365 O O   . LYS A 1 202 ? 8.948   14.977  2.554   1.00 61.87  ? 202 LYS A O   1 
ATOM 1366 C CB  . LYS A 1 202 ? 6.602   14.591  4.483   1.00 53.23  ? 202 LYS A CB  1 
ATOM 1367 C CG  . LYS A 1 202 ? 5.905   15.732  5.205   1.00 56.29  ? 202 LYS A CG  1 
ATOM 1368 C CD  . LYS A 1 202 ? 6.235   15.735  6.688   1.00 59.72  ? 202 LYS A CD  1 
ATOM 1369 C CE  . LYS A 1 202 ? 7.631   16.281  6.941   1.00 63.26  ? 202 LYS A CE  1 
ATOM 1370 N NZ  . LYS A 1 202 ? 7.626   17.762  7.097   1.00 62.88  ? 202 LYS A NZ  1 
ATOM 1371 N N   . GLY A 1 203 ? 7.617   16.723  2.043   1.00 53.31  ? 203 GLY A N   1 
ATOM 1372 C CA  . GLY A 1 203 ? 8.693   17.600  1.626   1.00 47.62  ? 203 GLY A CA  1 
ATOM 1373 C C   . GLY A 1 203 ? 8.635   17.910  0.143   1.00 46.54  ? 203 GLY A C   1 
ATOM 1374 O O   . GLY A 1 203 ? 7.671   17.597  -0.554  1.00 45.36  ? 203 GLY A O   1 
ATOM 1375 N N   . THR A 1 204 ? 9.705   18.544  -0.327  1.00 53.24  ? 204 THR A N   1 
ATOM 1376 C CA  . THR A 1 204 ? 9.814   18.898  -1.732  1.00 58.17  ? 204 THR A CA  1 
ATOM 1377 C C   . THR A 1 204 ? 9.979   17.640  -2.584  1.00 62.34  ? 204 THR A C   1 
ATOM 1378 O O   . THR A 1 204 ? 10.434  16.604  -2.092  1.00 65.40  ? 204 THR A O   1 
ATOM 1379 C CB  . THR A 1 204 ? 10.997  19.837  -1.955  1.00 59.15  ? 204 THR A CB  1 
ATOM 1380 O OG1 . THR A 1 204 ? 12.125  19.375  -1.201  1.00 60.82  ? 204 THR A OG1 1 
ATOM 1381 C CG2 . THR A 1 204 ? 10.645  21.250  -1.515  1.00 59.70  ? 204 THR A CG2 1 
ATOM 1382 N N   . PRO A 1 205 ? 9.599   17.700  -3.866  1.00 53.68  ? 205 PRO A N   1 
ATOM 1383 C CA  . PRO A 1 205 ? 9.749   16.514  -4.727  1.00 50.65  ? 205 PRO A CA  1 
ATOM 1384 C C   . PRO A 1 205 ? 11.170  15.983  -4.795  1.00 51.83  ? 205 PRO A C   1 
ATOM 1385 O O   . PRO A 1 205 ? 11.359  14.762  -4.852  1.00 64.76  ? 205 PRO A O   1 
ATOM 1386 C CB  . PRO A 1 205 ? 9.265   17.016  -6.094  1.00 48.17  ? 205 PRO A CB  1 
ATOM 1387 C CG  . PRO A 1 205 ? 8.314   18.112  -5.769  1.00 52.26  ? 205 PRO A CG  1 
ATOM 1388 C CD  . PRO A 1 205 ? 8.867   18.785  -4.544  1.00 53.88  ? 205 PRO A CD  1 
ATOM 1389 N N   . VAL A 1 206 ? 12.178  16.857  -4.793  1.00 45.43  ? 206 VAL A N   1 
ATOM 1390 C CA  . VAL A 1 206 ? 13.561  16.386  -4.767  1.00 51.73  ? 206 VAL A CA  1 
ATOM 1391 C C   . VAL A 1 206 ? 13.847  15.653  -3.462  1.00 62.00  ? 206 VAL A C   1 
ATOM 1392 O O   . VAL A 1 206 ? 14.453  14.573  -3.456  1.00 66.50  ? 206 VAL A O   1 
ATOM 1393 C CB  . VAL A 1 206 ? 14.532  17.562  -4.982  1.00 55.08  ? 206 VAL A CB  1 
ATOM 1394 C CG1 . VAL A 1 206 ? 15.970  17.066  -5.002  1.00 56.85  ? 206 VAL A CG1 1 
ATOM 1395 C CG2 . VAL A 1 206 ? 14.196  18.297  -6.270  1.00 59.79  ? 206 VAL A CG2 1 
ATOM 1396 N N   . GLU A 1 207 ? 13.409  16.226  -2.338  1.00 58.85  ? 207 GLU A N   1 
ATOM 1397 C CA  . GLU A 1 207 ? 13.572  15.559  -1.050  1.00 53.08  ? 207 GLU A CA  1 
ATOM 1398 C C   . GLU A 1 207 ? 12.790  14.253  -1.005  1.00 55.18  ? 207 GLU A C   1 
ATOM 1399 O O   . GLU A 1 207 ? 13.259  13.262  -0.436  1.00 61.53  ? 207 GLU A O   1 
ATOM 1400 C CB  . GLU A 1 207 ? 13.130  16.487  0.080   1.00 52.86  ? 207 GLU A CB  1 
ATOM 1401 C CG  . GLU A 1 207 ? 14.135  16.614  1.212   1.00 54.95  ? 207 GLU A CG  1 
ATOM 1402 C CD  . GLU A 1 207 ? 13.654  17.536  2.314   1.00 61.76  ? 207 GLU A CD  1 
ATOM 1403 O OE1 . GLU A 1 207 ? 12.435  17.554  2.586   1.00 62.43  ? 207 GLU A OE1 1 
ATOM 1404 O OE2 . GLU A 1 207 ? 14.495  18.244  2.908   1.00 63.83  ? 207 GLU A OE2 1 
ATOM 1405 N N   . VAL A 1 208 ? 11.593  14.238  -1.595  1.00 49.91  ? 208 VAL A N   1 
ATOM 1406 C CA  . VAL A 1 208 ? 10.791  13.018  -1.629  1.00 48.46  ? 208 VAL A CA  1 
ATOM 1407 C C   . VAL A 1 208 ? 11.510  11.925  -2.409  1.00 49.45  ? 208 VAL A C   1 
ATOM 1408 O O   . VAL A 1 208 ? 11.567  10.767  -1.975  1.00 59.93  ? 208 VAL A O   1 
ATOM 1409 C CB  . VAL A 1 208 ? 9.400   13.319  -2.219  1.00 46.12  ? 208 VAL A CB  1 
ATOM 1410 C CG1 . VAL A 1 208 ? 8.711   12.041  -2.642  1.00 44.90  ? 208 VAL A CG1 1 
ATOM 1411 C CG2 . VAL A 1 208 ? 8.549   14.074  -1.208  1.00 54.31  ? 208 VAL A CG2 1 
ATOM 1412 N N   . ALA A 1 209 ? 12.076  12.274  -3.567  1.00 47.58  ? 209 ALA A N   1 
ATOM 1413 C CA  . ALA A 1 209 ? 12.813  11.294  -4.360  1.00 49.59  ? 209 ALA A CA  1 
ATOM 1414 C C   . ALA A 1 209 ? 14.050  10.801  -3.621  1.00 53.08  ? 209 ALA A C   1 
ATOM 1415 O O   . ALA A 1 209 ? 14.362  9.603   -3.645  1.00 62.41  ? 209 ALA A O   1 
ATOM 1416 C CB  . ALA A 1 209 ? 13.198  11.895  -5.711  1.00 50.67  ? 209 ALA A CB  1 
ATOM 1417 N N   . GLU A 1 210 ? 14.771  11.710  -2.959  1.00 54.26  ? 210 GLU A N   1 
ATOM 1418 C CA  . GLU A 1 210 ? 15.955  11.307  -2.207  1.00 57.86  ? 210 GLU A CA  1 
ATOM 1419 C C   . GLU A 1 210 ? 15.589  10.364  -1.067  1.00 59.33  ? 210 GLU A C   1 
ATOM 1420 O O   . GLU A 1 210 ? 16.283  9.368   -0.829  1.00 64.54  ? 210 GLU A O   1 
ATOM 1421 C CB  . GLU A 1 210 ? 16.686  12.542  -1.680  1.00 60.56  ? 210 GLU A CB  1 
ATOM 1422 C CG  . GLU A 1 210 ? 17.266  12.392  -0.279  1.00 64.42  ? 210 GLU A CG  1 
ATOM 1423 C CD  . GLU A 1 210 ? 18.565  11.607  -0.257  1.00 69.25  ? 210 GLU A CD  1 
ATOM 1424 O OE1 . GLU A 1 210 ? 19.028  11.181  -1.336  1.00 69.86  ? 210 GLU A OE1 1 
ATOM 1425 O OE2 . GLU A 1 210 ? 19.122  11.413  0.843   1.00 66.90  ? 210 GLU A OE2 1 
ATOM 1426 N N   . LYS A 1 211 ? 14.494  10.651  -0.359  1.00 47.92  ? 211 LYS A N   1 
ATOM 1427 C CA  . LYS A 1 211 ? 14.070  9.779   0.730   1.00 50.51  ? 211 LYS A CA  1 
ATOM 1428 C C   . LYS A 1 211 ? 13.575  8.434   0.216   1.00 55.73  ? 211 LYS A C   1 
ATOM 1429 O O   . LYS A 1 211 ? 13.796  7.407   0.867   1.00 58.75  ? 211 LYS A O   1 
ATOM 1430 C CB  . LYS A 1 211 ? 12.994  10.471  1.566   1.00 50.55  ? 211 LYS A CB  1 
ATOM 1431 C CG  . LYS A 1 211 ? 13.543  11.174  2.798   1.00 52.68  ? 211 LYS A CG  1 
ATOM 1432 C CD  . LYS A 1 211 ? 12.458  11.926  3.550   1.00 54.85  ? 211 LYS A CD  1 
ATOM 1433 C CE  . LYS A 1 211 ? 11.625  12.782  2.612   1.00 56.96  ? 211 LYS A CE  1 
ATOM 1434 N NZ  . LYS A 1 211 ? 10.597  13.563  3.352   1.00 56.82  ? 211 LYS A NZ  1 
ATOM 1435 N N   . ALA A 1 212 ? 12.911  8.414   -0.943  1.00 50.72  ? 212 ALA A N   1 
ATOM 1436 C CA  . ALA A 1 212 ? 12.516  7.142   -1.542  1.00 44.82  ? 212 ALA A CA  1 
ATOM 1437 C C   . ALA A 1 212 ? 13.736  6.308   -1.912  1.00 51.02  ? 212 ALA A C   1 
ATOM 1438 O O   . ALA A 1 212 ? 13.764  5.092   -1.680  1.00 64.12  ? 212 ALA A O   1 
ATOM 1439 C CB  . ALA A 1 212 ? 11.639  7.389   -2.768  1.00 43.04  ? 212 ALA A CB  1 
ATOM 1440 N N   . LYS A 1 213 ? 14.758  6.948   -2.486  1.00 53.24  ? 213 LYS A N   1 
ATOM 1441 C CA  . LYS A 1 213 ? 15.990  6.236   -2.810  1.00 59.10  ? 213 LYS A CA  1 
ATOM 1442 C C   . LYS A 1 213 ? 16.667  5.711   -1.550  1.00 64.05  ? 213 LYS A C   1 
ATOM 1443 O O   . LYS A 1 213 ? 17.177  4.584   -1.533  1.00 66.38  ? 213 LYS A O   1 
ATOM 1444 C CB  . LYS A 1 213 ? 16.932  7.154   -3.591  1.00 57.55  ? 213 LYS A CB  1 
ATOM 1445 C CG  . LYS A 1 213 ? 18.360  6.647   -3.699  1.00 59.21  ? 213 LYS A CG  1 
ATOM 1446 C CD  . LYS A 1 213 ? 19.253  7.669   -4.382  1.00 67.92  ? 213 LYS A CD  1 
ATOM 1447 C CE  . LYS A 1 213 ? 20.709  7.235   -4.360  1.00 69.43  ? 213 LYS A CE  1 
ATOM 1448 N NZ  . LYS A 1 213 ? 21.262  7.221   -2.978  1.00 67.99  ? 213 LYS A NZ  1 
ATOM 1449 N N   . ALA A 1 214 ? 16.679  6.516   -0.485  1.00 58.55  ? 214 ALA A N   1 
ATOM 1450 C CA  . ALA A 1 214 ? 17.263  6.070   0.776   1.00 50.06  ? 214 ALA A CA  1 
ATOM 1451 C C   . ALA A 1 214 ? 16.508  4.875   1.345   1.00 53.44  ? 214 ALA A C   1 
ATOM 1452 O O   . ALA A 1 214 ? 17.121  3.922   1.836   1.00 63.43  ? 214 ALA A O   1 
ATOM 1453 C CB  . ALA A 1 214 ? 17.284  7.221   1.781   1.00 53.64  ? 214 ALA A CB  1 
ATOM 1454 N N   . PHE A 1 215 ? 15.173  4.911   1.291   1.00 55.42  ? 215 PHE A N   1 
ATOM 1455 C CA  . PHE A 1 215 ? 14.375  3.782   1.759   1.00 57.18  ? 215 PHE A CA  1 
ATOM 1456 C C   . PHE A 1 215 ? 14.670  2.525   0.950   1.00 57.07  ? 215 PHE A C   1 
ATOM 1457 O O   . PHE A 1 215 ? 14.821  1.433   1.514   1.00 63.43  ? 215 PHE A O   1 
ATOM 1458 C CB  . PHE A 1 215 ? 12.887  4.122   1.681   1.00 52.61  ? 215 PHE A CB  1 
ATOM 1459 C CG  . PHE A 1 215 ? 12.233  4.313   3.020   1.00 52.18  ? 215 PHE A CG  1 
ATOM 1460 C CD1 . PHE A 1 215 ? 11.754  3.227   3.732   1.00 53.62  ? 215 PHE A CD1 1 
ATOM 1461 C CD2 . PHE A 1 215 ? 12.081  5.580   3.557   1.00 58.57  ? 215 PHE A CD2 1 
ATOM 1462 C CE1 . PHE A 1 215 ? 11.146  3.398   4.961   1.00 55.09  ? 215 PHE A CE1 1 
ATOM 1463 C CE2 . PHE A 1 215 ? 11.471  5.759   4.786   1.00 60.58  ? 215 PHE A CE2 1 
ATOM 1464 C CZ  . PHE A 1 215 ? 11.006  4.666   5.488   1.00 54.43  ? 215 PHE A CZ  1 
ATOM 1465 N N   . VAL A 1 216 ? 14.749  2.661   -0.376  1.00 49.63  ? 216 VAL A N   1 
ATOM 1466 C CA  . VAL A 1 216 ? 15.018  1.506   -1.227  1.00 52.47  ? 216 VAL A CA  1 
ATOM 1467 C C   . VAL A 1 216 ? 16.389  0.919   -0.914  1.00 57.96  ? 216 VAL A C   1 
ATOM 1468 O O   . VAL A 1 216 ? 16.544  -0.302  -0.788  1.00 59.67  ? 216 VAL A O   1 
ATOM 1469 C CB  . VAL A 1 216 ? 14.890  1.896   -2.712  1.00 48.30  ? 216 VAL A CB  1 
ATOM 1470 C CG1 . VAL A 1 216 ? 15.577  0.868   -3.598  1.00 55.12  ? 216 VAL A CG1 1 
ATOM 1471 C CG2 . VAL A 1 216 ? 13.426  2.041   -3.096  1.00 45.98  ? 216 VAL A CG2 1 
ATOM 1472 N N   . GLU A 1 217 ? 17.401  1.779   -0.772  1.00 62.84  ? 217 GLU A N   1 
ATOM 1473 C CA  . GLU A 1 217 ? 18.743  1.297   -0.455  1.00 63.43  ? 217 GLU A CA  1 
ATOM 1474 C C   . GLU A 1 217 ? 18.786  0.630   0.914   1.00 65.45  ? 217 GLU A C   1 
ATOM 1475 O O   . GLU A 1 217 ? 19.432  -0.411  1.085   1.00 67.36  ? 217 GLU A O   1 
ATOM 1476 C CB  . GLU A 1 217 ? 19.744  2.449   -0.525  1.00 63.34  ? 217 GLU A CB  1 
ATOM 1477 C CG  . GLU A 1 217 ? 20.325  2.682   -1.910  1.00 67.64  ? 217 GLU A CG  1 
ATOM 1478 C CD  . GLU A 1 217 ? 21.266  3.869   -1.958  1.00 71.05  ? 217 GLU A CD  1 
ATOM 1479 O OE1 . GLU A 1 217 ? 21.681  4.344   -0.879  1.00 73.72  ? 217 GLU A OE1 1 
ATOM 1480 O OE2 . GLU A 1 217 ? 21.592  4.326   -3.073  1.00 60.10  ? 217 GLU A OE2 1 
ATOM 1481 N N   . LYS A 1 218 ? 18.106  1.214   1.904   1.00 57.22  ? 218 LYS A N   1 
ATOM 1482 C CA  . LYS A 1 218 ? 18.098  0.636   3.243   1.00 56.06  ? 218 LYS A CA  1 
ATOM 1483 C C   . LYS A 1 218 ? 17.428  -0.731  3.252   1.00 59.64  ? 218 LYS A C   1 
ATOM 1484 O O   . LYS A 1 218 ? 17.899  -1.656  3.925   1.00 54.53  ? 218 LYS A O   1 
ATOM 1485 C CB  . LYS A 1 218 ? 17.400  1.585   4.218   1.00 51.61  ? 218 LYS A CB  1 
ATOM 1486 C CG  . LYS A 1 218 ? 17.458  1.138   5.669   1.00 56.77  ? 218 LYS A CG  1 
ATOM 1487 C CD  . LYS A 1 218 ? 18.771  1.541   6.319   1.00 52.19  ? 218 LYS A CD  1 
ATOM 1488 C CE  . LYS A 1 218 ? 18.700  1.402   7.831   1.00 58.11  ? 218 LYS A CE  1 
ATOM 1489 N NZ  . LYS A 1 218 ? 18.180  0.068   8.244   1.00 59.85  ? 218 LYS A NZ  1 
ATOM 1490 N N   . ILE A 1 219 ? 16.324  -0.878  2.516   1.00 58.62  ? 219 ILE A N   1 
ATOM 1491 C CA  . ILE A 1 219 ? 15.650  -2.172  2.461   1.00 52.89  ? 219 ILE A CA  1 
ATOM 1492 C C   . ILE A 1 219 ? 16.497  -3.190  1.706   1.00 65.56  ? 219 ILE A C   1 
ATOM 1493 O O   . ILE A 1 219 ? 16.567  -4.363  2.093   1.00 68.76  ? 219 ILE A O   1 
ATOM 1494 C CB  . ILE A 1 219 ? 14.246  -2.018  1.849   1.00 51.73  ? 219 ILE A CB  1 
ATOM 1495 C CG1 . ILE A 1 219 ? 13.316  -1.354  2.862   1.00 57.82  ? 219 ILE A CG1 1 
ATOM 1496 C CG2 . ILE A 1 219 ? 13.691  -3.364  1.407   1.00 54.35  ? 219 ILE A CG2 1 
ATOM 1497 C CD1 . ILE A 1 219 ? 11.911  -1.178  2.374   1.00 57.21  ? 219 ILE A CD1 1 
ATOM 1498 N N   . ARG A 1 220 ? 17.161  -2.764  0.628   1.00 81.96  ? 220 ARG A N   1 
ATOM 1499 C CA  . ARG A 1 220 ? 18.056  -3.669  -0.083  1.00 80.92  ? 220 ARG A CA  1 
ATOM 1500 C C   . ARG A 1 220 ? 19.225  -4.102  0.793   1.00 82.25  ? 220 ARG A C   1 
ATOM 1501 O O   . ARG A 1 220 ? 19.739  -5.215  0.636   1.00 77.32  ? 220 ARG A O   1 
ATOM 1502 C CB  . ARG A 1 220 ? 18.566  -3.006  -1.363  1.00 77.42  ? 220 ARG A CB  1 
ATOM 1503 C CG  . ARG A 1 220 ? 17.557  -2.995  -2.498  1.00 78.04  ? 220 ARG A CG  1 
ATOM 1504 C CD  . ARG A 1 220 ? 18.214  -3.310  -3.834  1.00 81.46  ? 220 ARG A CD  1 
ATOM 1505 N NE  . ARG A 1 220 ? 19.098  -2.237  -4.275  1.00 87.46  ? 220 ARG A NE  1 
ATOM 1506 C CZ  . ARG A 1 220 ? 20.420  -2.262  -4.169  1.00 86.67  ? 220 ARG A CZ  1 
ATOM 1507 N NH1 . ARG A 1 220 ? 21.053  -3.298  -3.641  1.00 83.65  ? 220 ARG A NH1 1 
ATOM 1508 N NH2 . ARG A 1 220 ? 21.126  -1.222  -4.604  1.00 82.73  ? 220 ARG A NH2 1 
ATOM 1509 N N   . GLY A 1 221 ? 19.658  -3.239  1.714   1.00 90.47  ? 221 GLY A N   1 
ATOM 1510 C CA  . GLY A 1 221 ? 20.746  -3.609  2.605   1.00 87.67  ? 221 GLY A CA  1 
ATOM 1511 C C   . GLY A 1 221 ? 20.376  -4.728  3.560   1.00 86.89  ? 221 GLY A C   1 
ATOM 1512 O O   . GLY A 1 221 ? 21.165  -5.648  3.787   1.00 87.77  ? 221 GLY A O   1 
ATOM 1513 N N   . CYS A 1 222 ? 19.177  -4.665  4.133   1.00 90.05  ? 222 CYS A N   1 
ATOM 1514 C CA  . CYS A 1 222 ? 18.733  -5.678  5.087   1.00 95.16  ? 222 CYS A CA  1 
ATOM 1515 C C   . CYS A 1 222 ? 17.605  -6.527  4.509   1.00 94.99  ? 222 CYS A C   1 
ATOM 1516 O O   . CYS A 1 222 ? 16.765  -7.051  5.241   1.00 94.05  ? 222 CYS A O   1 
ATOM 1517 C CB  . CYS A 1 222 ? 18.283  -5.025  6.397   1.00 95.52  ? 222 CYS A CB  1 
ATOM 1518 S SG  . CYS A 1 222 ? 16.825  -3.962  6.263   1.00 105.49 ? 222 CYS A SG  1 
# 
